data_8FZY
#
_entry.id   8FZY
#
_cell.length_a   86.472
_cell.length_b   149.934
_cell.length_c   176.511
_cell.angle_alpha   90.00
_cell.angle_beta   90.00
_cell.angle_gamma   90.00
#
_symmetry.space_group_name_H-M   'P 21 21 21'
#
loop_
_entity.id
_entity.type
_entity.pdbx_description
1 polymer 'Ntox15 domain-containing protein'
2 non-polymer 'SULFATE ION'
3 non-polymer 1,2-ETHANEDIOL
4 water water
#
_entity_poly.entity_id   1
_entity_poly.type   'polypeptide(L)'
_entity_poly.pdbx_seq_one_letter_code
;MHHHHHHGSNKKSLSVIFVKPPFQLKKKFQKDPFYEIEMRKQLQMQQDGINNMTIFEWLKNRENFKKYGRNPKSKKIQED
FRDRYRNAKIDEYLLLYEDMDIKAIEAMVDSELEGLAALANPAQIAGGYVDVVTQMGNKRINSSIGSQWGSIEKGRSLNI
ENELLKLITDPPPITEEEQKKIKMNVNLVENLEIVK
;
_entity_poly.pdbx_strand_id   A,B,C,D,E,F,G,H
#
loop_
_chem_comp.id
_chem_comp.type
_chem_comp.name
_chem_comp.formula
EDO non-polymer 1,2-ETHANEDIOL 'C2 H6 O2'
SO4 non-polymer 'SULFATE ION' 'O4 S -2'
#
# COMPACT_ATOMS: atom_id res chain seq x y z
N SER A 13 11.60 -43.14 8.75
CA SER A 13 11.34 -42.19 9.83
C SER A 13 12.28 -42.43 11.01
N LEU A 14 11.96 -41.82 12.16
CA LEU A 14 12.89 -41.72 13.27
C LEU A 14 12.16 -41.58 14.60
N SER A 15 12.81 -42.00 15.68
CA SER A 15 12.21 -41.90 17.01
C SER A 15 12.21 -40.46 17.49
N VAL A 16 11.12 -40.06 18.14
CA VAL A 16 11.00 -38.67 18.59
C VAL A 16 12.06 -38.37 19.64
N ILE A 17 12.69 -37.21 19.51
CA ILE A 17 13.62 -36.68 20.49
C ILE A 17 12.88 -35.60 21.30
N PHE A 18 12.67 -35.84 22.59
CA PHE A 18 12.11 -34.82 23.47
C PHE A 18 13.25 -34.02 24.08
N VAL A 19 13.02 -32.72 24.23
CA VAL A 19 14.08 -31.81 24.62
C VAL A 19 14.30 -31.90 26.12
N LYS A 20 15.58 -31.96 26.51
CA LYS A 20 15.96 -32.25 27.87
C LYS A 20 17.00 -31.20 28.30
N PRO A 21 16.77 -30.47 29.38
CA PRO A 21 15.52 -30.54 30.16
C PRO A 21 14.42 -29.82 29.41
N PRO A 22 13.18 -29.91 29.87
CA PRO A 22 12.09 -29.25 29.17
C PRO A 22 12.24 -27.74 29.25
N PHE A 23 11.66 -27.05 28.26
CA PHE A 23 11.60 -25.60 28.33
C PHE A 23 10.71 -25.17 29.50
N GLN A 24 11.01 -24.01 30.06
CA GLN A 24 10.39 -23.50 31.27
C GLN A 24 9.67 -22.19 31.00
N LEU A 25 8.44 -22.07 31.50
CA LEU A 25 7.76 -20.77 31.57
C LEU A 25 8.14 -20.13 32.90
N LYS A 26 9.11 -19.22 32.86
CA LYS A 26 9.66 -18.65 34.08
C LYS A 26 8.60 -17.88 34.86
N LYS A 27 9.00 -17.44 36.05
CA LYS A 27 8.05 -16.90 37.03
C LYS A 27 7.28 -15.70 36.47
N LYS A 28 8.01 -14.76 35.85
CA LYS A 28 7.44 -13.48 35.45
C LYS A 28 6.46 -13.57 34.28
N PHE A 29 6.38 -14.72 33.60
CA PHE A 29 5.45 -14.90 32.50
C PHE A 29 4.18 -15.64 32.92
N GLN A 30 4.01 -15.87 34.22
CA GLN A 30 2.84 -16.60 34.69
C GLN A 30 1.66 -15.69 35.01
N LYS A 31 1.92 -14.45 35.41
CA LYS A 31 0.88 -13.45 35.57
C LYS A 31 -0.06 -13.40 34.38
N ASP A 32 0.44 -12.97 33.22
CA ASP A 32 -0.40 -12.70 32.06
C ASP A 32 -0.57 -13.98 31.25
N PRO A 33 -1.81 -14.44 31.00
CA PRO A 33 -1.98 -15.70 30.25
C PRO A 33 -1.53 -15.64 28.81
N PHE A 34 -1.36 -14.44 28.24
CA PHE A 34 -0.89 -14.34 26.87
C PHE A 34 0.50 -14.97 26.69
N TYR A 35 1.35 -14.89 27.73
CA TYR A 35 2.70 -15.39 27.59
C TYR A 35 2.73 -16.92 27.44
N GLU A 36 1.89 -17.64 28.19
CA GLU A 36 1.85 -19.08 28.01
C GLU A 36 1.47 -19.42 26.57
N ILE A 37 0.39 -18.81 26.07
CA ILE A 37 -0.03 -19.07 24.70
C ILE A 37 1.13 -18.85 23.74
N GLU A 38 1.81 -17.70 23.90
CA GLU A 38 2.90 -17.33 23.00
C GLU A 38 4.07 -18.31 23.08
N MET A 39 4.43 -18.72 24.30
CA MET A 39 5.52 -19.69 24.45
C MET A 39 5.25 -20.99 23.69
N ARG A 40 4.01 -21.49 23.75
CA ARG A 40 3.68 -22.65 22.95
C ARG A 40 3.77 -22.33 21.47
N LYS A 41 3.13 -21.24 21.05
CA LYS A 41 3.22 -20.80 19.66
C LYS A 41 4.69 -20.78 19.20
N GLN A 42 5.56 -20.19 20.01
CA GLN A 42 6.93 -19.98 19.58
C GLN A 42 7.74 -21.27 19.60
N LEU A 43 7.60 -22.06 20.66
CA LEU A 43 8.26 -23.35 20.68
C LEU A 43 7.81 -24.20 19.50
N GLN A 44 6.51 -24.18 19.19
CA GLN A 44 6.01 -24.88 18.02
C GLN A 44 6.79 -24.49 16.76
N MET A 45 6.74 -23.21 16.39
CA MET A 45 7.42 -22.72 15.20
C MET A 45 8.89 -23.11 15.15
N GLN A 46 9.59 -23.05 16.29
CA GLN A 46 10.97 -23.53 16.33
C GLN A 46 11.03 -25.03 16.15
N GLN A 47 10.08 -25.76 16.72
CA GLN A 47 10.00 -27.20 16.49
C GLN A 47 9.82 -27.49 15.01
N ASP A 48 8.75 -26.92 14.41
CA ASP A 48 8.50 -27.12 12.99
C ASP A 48 9.72 -26.74 12.15
N GLY A 49 10.46 -25.73 12.59
CA GLY A 49 11.66 -25.34 11.86
C GLY A 49 12.73 -26.41 11.84
N ILE A 50 12.85 -27.17 12.92
CA ILE A 50 13.83 -28.25 12.93
C ILE A 50 13.33 -29.44 12.12
N ASN A 51 12.10 -29.88 12.38
CA ASN A 51 11.53 -31.01 11.68
C ASN A 51 11.42 -30.82 10.18
N ASN A 52 11.63 -29.60 9.67
CA ASN A 52 11.67 -29.40 8.23
C ASN A 52 13.02 -29.75 7.63
N MET A 53 14.06 -29.83 8.44
CA MET A 53 15.40 -30.10 7.95
C MET A 53 15.70 -31.59 7.99
N THR A 54 16.70 -31.99 7.21
CA THR A 54 17.15 -33.37 7.23
C THR A 54 18.19 -33.54 8.33
N ILE A 55 18.37 -34.80 8.75
CA ILE A 55 19.36 -35.09 9.78
C ILE A 55 20.72 -34.55 9.37
N PHE A 56 21.11 -34.76 8.11
CA PHE A 56 22.42 -34.29 7.68
C PHE A 56 22.48 -32.77 7.68
N GLU A 57 21.43 -32.13 7.20
CA GLU A 57 21.34 -30.67 7.18
C GLU A 57 21.53 -30.09 8.59
N TRP A 58 20.62 -30.44 9.50
CA TRP A 58 20.69 -29.93 10.87
C TRP A 58 22.08 -30.14 11.45
N LEU A 59 22.64 -31.33 11.29
CA LEU A 59 23.94 -31.62 11.89
C LEU A 59 25.05 -30.76 11.29
N LYS A 60 24.92 -30.40 10.01
CA LYS A 60 25.90 -29.49 9.41
C LYS A 60 25.77 -28.10 10.00
N ASN A 61 24.55 -27.54 10.01
CA ASN A 61 24.37 -26.21 10.56
C ASN A 61 24.95 -26.12 11.97
N ARG A 62 24.72 -27.14 12.78
CA ARG A 62 25.28 -27.15 14.13
C ARG A 62 26.79 -27.29 14.07
N GLU A 63 27.29 -28.10 13.16
CA GLU A 63 28.73 -28.17 12.92
C GLU A 63 29.30 -26.79 12.61
N ASN A 64 28.66 -26.07 11.69
CA ASN A 64 29.18 -24.77 11.26
C ASN A 64 29.05 -23.73 12.36
N PHE A 65 27.87 -23.65 13.00
CA PHE A 65 27.69 -22.66 14.06
C PHE A 65 28.74 -22.84 15.15
N LYS A 66 29.10 -24.09 15.44
CA LYS A 66 30.10 -24.37 16.46
C LYS A 66 31.50 -24.00 15.97
N LYS A 67 31.79 -24.22 14.69
CA LYS A 67 33.14 -24.01 14.16
C LYS A 67 33.39 -22.55 13.75
N TYR A 68 32.38 -21.83 13.28
CA TYR A 68 32.58 -20.48 12.75
C TYR A 68 31.76 -19.41 13.44
N GLY A 69 30.73 -19.78 14.19
CA GLY A 69 29.99 -18.82 14.97
C GLY A 69 28.74 -18.32 14.26
N ARG A 70 28.11 -17.35 14.90
CA ARG A 70 26.90 -16.76 14.35
C ARG A 70 27.16 -16.26 12.93
N ASN A 71 26.15 -16.44 12.07
CA ASN A 71 26.12 -15.97 10.69
C ASN A 71 25.79 -14.49 10.64
N PRO A 72 26.73 -13.62 10.24
CA PRO A 72 26.44 -12.18 10.27
C PRO A 72 25.32 -11.77 9.34
N LYS A 73 24.99 -12.59 8.35
CA LYS A 73 23.96 -12.23 7.40
C LYS A 73 22.58 -12.18 8.04
N SER A 74 22.38 -12.88 9.14
CA SER A 74 21.02 -13.08 9.65
C SER A 74 20.47 -11.82 10.31
N LYS A 75 21.32 -11.06 11.02
CA LYS A 75 20.84 -9.82 11.62
C LYS A 75 20.33 -8.87 10.54
N LYS A 76 20.97 -8.86 9.38
CA LYS A 76 20.55 -7.96 8.32
C LYS A 76 19.24 -8.42 7.71
N ILE A 77 19.12 -9.73 7.43
CA ILE A 77 17.85 -10.30 6.98
C ILE A 77 16.72 -9.86 7.89
N GLN A 78 16.95 -9.89 9.21
CA GLN A 78 15.92 -9.59 10.19
C GLN A 78 15.55 -8.11 10.20
N GLU A 79 16.53 -7.21 10.24
CA GLU A 79 16.17 -5.80 10.26
C GLU A 79 15.46 -5.40 8.99
N ASP A 80 15.91 -5.93 7.84
CA ASP A 80 15.21 -5.67 6.58
C ASP A 80 13.75 -6.08 6.68
N PHE A 81 13.48 -7.20 7.35
CA PHE A 81 12.09 -7.63 7.50
C PHE A 81 11.32 -6.69 8.41
N ARG A 82 11.86 -6.38 9.59
CA ARG A 82 11.25 -5.39 10.47
C ARG A 82 10.81 -4.18 9.66
N ASP A 83 11.73 -3.60 8.88
CA ASP A 83 11.41 -2.39 8.15
C ASP A 83 10.23 -2.61 7.21
N ARG A 84 10.26 -3.71 6.44
CA ARG A 84 9.11 -4.06 5.61
C ARG A 84 7.87 -4.24 6.45
N TYR A 85 7.96 -5.11 7.45
CA TYR A 85 6.80 -5.39 8.29
C TYR A 85 6.20 -4.11 8.86
N ARG A 86 7.05 -3.18 9.30
CA ARG A 86 6.54 -1.91 9.81
C ARG A 86 5.68 -1.22 8.78
N ASN A 87 6.18 -1.08 7.55
CA ASN A 87 5.41 -0.38 6.52
C ASN A 87 4.18 -1.17 6.12
N ALA A 88 4.32 -2.50 6.01
CA ALA A 88 3.17 -3.34 5.68
C ALA A 88 2.03 -3.13 6.68
N LYS A 89 2.33 -3.18 7.98
CA LYS A 89 1.28 -3.02 8.97
C LYS A 89 0.62 -1.65 8.87
N ILE A 90 1.41 -0.60 8.62
CA ILE A 90 0.85 0.74 8.49
C ILE A 90 -0.20 0.79 7.40
N ASP A 91 0.10 0.22 6.23
CA ASP A 91 -0.87 0.20 5.16
C ASP A 91 -2.11 -0.58 5.58
N GLU A 92 -1.91 -1.75 6.18
CA GLU A 92 -3.04 -2.53 6.66
C GLU A 92 -3.95 -1.69 7.55
N TYR A 93 -3.36 -0.90 8.46
CA TYR A 93 -4.16 -0.13 9.41
C TYR A 93 -4.82 1.07 8.75
N LEU A 94 -4.05 1.82 7.94
CA LEU A 94 -4.61 2.90 7.13
C LEU A 94 -5.91 2.47 6.48
N LEU A 95 -5.84 1.38 5.73
CA LEU A 95 -6.95 0.98 4.89
C LEU A 95 -8.03 0.24 5.67
N LEU A 96 -7.68 -0.40 6.78
CA LEU A 96 -8.64 -1.21 7.51
C LEU A 96 -9.53 -0.35 8.40
N TYR A 97 -8.98 0.70 9.00
CA TYR A 97 -9.74 1.52 9.92
C TYR A 97 -10.05 2.91 9.37
N GLU A 98 -9.50 3.28 8.24
CA GLU A 98 -9.82 4.53 7.54
C GLU A 98 -9.16 5.74 8.17
N ASP A 99 -8.22 5.57 9.09
CA ASP A 99 -7.45 6.70 9.61
C ASP A 99 -6.39 7.09 8.59
N MET A 100 -6.45 8.31 8.08
CA MET A 100 -5.45 8.80 7.15
C MET A 100 -4.31 9.54 7.84
N ASP A 101 -4.33 9.59 9.17
CA ASP A 101 -3.30 10.24 9.97
C ASP A 101 -2.05 9.36 10.07
N ILE A 102 -1.38 9.18 8.92
CA ILE A 102 -0.29 8.22 8.84
C ILE A 102 0.74 8.41 9.95
N LYS A 103 0.86 9.63 10.50
CA LYS A 103 1.77 9.80 11.61
C LYS A 103 1.23 9.12 12.87
N ALA A 104 -0.09 9.14 13.06
CA ALA A 104 -0.70 8.43 14.18
C ALA A 104 -0.50 6.93 14.05
N ILE A 105 -0.87 6.38 12.88
CA ILE A 105 -0.67 4.96 12.61
C ILE A 105 0.81 4.59 12.78
N GLU A 106 1.70 5.41 12.23
CA GLU A 106 3.12 5.11 12.37
C GLU A 106 3.52 5.05 13.83
N ALA A 107 3.04 5.99 14.64
CA ALA A 107 3.28 5.91 16.08
C ALA A 107 2.78 4.58 16.62
N MET A 108 1.54 4.23 16.30
CA MET A 108 0.94 3.04 16.87
C MET A 108 1.75 1.80 16.49
N VAL A 109 1.99 1.61 15.19
CA VAL A 109 2.73 0.44 14.74
C VAL A 109 4.08 0.34 15.44
N ASP A 110 4.75 1.47 15.64
CA ASP A 110 6.08 1.42 16.28
C ASP A 110 5.98 1.00 17.74
N SER A 111 4.88 1.31 18.41
CA SER A 111 4.64 0.71 19.72
C SER A 111 4.63 -0.81 19.62
N GLU A 112 3.70 -1.35 18.83
CA GLU A 112 3.64 -2.79 18.61
C GLU A 112 5.02 -3.38 18.41
N LEU A 113 5.78 -2.80 17.48
CA LEU A 113 7.07 -3.36 17.12
C LEU A 113 8.09 -3.31 18.24
N GLU A 114 7.81 -2.56 19.32
CA GLU A 114 8.78 -2.47 20.40
C GLU A 114 8.98 -3.82 21.08
N GLY A 115 7.90 -4.53 21.37
CA GLY A 115 7.99 -5.83 21.99
C GLY A 115 7.90 -7.00 21.01
N LEU A 116 8.32 -6.77 19.77
CA LEU A 116 8.31 -7.79 18.73
C LEU A 116 9.71 -8.01 18.20
N ALA A 117 9.95 -9.23 17.72
CA ALA A 117 11.23 -9.60 17.14
C ALA A 117 10.98 -10.47 15.92
N ALA A 118 11.85 -10.33 14.93
CA ALA A 118 11.84 -11.26 13.82
C ALA A 118 12.22 -12.64 14.33
N LEU A 119 11.45 -13.66 13.95
CA LEU A 119 11.61 -15.00 14.49
C LEU A 119 12.53 -15.83 13.61
N ALA A 120 13.67 -16.25 14.15
CA ALA A 120 14.50 -17.26 13.50
C ALA A 120 14.00 -18.63 13.97
N ASN A 121 13.41 -19.39 13.04
CA ASN A 121 12.82 -20.69 13.34
C ASN A 121 13.62 -21.79 12.67
N PRO A 122 14.55 -22.44 13.39
CA PRO A 122 14.87 -22.24 14.80
C PRO A 122 16.05 -21.30 15.01
N ALA A 123 16.39 -21.02 16.27
CA ALA A 123 17.57 -20.20 16.53
C ALA A 123 18.80 -20.85 15.89
N GLN A 124 19.91 -20.10 15.91
CA GLN A 124 21.10 -20.55 15.21
C GLN A 124 21.85 -21.62 16.00
N ILE A 125 21.87 -21.50 17.33
CA ILE A 125 22.51 -22.54 18.12
C ILE A 125 21.78 -23.85 17.95
N ALA A 126 20.49 -23.80 17.62
CA ALA A 126 19.65 -24.98 17.48
C ALA A 126 19.54 -25.44 16.02
N GLY A 127 20.56 -25.15 15.21
CA GLY A 127 20.61 -25.67 13.86
C GLY A 127 19.97 -24.83 12.78
N GLY A 128 19.61 -23.58 13.06
CA GLY A 128 19.07 -22.72 12.04
C GLY A 128 20.11 -21.73 11.56
N TYR A 129 21.07 -22.18 10.75
CA TYR A 129 22.18 -21.32 10.35
C TYR A 129 21.75 -20.27 9.34
N VAL A 130 21.00 -20.67 8.33
CA VAL A 130 20.58 -19.76 7.28
C VAL A 130 19.05 -19.81 7.27
N ASP A 131 18.44 -18.98 8.10
CA ASP A 131 16.99 -18.92 8.25
C ASP A 131 16.43 -17.80 7.40
N VAL A 132 15.27 -18.05 6.78
CA VAL A 132 14.51 -17.02 6.06
C VAL A 132 13.41 -16.52 6.99
N VAL A 133 13.29 -15.21 7.12
CA VAL A 133 12.45 -14.60 8.14
C VAL A 133 11.13 -14.19 7.52
N THR A 134 10.01 -14.53 8.19
CA THR A 134 8.69 -14.16 7.66
C THR A 134 7.64 -13.89 8.73
N GLN A 135 7.94 -13.97 10.02
CA GLN A 135 6.93 -13.67 11.03
C GLN A 135 7.54 -13.03 12.26
N MET A 136 6.72 -12.26 12.95
CA MET A 136 7.10 -11.50 14.12
C MET A 136 6.55 -12.17 15.37
N GLY A 137 7.26 -11.99 16.48
CA GLY A 137 6.81 -12.59 17.73
C GLY A 137 7.37 -11.83 18.90
N ASN A 138 6.75 -12.05 20.06
CA ASN A 138 7.15 -11.42 21.31
C ASN A 138 8.67 -11.47 21.50
N LYS A 139 9.29 -10.29 21.52
CA LYS A 139 10.75 -10.21 21.63
C LYS A 139 11.25 -10.91 22.89
N ARG A 140 10.51 -10.79 23.99
CA ARG A 140 10.97 -11.38 25.24
C ARG A 140 10.77 -12.89 25.25
N ILE A 141 9.55 -13.36 24.95
CA ILE A 141 9.34 -14.80 24.87
C ILE A 141 10.31 -15.42 23.88
N ASN A 142 10.77 -14.65 22.90
CA ASN A 142 11.77 -15.14 21.97
C ASN A 142 13.15 -15.20 22.61
N SER A 143 13.47 -14.23 23.47
CA SER A 143 14.77 -14.24 24.13
C SER A 143 14.84 -15.26 25.25
N SER A 144 13.68 -15.62 25.84
CA SER A 144 13.66 -16.70 26.81
C SER A 144 14.03 -18.02 26.16
N ILE A 145 13.33 -18.38 25.08
CA ILE A 145 13.71 -19.56 24.30
C ILE A 145 15.19 -19.50 23.94
N GLY A 146 15.64 -18.36 23.45
CA GLY A 146 17.00 -18.27 22.94
C GLY A 146 18.05 -18.57 24.00
N SER A 147 17.84 -18.11 25.22
CA SER A 147 18.84 -18.45 26.22
C SER A 147 18.66 -19.85 26.72
N GLN A 148 17.41 -20.34 26.75
CA GLN A 148 17.16 -21.70 27.21
C GLN A 148 17.73 -22.75 26.25
N TRP A 149 17.93 -22.41 24.97
CA TRP A 149 18.65 -23.29 24.07
C TRP A 149 20.06 -23.59 24.58
N GLY A 150 20.58 -22.77 25.49
CA GLY A 150 21.84 -23.05 26.14
C GLY A 150 23.03 -22.56 25.34
N SER A 151 24.17 -23.17 25.63
CA SER A 151 25.44 -22.88 24.95
C SER A 151 25.87 -24.05 24.08
N ILE A 152 26.96 -23.83 23.34
CA ILE A 152 27.57 -24.88 22.54
C ILE A 152 28.08 -26.00 23.43
N GLU A 153 28.59 -25.65 24.61
CA GLU A 153 29.21 -26.61 25.51
C GLU A 153 28.21 -27.27 26.46
N LYS A 154 27.02 -26.71 26.63
CA LYS A 154 26.07 -27.26 27.59
C LYS A 154 24.70 -26.65 27.35
N GLY A 155 23.64 -27.47 27.46
CA GLY A 155 22.29 -26.95 27.42
C GLY A 155 21.35 -27.85 26.63
N ARG A 156 20.18 -27.29 26.32
CA ARG A 156 19.13 -28.08 25.69
C ARG A 156 19.49 -28.43 24.26
N SER A 157 20.03 -27.47 23.51
CA SER A 157 20.42 -27.73 22.14
C SER A 157 21.43 -28.86 22.04
N LEU A 158 22.42 -28.86 22.95
CA LEU A 158 23.40 -29.94 23.01
C LEU A 158 22.73 -31.30 23.21
N ASN A 159 21.86 -31.38 24.23
CA ASN A 159 21.18 -32.64 24.53
C ASN A 159 20.45 -33.19 23.30
N ILE A 160 19.99 -32.34 22.40
CA ILE A 160 19.31 -32.82 21.20
C ILE A 160 20.31 -33.48 20.26
N GLU A 161 21.48 -32.86 20.09
CA GLU A 161 22.47 -33.41 19.18
C GLU A 161 22.99 -34.75 19.67
N ASN A 162 23.28 -34.85 20.96
CA ASN A 162 23.78 -36.11 21.53
C ASN A 162 22.79 -37.24 21.33
N GLU A 163 21.54 -37.02 21.72
CA GLU A 163 20.52 -38.04 21.50
C GLU A 163 20.42 -38.41 20.02
N LEU A 164 20.52 -37.40 19.14
CA LEU A 164 20.38 -37.67 17.70
C LEU A 164 21.58 -38.45 17.17
N LEU A 165 22.75 -38.30 17.78
CA LEU A 165 23.89 -39.09 17.33
C LEU A 165 23.73 -40.56 17.73
N LYS A 166 23.43 -40.82 19.00
CA LYS A 166 23.17 -42.19 19.42
C LYS A 166 22.19 -42.86 18.49
N LEU A 167 21.13 -42.15 18.09
CA LEU A 167 20.15 -42.74 17.19
C LEU A 167 20.79 -43.21 15.88
N ILE A 168 21.68 -42.40 15.30
CA ILE A 168 22.23 -42.75 13.99
C ILE A 168 23.38 -43.73 14.08
N THR A 169 24.09 -43.79 15.21
CA THR A 169 25.26 -44.67 15.30
C THR A 169 24.92 -46.08 15.78
N ASP A 170 23.87 -46.24 16.59
CA ASP A 170 23.46 -47.56 17.00
C ASP A 170 23.00 -48.36 15.78
N PRO A 171 23.15 -49.68 15.82
CA PRO A 171 22.99 -50.48 14.59
C PRO A 171 21.53 -50.75 14.30
N PRO A 172 21.14 -50.85 13.01
CA PRO A 172 21.99 -50.62 11.83
C PRO A 172 22.22 -49.14 11.55
N PRO A 173 23.48 -48.70 11.55
CA PRO A 173 23.76 -47.26 11.52
C PRO A 173 23.15 -46.57 10.32
N ILE A 174 23.28 -45.25 10.31
CA ILE A 174 22.75 -44.42 9.24
C ILE A 174 23.94 -43.74 8.56
N THR A 175 24.10 -44.00 7.27
CA THR A 175 25.14 -43.32 6.51
C THR A 175 24.68 -41.93 6.10
N GLU A 176 25.66 -41.09 5.76
CA GLU A 176 25.37 -39.76 5.25
C GLU A 176 24.32 -39.80 4.16
N GLU A 177 24.39 -40.81 3.28
CA GLU A 177 23.41 -40.91 2.20
C GLU A 177 22.00 -41.02 2.75
N GLU A 178 21.81 -41.79 3.82
CA GLU A 178 20.49 -41.89 4.44
C GLU A 178 20.21 -40.76 5.42
N GLN A 179 21.25 -40.14 5.97
CA GLN A 179 21.03 -38.94 6.76
C GLN A 179 20.38 -37.84 5.92
N LYS A 180 20.79 -37.73 4.65
CA LYS A 180 20.27 -36.70 3.76
C LYS A 180 18.83 -36.93 3.35
N LYS A 181 18.20 -38.03 3.75
CA LYS A 181 16.84 -38.31 3.34
C LYS A 181 15.88 -38.55 4.51
N ILE A 182 16.35 -38.49 5.74
CA ILE A 182 15.50 -38.63 6.91
C ILE A 182 15.35 -37.27 7.57
N LYS A 183 14.11 -36.87 7.83
CA LYS A 183 13.90 -35.57 8.44
C LYS A 183 14.02 -35.66 9.96
N MET A 184 14.36 -34.52 10.57
CA MET A 184 14.49 -34.38 12.01
C MET A 184 13.16 -34.67 12.71
N ASN A 185 13.24 -35.02 13.99
CA ASN A 185 11.99 -35.36 14.67
C ASN A 185 12.12 -35.08 16.16
N VAL A 186 11.99 -33.81 16.53
CA VAL A 186 12.08 -33.39 17.92
C VAL A 186 10.72 -32.86 18.38
N ASN A 187 10.54 -32.81 19.69
CA ASN A 187 9.33 -32.26 20.30
C ASN A 187 9.75 -31.34 21.43
N LEU A 188 9.49 -30.05 21.29
CA LEU A 188 9.81 -29.06 22.31
C LEU A 188 8.59 -28.55 23.08
N VAL A 189 7.39 -29.05 22.76
CA VAL A 189 6.17 -28.43 23.24
C VAL A 189 5.37 -29.31 24.21
N GLU A 190 5.47 -30.64 24.11
CA GLU A 190 4.68 -31.50 25.00
C GLU A 190 4.98 -31.20 26.45
N ASN A 191 6.26 -31.14 26.80
CA ASN A 191 6.74 -31.14 28.17
C ASN A 191 7.05 -29.75 28.69
N LEU A 192 6.46 -28.71 28.09
CA LEU A 192 6.66 -27.36 28.61
C LEU A 192 6.40 -27.31 30.10
N GLU A 193 7.40 -26.84 30.85
CA GLU A 193 7.42 -26.89 32.30
C GLU A 193 7.06 -25.52 32.87
N ILE A 194 5.91 -25.44 33.53
CA ILE A 194 5.48 -24.21 34.17
C ILE A 194 6.09 -24.15 35.57
N VAL A 195 7.09 -23.27 35.75
CA VAL A 195 7.75 -23.13 37.05
C VAL A 195 6.71 -23.00 38.15
N LYS A 196 7.02 -23.56 39.32
CA LYS A 196 6.10 -23.47 40.45
C LYS A 196 6.74 -22.74 41.63
N SER B 13 -21.12 -1.59 41.16
CA SER B 13 -20.54 -2.80 40.57
C SER B 13 -21.32 -4.04 41.04
N LEU B 14 -21.81 -4.80 40.08
CA LEU B 14 -22.71 -5.90 40.37
C LEU B 14 -21.93 -7.19 40.65
N SER B 15 -22.64 -8.19 41.16
CA SER B 15 -22.04 -9.51 41.33
C SER B 15 -21.86 -10.19 39.97
N VAL B 16 -20.71 -10.85 39.80
CA VAL B 16 -20.46 -11.58 38.56
C VAL B 16 -21.58 -12.57 38.30
N ILE B 17 -22.19 -12.48 37.12
CA ILE B 17 -23.15 -13.46 36.63
C ILE B 17 -22.41 -14.41 35.70
N PHE B 18 -22.24 -15.66 36.15
CA PHE B 18 -21.60 -16.67 35.32
C PHE B 18 -22.64 -17.33 34.45
N VAL B 19 -22.28 -17.56 33.18
CA VAL B 19 -23.23 -18.09 32.22
C VAL B 19 -23.55 -19.53 32.56
N LYS B 20 -24.84 -19.87 32.51
CA LYS B 20 -25.32 -21.21 32.79
C LYS B 20 -26.22 -21.64 31.65
N PRO B 21 -26.04 -22.84 31.08
CA PRO B 21 -24.92 -23.73 31.40
C PRO B 21 -23.63 -23.20 30.80
N PRO B 22 -22.48 -23.74 31.20
CA PRO B 22 -21.23 -23.28 30.59
C PRO B 22 -21.26 -23.46 29.08
N PHE B 23 -20.54 -22.58 28.39
CA PHE B 23 -20.32 -22.77 26.97
C PHE B 23 -19.52 -24.04 26.73
N GLN B 24 -19.79 -24.71 25.63
CA GLN B 24 -19.18 -25.99 25.32
C GLN B 24 -18.27 -25.91 24.11
N LEU B 25 -17.07 -26.45 24.25
CA LEU B 25 -16.18 -26.70 23.10
C LEU B 25 -16.49 -28.10 22.60
N LYS B 26 -17.36 -28.19 21.59
CA LYS B 26 -17.81 -29.49 21.12
C LYS B 26 -16.61 -30.31 20.62
N LYS B 27 -16.91 -31.58 20.32
CA LYS B 27 -15.87 -32.57 20.08
C LYS B 27 -15.08 -32.31 18.80
N LYS B 28 -15.72 -31.74 17.77
CA LYS B 28 -15.03 -31.54 16.49
C LYS B 28 -13.96 -30.47 16.55
N PHE B 29 -13.99 -29.58 17.54
CA PHE B 29 -12.98 -28.54 17.71
C PHE B 29 -11.88 -28.93 18.70
N GLN B 30 -11.81 -30.19 19.12
CA GLN B 30 -10.81 -30.62 20.08
C GLN B 30 -9.55 -31.17 19.41
N LYS B 31 -9.65 -31.66 18.17
CA LYS B 31 -8.50 -32.16 17.43
C LYS B 31 -7.39 -31.10 17.35
N ASP B 32 -7.75 -29.87 16.98
CA ASP B 32 -6.77 -28.84 16.67
C ASP B 32 -6.62 -27.87 17.84
N PRO B 33 -5.43 -27.76 18.45
CA PRO B 33 -5.26 -26.87 19.62
C PRO B 33 -5.79 -25.47 19.36
N PHE B 34 -5.94 -25.12 18.08
CA PHE B 34 -6.32 -23.77 17.71
C PHE B 34 -7.74 -23.45 18.18
N TYR B 35 -8.72 -24.25 17.74
CA TYR B 35 -10.11 -23.98 18.04
C TYR B 35 -10.33 -23.63 19.51
N GLU B 36 -9.69 -24.35 20.42
CA GLU B 36 -9.86 -24.05 21.83
C GLU B 36 -9.42 -22.63 22.14
N ILE B 37 -8.21 -22.27 21.72
CA ILE B 37 -7.73 -20.90 21.93
C ILE B 37 -8.67 -19.89 21.26
N GLU B 38 -9.07 -20.17 20.02
CA GLU B 38 -9.95 -19.27 19.30
C GLU B 38 -11.30 -19.10 19.99
N MET B 39 -11.68 -20.02 20.86
CA MET B 39 -12.93 -19.84 21.58
C MET B 39 -12.76 -18.92 22.78
N ARG B 40 -11.76 -19.19 23.63
CA ARG B 40 -11.50 -18.29 24.73
C ARG B 40 -11.38 -16.85 24.25
N LYS B 41 -10.63 -16.65 23.16
CA LYS B 41 -10.55 -15.32 22.56
C LYS B 41 -11.95 -14.80 22.20
N GLN B 42 -12.74 -15.61 21.50
CA GLN B 42 -14.03 -15.14 21.02
C GLN B 42 -15.03 -14.95 22.15
N LEU B 43 -15.14 -15.94 23.04
CA LEU B 43 -15.96 -15.76 24.23
C LEU B 43 -15.56 -14.49 24.97
N GLN B 44 -14.26 -14.32 25.19
CA GLN B 44 -13.76 -13.10 25.83
C GLN B 44 -14.30 -11.85 25.14
N MET B 45 -14.24 -11.81 23.81
CA MET B 45 -14.72 -10.63 23.07
C MET B 45 -16.21 -10.39 23.31
N GLN B 46 -17.01 -11.44 23.31
CA GLN B 46 -18.43 -11.28 23.63
C GLN B 46 -18.63 -10.88 25.09
N GLN B 47 -17.80 -11.40 25.99
CA GLN B 47 -17.86 -10.96 27.38
C GLN B 47 -17.63 -9.47 27.47
N ASP B 48 -16.52 -8.99 26.89
CA ASP B 48 -16.22 -7.56 26.86
C ASP B 48 -17.34 -6.75 26.19
N GLY B 49 -17.89 -7.26 25.10
CA GLY B 49 -18.98 -6.55 24.45
C GLY B 49 -20.14 -6.30 25.39
N ILE B 50 -20.45 -7.28 26.24
CA ILE B 50 -21.57 -7.16 27.17
C ILE B 50 -21.21 -6.25 28.34
N ASN B 51 -20.04 -6.48 28.95
CA ASN B 51 -19.58 -5.69 30.09
C ASN B 51 -19.35 -4.22 29.77
N ASN B 52 -19.44 -3.82 28.51
CA ASN B 52 -19.35 -2.41 28.16
C ASN B 52 -20.70 -1.72 28.20
N MET B 53 -21.79 -2.48 28.17
CA MET B 53 -23.13 -1.95 28.28
C MET B 53 -23.51 -1.78 29.75
N THR B 54 -24.62 -1.07 29.98
CA THR B 54 -25.19 -0.90 31.31
C THR B 54 -26.36 -1.85 31.51
N ILE B 55 -26.75 -2.02 32.78
CA ILE B 55 -27.86 -2.90 33.08
C ILE B 55 -29.12 -2.44 32.35
N PHE B 56 -29.38 -1.14 32.33
CA PHE B 56 -30.50 -0.65 31.54
C PHE B 56 -30.29 -0.98 30.07
N GLU B 57 -29.13 -0.59 29.55
CA GLU B 57 -28.88 -0.71 28.11
C GLU B 57 -29.03 -2.16 27.64
N TRP B 58 -28.30 -3.08 28.28
CA TRP B 58 -28.33 -4.48 27.89
C TRP B 58 -29.76 -5.00 27.85
N LEU B 59 -30.51 -4.74 28.92
CA LEU B 59 -31.89 -5.21 28.98
C LEU B 59 -32.71 -4.57 27.87
N LYS B 60 -32.53 -3.27 27.64
CA LYS B 60 -33.28 -2.61 26.59
C LYS B 60 -33.01 -3.24 25.23
N ASN B 61 -31.76 -3.65 25.00
CA ASN B 61 -31.44 -4.29 23.72
C ASN B 61 -32.19 -5.61 23.57
N ARG B 62 -32.14 -6.47 24.59
CA ARG B 62 -32.88 -7.73 24.55
C ARG B 62 -34.35 -7.50 24.25
N GLU B 63 -34.98 -6.52 24.91
CA GLU B 63 -36.36 -6.16 24.57
C GLU B 63 -36.51 -5.92 23.08
N ASN B 64 -35.77 -4.94 22.55
CA ASN B 64 -35.89 -4.55 21.15
C ASN B 64 -35.70 -5.74 20.23
N PHE B 65 -34.77 -6.65 20.57
CA PHE B 65 -34.52 -7.81 19.73
C PHE B 65 -35.70 -8.79 19.73
N LYS B 66 -36.42 -8.89 20.86
CA LYS B 66 -37.61 -9.73 20.92
C LYS B 66 -38.80 -9.04 20.24
N LYS B 67 -38.97 -7.74 20.48
CA LYS B 67 -40.13 -7.03 19.96
C LYS B 67 -40.02 -6.78 18.46
N TYR B 68 -38.80 -6.52 17.97
CA TYR B 68 -38.59 -6.13 16.57
C TYR B 68 -37.79 -7.14 15.76
N GLY B 69 -37.21 -8.15 16.40
CA GLY B 69 -36.50 -9.18 15.67
C GLY B 69 -35.07 -8.79 15.36
N ARG B 70 -34.48 -9.55 14.44
CA ARG B 70 -33.09 -9.34 14.08
C ARG B 70 -32.90 -7.96 13.43
N ASN B 71 -31.66 -7.47 13.48
CA ASN B 71 -31.30 -6.23 12.82
C ASN B 71 -30.77 -6.52 11.42
N PRO B 72 -31.50 -6.15 10.36
CA PRO B 72 -31.06 -6.49 9.00
C PRO B 72 -29.80 -5.76 8.58
N LYS B 73 -29.51 -4.60 9.16
CA LYS B 73 -28.36 -3.82 8.76
C LYS B 73 -27.05 -4.51 9.09
N SER B 74 -27.05 -5.41 10.08
CA SER B 74 -25.80 -5.98 10.58
C SER B 74 -25.14 -6.90 9.55
N LYS B 75 -25.94 -7.64 8.78
CA LYS B 75 -25.38 -8.44 7.69
C LYS B 75 -24.50 -7.57 6.78
N LYS B 76 -25.02 -6.40 6.37
CA LYS B 76 -24.28 -5.51 5.49
C LYS B 76 -23.03 -4.94 6.16
N ILE B 77 -23.16 -4.51 7.42
CA ILE B 77 -22.00 -4.01 8.15
C ILE B 77 -20.90 -5.07 8.20
N GLN B 78 -21.27 -6.31 8.51
CA GLN B 78 -20.29 -7.37 8.64
C GLN B 78 -19.56 -7.62 7.33
N GLU B 79 -20.31 -7.82 6.24
CA GLU B 79 -19.65 -8.04 4.96
C GLU B 79 -18.90 -6.80 4.50
N ASP B 80 -19.35 -5.60 4.87
CA ASP B 80 -18.57 -4.39 4.57
C ASP B 80 -17.20 -4.46 5.23
N PHE B 81 -17.16 -4.82 6.51
CA PHE B 81 -15.87 -4.96 7.17
C PHE B 81 -15.05 -6.05 6.51
N ARG B 82 -15.70 -7.16 6.15
CA ARG B 82 -14.96 -8.27 5.56
C ARG B 82 -14.28 -7.86 4.27
N ASP B 83 -14.97 -7.05 3.46
CA ASP B 83 -14.35 -6.53 2.24
C ASP B 83 -13.18 -5.60 2.58
N ARG B 84 -13.37 -4.70 3.55
CA ARG B 84 -12.24 -3.86 3.97
C ARG B 84 -11.08 -4.70 4.45
N TYR B 85 -11.34 -5.72 5.26
CA TYR B 85 -10.28 -6.59 5.75
C TYR B 85 -9.54 -7.24 4.59
N ARG B 86 -10.28 -7.74 3.60
CA ARG B 86 -9.65 -8.30 2.41
C ARG B 86 -8.73 -7.29 1.77
N ASN B 87 -9.26 -6.12 1.41
CA ASN B 87 -8.44 -5.11 0.78
C ASN B 87 -7.22 -4.76 1.62
N ALA B 88 -7.41 -4.67 2.95
CA ALA B 88 -6.29 -4.32 3.83
C ALA B 88 -5.21 -5.38 3.82
N LYS B 89 -5.58 -6.66 3.77
CA LYS B 89 -4.57 -7.71 3.76
C LYS B 89 -3.88 -7.79 2.40
N ILE B 90 -4.60 -7.50 1.32
CA ILE B 90 -3.94 -7.41 0.03
C ILE B 90 -2.90 -6.31 0.06
N ASP B 91 -3.29 -5.13 0.53
CA ASP B 91 -2.32 -4.06 0.71
C ASP B 91 -1.14 -4.51 1.56
N GLU B 92 -1.43 -5.10 2.73
CA GLU B 92 -0.35 -5.55 3.60
C GLU B 92 0.62 -6.46 2.87
N TYR B 93 0.11 -7.51 2.23
CA TYR B 93 1.00 -8.46 1.55
C TYR B 93 1.68 -7.82 0.35
N LEU B 94 0.98 -6.92 -0.37
CA LEU B 94 1.59 -6.26 -1.51
C LEU B 94 2.97 -5.72 -1.16
N LEU B 95 3.15 -5.28 0.09
CA LEU B 95 4.40 -4.68 0.50
C LEU B 95 5.28 -5.64 1.25
N LEU B 96 4.67 -6.52 2.05
CA LEU B 96 5.41 -7.49 2.86
C LEU B 96 6.12 -8.53 2.01
N TYR B 97 5.52 -8.90 0.88
CA TYR B 97 6.08 -9.90 -0.04
C TYR B 97 6.17 -9.24 -1.41
N GLU B 98 7.22 -8.44 -1.59
CA GLU B 98 7.54 -7.84 -2.87
C GLU B 98 7.81 -8.92 -3.92
N ASP B 99 7.41 -8.63 -5.16
CA ASP B 99 7.66 -9.55 -6.27
C ASP B 99 6.75 -10.76 -6.19
N MET B 100 5.46 -10.55 -6.41
CA MET B 100 4.49 -11.62 -6.26
C MET B 100 3.24 -11.12 -6.95
N ASP B 101 2.90 -11.73 -8.09
CA ASP B 101 1.79 -11.24 -8.91
C ASP B 101 0.59 -10.85 -8.04
N ILE B 102 -0.08 -9.78 -8.45
CA ILE B 102 -1.23 -9.33 -7.68
C ILE B 102 -2.24 -10.47 -7.52
N LYS B 103 -2.28 -11.38 -8.49
CA LYS B 103 -3.26 -12.48 -8.44
C LYS B 103 -2.83 -13.59 -7.49
N ALA B 104 -1.54 -13.83 -7.30
CA ALA B 104 -1.13 -14.74 -6.24
C ALA B 104 -1.54 -14.20 -4.87
N ILE B 105 -1.47 -12.88 -4.69
CA ILE B 105 -1.78 -12.30 -3.39
C ILE B 105 -3.27 -12.34 -3.13
N GLU B 106 -4.10 -12.08 -4.15
CA GLU B 106 -5.53 -12.29 -3.95
C GLU B 106 -5.81 -13.71 -3.55
N ALA B 107 -5.12 -14.66 -4.19
CA ALA B 107 -5.35 -16.07 -3.93
C ALA B 107 -5.14 -16.41 -2.46
N MET B 108 -3.98 -16.03 -1.86
CA MET B 108 -3.87 -16.34 -0.44
C MET B 108 -4.96 -15.65 0.35
N VAL B 109 -5.08 -14.33 0.19
CA VAL B 109 -6.05 -13.60 1.02
C VAL B 109 -7.40 -14.28 1.00
N ASP B 110 -7.87 -14.72 -0.18
CA ASP B 110 -9.17 -15.35 -0.24
C ASP B 110 -9.17 -16.71 0.44
N SER B 111 -8.08 -17.47 0.32
CA SER B 111 -7.99 -18.72 1.07
C SER B 111 -7.92 -18.43 2.57
N GLU B 112 -7.19 -17.39 2.94
CA GLU B 112 -7.07 -17.01 4.35
C GLU B 112 -8.41 -16.56 4.92
N LEU B 113 -9.20 -15.84 4.13
CA LEU B 113 -10.47 -15.30 4.59
C LEU B 113 -11.63 -16.29 4.51
N GLU B 114 -11.48 -17.41 3.78
CA GLU B 114 -12.64 -18.26 3.55
C GLU B 114 -13.18 -18.83 4.86
N GLY B 115 -12.33 -18.93 5.88
CA GLY B 115 -12.77 -19.39 7.18
C GLY B 115 -13.10 -18.31 8.20
N LEU B 116 -12.90 -17.03 7.86
CA LEU B 116 -13.13 -15.93 8.79
C LEU B 116 -14.46 -15.25 8.52
N ALA B 117 -15.08 -14.78 9.60
CA ALA B 117 -16.25 -13.91 9.51
C ALA B 117 -16.02 -12.67 10.36
N ALA B 118 -16.72 -11.60 10.01
CA ALA B 118 -16.65 -10.36 10.78
C ALA B 118 -17.53 -10.51 12.02
N LEU B 119 -16.93 -10.40 13.20
CA LEU B 119 -17.57 -10.80 14.44
C LEU B 119 -18.51 -9.74 15.00
N ALA B 120 -19.69 -10.17 15.46
CA ALA B 120 -20.62 -9.34 16.22
C ALA B 120 -20.44 -9.65 17.71
N ASN B 121 -19.74 -8.78 18.42
CA ASN B 121 -19.42 -9.00 19.82
C ASN B 121 -20.25 -8.08 20.70
N PRO B 122 -21.37 -8.55 21.29
CA PRO B 122 -21.86 -9.93 21.32
C PRO B 122 -22.87 -10.23 20.25
N ALA B 123 -23.34 -11.48 20.18
CA ALA B 123 -24.41 -11.83 19.27
C ALA B 123 -25.59 -10.91 19.51
N GLN B 124 -26.57 -10.89 18.62
CA GLN B 124 -27.69 -9.99 18.82
C GLN B 124 -28.56 -10.44 19.99
N ILE B 125 -28.91 -11.73 20.01
CA ILE B 125 -29.72 -12.29 21.08
C ILE B 125 -29.09 -12.13 22.45
N ALA B 126 -27.80 -11.77 22.51
CA ALA B 126 -27.14 -11.45 23.77
C ALA B 126 -27.03 -9.94 23.99
N GLY B 127 -27.91 -9.16 23.36
CA GLY B 127 -27.92 -7.73 23.47
C GLY B 127 -27.06 -6.98 22.48
N GLY B 128 -26.51 -7.65 21.48
CA GLY B 128 -25.73 -6.99 20.45
C GLY B 128 -26.60 -6.57 19.28
N TYR B 129 -27.57 -5.70 19.57
CA TYR B 129 -28.56 -5.31 18.58
C TYR B 129 -27.96 -4.47 17.46
N VAL B 130 -26.95 -3.67 17.78
CA VAL B 130 -26.42 -2.69 16.85
C VAL B 130 -24.94 -2.57 17.15
N ASP B 131 -24.15 -3.50 16.62
CA ASP B 131 -22.75 -3.62 16.98
C ASP B 131 -21.86 -2.93 15.97
N VAL B 132 -20.80 -2.31 16.46
CA VAL B 132 -19.76 -1.76 15.61
C VAL B 132 -18.75 -2.88 15.34
N VAL B 133 -18.70 -3.34 14.10
CA VAL B 133 -17.83 -4.46 13.73
C VAL B 133 -16.41 -3.97 13.58
N THR B 134 -15.47 -4.61 14.28
CA THR B 134 -14.08 -4.18 14.22
C THR B 134 -13.06 -5.30 14.20
N GLN B 135 -13.44 -6.57 14.28
CA GLN B 135 -12.41 -7.60 14.27
C GLN B 135 -12.93 -8.89 13.65
N MET B 136 -11.98 -9.72 13.21
CA MET B 136 -12.25 -10.94 12.46
C MET B 136 -12.07 -12.16 13.34
N GLY B 137 -12.75 -13.24 13.00
CA GLY B 137 -12.58 -14.47 13.75
C GLY B 137 -13.08 -15.66 12.97
N ASN B 138 -12.73 -16.84 13.46
CA ASN B 138 -13.15 -18.09 12.83
C ASN B 138 -14.66 -18.14 12.69
N LYS B 139 -15.13 -18.52 11.48
CA LYS B 139 -16.56 -18.52 11.20
C LYS B 139 -17.29 -19.62 11.97
N ARG B 140 -16.69 -20.82 12.02
CA ARG B 140 -17.34 -21.95 12.68
C ARG B 140 -17.50 -21.67 14.17
N ILE B 141 -16.40 -21.30 14.84
CA ILE B 141 -16.44 -21.01 16.26
C ILE B 141 -17.52 -19.98 16.56
N ASN B 142 -17.43 -18.81 15.91
CA ASN B 142 -18.43 -17.76 16.11
C ASN B 142 -19.85 -18.29 15.94
N SER B 143 -20.07 -19.16 14.95
CA SER B 143 -21.41 -19.72 14.76
C SER B 143 -21.75 -20.71 15.87
N SER B 144 -20.76 -21.48 16.33
CA SER B 144 -20.98 -22.33 17.49
C SER B 144 -21.56 -21.50 18.64
N ILE B 145 -20.76 -20.51 19.09
CA ILE B 145 -21.19 -19.63 20.18
C ILE B 145 -22.57 -19.06 19.90
N GLY B 146 -22.81 -18.62 18.67
CA GLY B 146 -24.08 -17.99 18.36
C GLY B 146 -25.27 -18.90 18.62
N SER B 147 -25.24 -20.10 18.04
CA SER B 147 -26.37 -21.01 18.27
C SER B 147 -26.37 -21.54 19.69
N GLN B 148 -25.19 -21.66 20.30
CA GLN B 148 -25.11 -22.00 21.72
C GLN B 148 -25.75 -20.95 22.64
N TRP B 149 -25.91 -19.70 22.17
CA TRP B 149 -26.58 -18.68 22.96
C TRP B 149 -28.04 -19.01 23.21
N GLY B 150 -28.56 -20.01 22.51
CA GLY B 150 -29.91 -20.45 22.72
C GLY B 150 -30.91 -19.62 21.96
N SER B 151 -32.18 -19.92 22.21
CA SER B 151 -33.28 -19.20 21.59
C SER B 151 -33.79 -18.11 22.51
N ILE B 152 -34.76 -17.35 22.00
CA ILE B 152 -35.34 -16.26 22.77
C ILE B 152 -36.08 -16.82 23.98
N GLU B 153 -36.70 -17.99 23.82
CA GLU B 153 -37.59 -18.56 24.82
C GLU B 153 -36.84 -19.34 25.90
N LYS B 154 -35.69 -19.93 25.57
CA LYS B 154 -34.85 -20.61 26.56
C LYS B 154 -33.43 -20.69 26.02
N GLY B 155 -32.47 -20.61 26.92
CA GLY B 155 -31.07 -20.70 26.51
C GLY B 155 -30.18 -19.87 27.42
N ARG B 156 -28.89 -19.91 27.10
CA ARG B 156 -27.91 -19.28 27.98
C ARG B 156 -28.17 -17.78 28.14
N SER B 157 -28.56 -17.11 27.05
CA SER B 157 -28.79 -15.67 27.13
C SER B 157 -29.98 -15.34 28.02
N LEU B 158 -31.04 -16.15 27.94
CA LEU B 158 -32.16 -15.96 28.86
C LEU B 158 -31.72 -16.19 30.30
N ASN B 159 -30.88 -17.21 30.53
CA ASN B 159 -30.40 -17.48 31.89
C ASN B 159 -29.70 -16.27 32.48
N ILE B 160 -28.93 -15.54 31.66
CA ILE B 160 -28.26 -14.34 32.16
C ILE B 160 -29.30 -13.31 32.57
N GLU B 161 -30.31 -13.11 31.74
CA GLU B 161 -31.31 -12.08 32.03
C GLU B 161 -31.97 -12.34 33.38
N ASN B 162 -32.42 -13.58 33.61
CA ASN B 162 -33.10 -13.92 34.85
C ASN B 162 -32.22 -13.63 36.06
N GLU B 163 -30.98 -14.13 36.06
CA GLU B 163 -30.09 -13.84 37.17
C GLU B 163 -29.90 -12.34 37.36
N LEU B 164 -29.96 -11.57 36.28
CA LEU B 164 -29.85 -10.12 36.39
C LEU B 164 -31.16 -9.52 36.91
N LEU B 165 -32.30 -10.02 36.43
CA LEU B 165 -33.57 -9.50 36.92
C LEU B 165 -33.71 -9.70 38.43
N LYS B 166 -33.40 -10.89 38.93
CA LYS B 166 -33.41 -11.12 40.38
C LYS B 166 -32.52 -10.10 41.10
N LEU B 167 -31.31 -9.88 40.58
CA LEU B 167 -30.38 -8.96 41.22
C LEU B 167 -31.00 -7.56 41.38
N ILE B 168 -31.78 -7.12 40.40
CA ILE B 168 -32.36 -5.78 40.42
C ILE B 168 -33.65 -5.79 41.25
N THR B 169 -33.82 -6.80 42.10
CA THR B 169 -34.95 -6.85 43.01
C THR B 169 -34.59 -7.67 44.26
N PRO B 173 -33.05 -3.28 45.81
CA PRO B 173 -33.79 -2.69 44.69
C PRO B 173 -32.94 -1.71 43.90
N ILE B 174 -32.97 -1.84 42.57
CA ILE B 174 -32.16 -1.02 41.67
C ILE B 174 -33.12 -0.22 40.81
N THR B 175 -33.21 1.09 41.06
CA THR B 175 -34.12 1.89 40.28
C THR B 175 -33.58 2.12 38.87
N GLU B 176 -34.48 2.37 37.93
CA GLU B 176 -34.09 2.62 36.56
C GLU B 176 -32.91 3.58 36.47
N GLU B 177 -32.74 4.46 37.47
CA GLU B 177 -31.70 5.48 37.39
C GLU B 177 -30.32 4.88 37.56
N GLU B 178 -30.12 4.07 38.62
CA GLU B 178 -28.83 3.42 38.76
C GLU B 178 -28.63 2.32 37.73
N GLN B 179 -29.73 1.72 37.25
CA GLN B 179 -29.63 0.80 36.14
C GLN B 179 -28.87 1.43 34.97
N LYS B 180 -29.08 2.74 34.74
CA LYS B 180 -28.40 3.49 33.69
C LYS B 180 -26.99 3.93 34.08
N LYS B 181 -26.49 3.52 35.25
CA LYS B 181 -25.17 3.91 35.69
C LYS B 181 -24.25 2.74 36.04
N ILE B 182 -24.76 1.52 36.12
CA ILE B 182 -23.98 0.36 36.51
C ILE B 182 -23.72 -0.51 35.27
N LYS B 183 -22.49 -0.97 35.12
CA LYS B 183 -22.14 -1.83 33.99
C LYS B 183 -22.52 -3.27 34.29
N MET B 184 -22.95 -3.98 33.25
CA MET B 184 -23.11 -5.42 33.34
C MET B 184 -21.81 -6.08 33.77
N ASN B 185 -21.95 -7.22 34.45
CA ASN B 185 -20.80 -7.95 34.99
C ASN B 185 -21.10 -9.44 34.76
N VAL B 186 -20.78 -9.92 33.57
CA VAL B 186 -20.93 -11.32 33.23
C VAL B 186 -19.54 -11.93 33.08
N ASN B 187 -19.49 -13.25 33.08
CA ASN B 187 -18.23 -13.97 32.85
C ASN B 187 -18.56 -15.23 32.06
N LEU B 188 -18.07 -15.32 30.83
CA LEU B 188 -18.36 -16.44 29.95
C LEU B 188 -17.16 -17.33 29.66
N VAL B 189 -15.99 -17.03 30.21
CA VAL B 189 -14.76 -17.64 29.73
C VAL B 189 -14.13 -18.61 30.73
N GLU B 190 -14.35 -18.44 32.03
CA GLU B 190 -13.69 -19.34 32.97
C GLU B 190 -14.23 -20.76 32.85
N ASN B 191 -15.56 -20.89 32.83
CA ASN B 191 -16.23 -22.16 32.98
C ASN B 191 -16.39 -22.92 31.68
N LEU B 192 -15.50 -22.70 30.70
CA LEU B 192 -15.70 -23.28 29.38
C LEU B 192 -15.56 -24.80 29.44
N GLU B 193 -16.59 -25.50 28.98
CA GLU B 193 -16.68 -26.96 29.10
C GLU B 193 -16.08 -27.63 27.87
N ILE B 194 -15.08 -28.48 28.09
CA ILE B 194 -14.57 -29.37 27.06
C ILE B 194 -15.22 -30.72 27.24
N VAL B 195 -16.16 -31.06 26.35
CA VAL B 195 -16.97 -32.27 26.50
C VAL B 195 -16.11 -33.52 26.65
N SER C 13 -3.79 -16.15 -31.22
CA SER C 13 -3.62 -16.69 -29.86
C SER C 13 -4.67 -17.75 -29.54
N LEU C 14 -4.51 -18.42 -28.39
CA LEU C 14 -5.11 -19.72 -28.15
C LEU C 14 -5.83 -19.77 -26.81
N SER C 15 -6.88 -20.61 -26.76
CA SER C 15 -7.68 -20.76 -25.55
C SER C 15 -6.82 -21.17 -24.35
N VAL C 16 -7.35 -20.97 -23.15
CA VAL C 16 -6.59 -21.16 -21.91
C VAL C 16 -6.78 -22.58 -21.40
N ILE C 17 -5.66 -23.25 -21.11
CA ILE C 17 -5.66 -24.61 -20.59
C ILE C 17 -5.38 -24.56 -19.09
N PHE C 18 -6.36 -24.96 -18.28
CA PHE C 18 -6.25 -24.97 -16.81
C PHE C 18 -5.88 -26.36 -16.32
N VAL C 19 -4.73 -26.47 -15.63
CA VAL C 19 -4.26 -27.76 -15.16
C VAL C 19 -5.33 -28.44 -14.32
N LYS C 20 -5.56 -29.73 -14.58
CA LYS C 20 -6.56 -30.53 -13.88
C LYS C 20 -5.91 -31.82 -13.41
N PRO C 21 -6.07 -32.20 -12.14
CA PRO C 21 -6.66 -31.36 -11.09
C PRO C 21 -5.70 -30.22 -10.74
N PRO C 22 -6.19 -29.18 -10.06
CA PRO C 22 -5.30 -28.07 -9.70
C PRO C 22 -4.22 -28.54 -8.75
N PHE C 23 -3.08 -27.86 -8.79
CA PHE C 23 -2.00 -28.23 -7.90
C PHE C 23 -2.47 -28.13 -6.45
N GLN C 24 -1.79 -28.86 -5.57
CA GLN C 24 -2.16 -28.94 -4.16
C GLN C 24 -1.05 -28.39 -3.27
N LEU C 25 -1.43 -27.68 -2.21
CA LEU C 25 -0.52 -27.37 -1.10
C LEU C 25 -0.85 -28.34 0.02
N LYS C 26 -0.09 -29.44 0.09
CA LYS C 26 -0.34 -30.44 1.12
C LYS C 26 -0.25 -29.78 2.48
N LYS C 27 -1.01 -30.28 3.44
CA LYS C 27 -1.10 -29.58 4.73
C LYS C 27 0.22 -29.61 5.50
N LYS C 28 1.17 -30.50 5.16
CA LYS C 28 2.51 -30.44 5.73
C LYS C 28 3.23 -29.13 5.41
N PHE C 29 2.65 -28.29 4.56
CA PHE C 29 3.24 -27.07 4.07
C PHE C 29 2.50 -25.82 4.52
N GLN C 30 1.50 -25.96 5.39
CA GLN C 30 0.65 -24.82 5.72
C GLN C 30 0.98 -24.17 7.06
N LYS C 31 1.92 -24.73 7.82
CA LYS C 31 2.28 -24.19 9.12
C LYS C 31 3.23 -23.00 9.02
N ASP C 32 3.60 -22.58 7.83
CA ASP C 32 4.59 -21.53 7.64
C ASP C 32 4.26 -20.75 6.38
N PRO C 33 4.03 -19.44 6.48
CA PRO C 33 3.71 -18.65 5.28
C PRO C 33 4.71 -18.83 4.16
N PHE C 34 5.98 -19.12 4.50
CA PHE C 34 7.01 -19.20 3.47
C PHE C 34 6.66 -20.21 2.39
N TYR C 35 6.03 -21.32 2.78
CA TYR C 35 5.82 -22.41 1.84
C TYR C 35 4.72 -22.09 0.82
N GLU C 36 3.65 -21.41 1.24
CA GLU C 36 2.66 -21.00 0.26
C GLU C 36 3.21 -19.95 -0.69
N ILE C 37 3.96 -18.99 -0.20
CA ILE C 37 4.51 -17.99 -1.12
C ILE C 37 5.43 -18.67 -2.13
N GLU C 38 6.30 -19.57 -1.66
CA GLU C 38 7.24 -20.18 -2.60
C GLU C 38 6.54 -21.09 -3.60
N MET C 39 5.56 -21.88 -3.13
CA MET C 39 4.68 -22.58 -4.04
C MET C 39 4.15 -21.64 -5.11
N ARG C 40 3.42 -20.62 -4.70
CA ARG C 40 2.79 -19.76 -5.67
C ARG C 40 3.82 -19.14 -6.60
N LYS C 41 5.02 -18.84 -6.10
CA LYS C 41 6.08 -18.31 -6.96
C LYS C 41 6.51 -19.36 -7.97
N GLN C 42 7.00 -20.51 -7.49
CA GLN C 42 7.52 -21.55 -8.37
C GLN C 42 6.51 -21.94 -9.45
N LEU C 43 5.26 -22.22 -9.05
CA LEU C 43 4.23 -22.51 -10.03
C LEU C 43 4.19 -21.43 -11.11
N GLN C 44 4.19 -20.16 -10.70
CA GLN C 44 4.21 -19.08 -11.67
C GLN C 44 5.36 -19.22 -12.68
N MET C 45 6.56 -19.55 -12.20
CA MET C 45 7.71 -19.65 -13.09
C MET C 45 7.53 -20.77 -14.10
N GLN C 46 7.04 -21.93 -13.65
CA GLN C 46 6.82 -23.03 -14.57
C GLN C 46 5.77 -22.65 -15.60
N GLN C 47 4.65 -22.11 -15.14
CA GLN C 47 3.67 -21.59 -16.08
C GLN C 47 4.31 -20.62 -17.07
N ASP C 48 5.28 -19.84 -16.61
CA ASP C 48 5.85 -18.82 -17.48
C ASP C 48 6.85 -19.45 -18.45
N GLY C 49 7.50 -20.55 -18.04
CA GLY C 49 8.35 -21.28 -18.98
C GLY C 49 7.55 -22.01 -20.04
N ILE C 50 6.40 -22.59 -19.65
CA ILE C 50 5.54 -23.23 -20.63
C ILE C 50 5.02 -22.20 -21.62
N ASN C 51 4.35 -21.16 -21.10
CA ASN C 51 3.69 -20.17 -21.96
C ASN C 51 4.68 -19.40 -22.82
N ASN C 52 5.97 -19.58 -22.62
CA ASN C 52 6.96 -18.99 -23.49
C ASN C 52 7.33 -19.88 -24.67
N MET C 53 6.76 -21.08 -24.75
CA MET C 53 6.98 -21.98 -25.88
C MET C 53 5.82 -21.89 -26.87
N THR C 54 6.13 -22.08 -28.14
CA THR C 54 5.08 -22.28 -29.13
C THR C 54 4.41 -23.62 -28.90
N ILE C 55 3.23 -23.79 -29.50
CA ILE C 55 2.57 -25.08 -29.42
C ILE C 55 3.49 -26.16 -29.97
N PHE C 56 4.08 -25.93 -31.13
CA PHE C 56 4.92 -26.96 -31.73
C PHE C 56 6.08 -27.31 -30.83
N GLU C 57 6.82 -26.30 -30.37
CA GLU C 57 7.95 -26.48 -29.47
C GLU C 57 7.58 -27.36 -28.27
N TRP C 58 6.46 -27.07 -27.63
CA TRP C 58 6.10 -27.76 -26.39
C TRP C 58 5.79 -29.24 -26.65
N LEU C 59 4.94 -29.51 -27.65
CA LEU C 59 4.66 -30.88 -28.05
C LEU C 59 5.93 -31.62 -28.47
N LYS C 60 6.81 -30.95 -29.22
CA LYS C 60 8.06 -31.58 -29.64
C LYS C 60 8.94 -31.94 -28.46
N ASN C 61 8.87 -31.18 -27.37
CA ASN C 61 9.68 -31.51 -26.19
C ASN C 61 9.03 -32.60 -25.37
N ARG C 62 7.71 -32.58 -25.28
CA ARG C 62 7.02 -33.71 -24.67
C ARG C 62 7.37 -35.01 -25.38
N GLU C 63 7.39 -35.00 -26.72
CA GLU C 63 7.75 -36.22 -27.44
C GLU C 63 9.12 -36.74 -27.00
N ASN C 64 10.13 -35.88 -27.04
CA ASN C 64 11.47 -36.34 -26.68
C ASN C 64 11.51 -36.88 -25.27
N PHE C 65 10.79 -36.26 -24.34
CA PHE C 65 10.76 -36.79 -22.99
C PHE C 65 10.10 -38.17 -22.96
N LYS C 66 8.96 -38.32 -23.63
CA LYS C 66 8.31 -39.63 -23.66
C LYS C 66 9.20 -40.68 -24.32
N LYS C 67 9.96 -40.27 -25.34
CA LYS C 67 10.84 -41.21 -26.06
C LYS C 67 12.07 -41.56 -25.23
N TYR C 68 12.78 -40.55 -24.69
CA TYR C 68 14.10 -40.73 -24.10
C TYR C 68 14.16 -40.54 -22.59
N GLY C 69 13.10 -40.01 -21.96
CA GLY C 69 13.15 -39.82 -20.52
C GLY C 69 13.92 -38.57 -20.13
N ARG C 70 14.29 -38.50 -18.86
CA ARG C 70 14.93 -37.31 -18.32
C ARG C 70 16.30 -37.08 -18.95
N ASN C 71 16.44 -35.99 -19.72
CA ASN C 71 17.68 -35.69 -20.44
C ASN C 71 18.89 -35.85 -19.51
N PRO C 72 19.87 -36.67 -19.87
CA PRO C 72 21.06 -36.77 -19.01
C PRO C 72 21.95 -35.53 -19.06
N LYS C 73 22.00 -34.83 -20.19
CA LYS C 73 22.89 -33.68 -20.32
C LYS C 73 22.53 -32.53 -19.40
N SER C 74 21.42 -32.63 -18.67
CA SER C 74 20.92 -31.53 -17.85
C SER C 74 21.27 -31.65 -16.37
N LYS C 75 21.76 -32.80 -15.92
CA LYS C 75 22.29 -32.87 -14.56
C LYS C 75 23.56 -32.04 -14.42
N LYS C 76 24.37 -31.96 -15.47
CA LYS C 76 25.59 -31.16 -15.43
C LYS C 76 25.27 -29.67 -15.55
N ILE C 77 24.18 -29.32 -16.22
CA ILE C 77 23.78 -27.92 -16.26
C ILE C 77 23.36 -27.44 -14.88
N GLN C 78 22.76 -28.31 -14.07
CA GLN C 78 22.43 -27.98 -12.68
C GLN C 78 23.70 -27.79 -11.85
N GLU C 79 24.66 -28.71 -11.98
CA GLU C 79 25.86 -28.61 -11.17
C GLU C 79 26.70 -27.41 -11.58
N ASP C 80 26.79 -27.13 -12.88
CA ASP C 80 27.46 -25.92 -13.32
C ASP C 80 26.77 -24.69 -12.72
N PHE C 81 25.48 -24.55 -12.98
CA PHE C 81 24.72 -23.43 -12.43
C PHE C 81 24.94 -23.30 -10.94
N ARG C 82 24.52 -24.31 -10.17
CA ARG C 82 24.73 -24.31 -8.73
C ARG C 82 26.11 -23.78 -8.38
N ASP C 83 27.16 -24.34 -8.96
CA ASP C 83 28.51 -23.86 -8.67
C ASP C 83 28.66 -22.38 -8.98
N ARG C 84 28.09 -21.91 -10.09
CA ARG C 84 28.09 -20.49 -10.36
C ARG C 84 27.34 -19.73 -9.29
N TYR C 85 26.13 -20.19 -8.96
CA TYR C 85 25.34 -19.58 -7.88
C TYR C 85 26.11 -19.56 -6.57
N ARG C 86 26.88 -20.61 -6.29
CA ARG C 86 27.75 -20.58 -5.14
C ARG C 86 28.76 -19.44 -5.27
N ASN C 87 29.41 -19.33 -6.43
CA ASN C 87 30.44 -18.30 -6.58
C ASN C 87 29.85 -16.92 -6.36
N ALA C 88 28.70 -16.64 -6.95
CA ALA C 88 28.04 -15.36 -6.71
C ALA C 88 27.88 -15.10 -5.21
N LYS C 89 27.20 -16.01 -4.51
CA LYS C 89 26.82 -15.75 -3.12
C LYS C 89 28.04 -15.52 -2.24
N ILE C 90 29.12 -16.26 -2.47
CA ILE C 90 30.36 -15.99 -1.73
C ILE C 90 30.76 -14.54 -1.90
N ASP C 91 30.93 -14.10 -3.14
CA ASP C 91 31.41 -12.74 -3.39
C ASP C 91 30.52 -11.69 -2.75
N GLU C 92 29.21 -11.95 -2.64
CA GLU C 92 28.35 -11.00 -1.94
C GLU C 92 28.68 -10.95 -0.45
N TYR C 93 29.14 -12.07 0.12
CA TYR C 93 29.68 -12.03 1.49
C TYR C 93 30.97 -11.24 1.53
N LEU C 94 31.91 -11.55 0.63
CA LEU C 94 33.18 -10.83 0.61
C LEU C 94 32.97 -9.34 0.35
N LEU C 95 31.83 -8.96 -0.22
CA LEU C 95 31.53 -7.55 -0.41
C LEU C 95 31.31 -6.86 0.93
N LEU C 96 30.41 -7.41 1.76
CA LEU C 96 30.00 -6.75 3.00
C LEU C 96 31.05 -6.83 4.10
N TYR C 97 31.58 -8.03 4.35
CA TYR C 97 32.49 -8.29 5.47
C TYR C 97 33.81 -8.73 4.86
N GLU C 98 34.65 -7.74 4.50
CA GLU C 98 35.82 -8.00 3.67
C GLU C 98 36.83 -8.91 4.38
N ASP C 99 36.98 -8.76 5.70
CA ASP C 99 37.99 -9.50 6.45
C ASP C 99 37.50 -10.84 6.98
N MET C 100 36.21 -11.15 6.84
CA MET C 100 35.68 -12.43 7.29
C MET C 100 36.45 -13.59 6.65
N ASP C 101 36.68 -14.64 7.44
CA ASP C 101 37.42 -15.80 6.97
C ASP C 101 36.69 -16.49 5.81
N ILE C 102 37.43 -16.81 4.75
CA ILE C 102 36.79 -17.41 3.58
C ILE C 102 36.13 -18.73 3.93
N LYS C 103 36.81 -19.58 4.71
CA LYS C 103 36.26 -20.89 5.04
C LYS C 103 34.92 -20.78 5.75
N ALA C 104 34.74 -19.75 6.57
CA ALA C 104 33.45 -19.54 7.23
C ALA C 104 32.37 -19.17 6.21
N ILE C 105 32.70 -18.27 5.28
CA ILE C 105 31.75 -17.91 4.22
C ILE C 105 31.32 -19.16 3.45
N GLU C 106 32.27 -19.99 3.03
CA GLU C 106 31.93 -21.17 2.25
C GLU C 106 30.92 -22.03 2.98
N ALA C 107 31.10 -22.21 4.29
CA ALA C 107 30.17 -23.02 5.08
C ALA C 107 28.79 -22.39 5.15
N MET C 108 28.69 -21.07 5.37
CA MET C 108 27.37 -20.47 5.41
C MET C 108 26.71 -20.49 4.04
N VAL C 109 27.49 -20.27 2.98
CA VAL C 109 26.92 -20.37 1.64
C VAL C 109 26.50 -21.80 1.36
N ASP C 110 27.37 -22.76 1.68
CA ASP C 110 27.05 -24.16 1.45
C ASP C 110 25.90 -24.62 2.34
N SER C 111 25.74 -24.04 3.52
CA SER C 111 24.56 -24.31 4.34
C SER C 111 23.29 -23.82 3.66
N GLU C 112 23.27 -22.54 3.27
CA GLU C 112 22.08 -21.98 2.64
C GLU C 112 21.70 -22.76 1.38
N LEU C 113 22.70 -23.20 0.62
CA LEU C 113 22.49 -23.92 -0.63
C LEU C 113 21.84 -25.29 -0.41
N GLU C 114 21.98 -25.86 0.78
CA GLU C 114 21.50 -27.21 1.05
C GLU C 114 20.01 -27.36 0.74
N GLY C 115 19.22 -26.34 1.07
CA GLY C 115 17.79 -26.36 0.90
C GLY C 115 17.30 -25.75 -0.38
N LEU C 116 18.19 -25.40 -1.30
CA LEU C 116 17.82 -24.84 -2.57
C LEU C 116 18.03 -25.85 -3.68
N ALA C 117 17.28 -25.67 -4.77
CA ALA C 117 17.27 -26.58 -5.90
C ALA C 117 17.21 -25.78 -7.18
N ALA C 118 18.14 -26.04 -8.10
CA ALA C 118 18.08 -25.41 -9.41
C ALA C 118 16.73 -25.70 -10.07
N LEU C 119 15.98 -24.64 -10.36
CA LEU C 119 14.62 -24.81 -10.86
C LEU C 119 14.63 -24.97 -12.37
N ALA C 120 14.23 -26.15 -12.84
CA ALA C 120 13.93 -26.34 -14.25
C ALA C 120 12.56 -25.72 -14.52
N ASN C 121 12.52 -24.64 -15.29
CA ASN C 121 11.25 -23.99 -15.62
C ASN C 121 10.95 -24.19 -17.11
N PRO C 122 9.99 -25.06 -17.49
CA PRO C 122 9.22 -26.00 -16.67
C PRO C 122 9.96 -27.28 -16.31
N ALA C 123 9.30 -28.15 -15.56
CA ALA C 123 9.86 -29.47 -15.32
C ALA C 123 9.97 -30.24 -16.63
N GLN C 124 10.97 -31.11 -16.73
CA GLN C 124 11.19 -31.81 -17.99
C GLN C 124 9.94 -32.56 -18.42
N ILE C 125 9.29 -33.26 -17.50
CA ILE C 125 8.08 -34.00 -17.85
C ILE C 125 7.01 -33.08 -18.45
N ALA C 126 7.12 -31.77 -18.25
CA ALA C 126 6.09 -30.85 -18.71
C ALA C 126 6.60 -29.92 -19.82
N GLY C 127 7.66 -30.30 -20.51
CA GLY C 127 8.10 -29.51 -21.64
C GLY C 127 9.49 -28.93 -21.47
N GLY C 128 10.20 -29.35 -20.43
CA GLY C 128 11.52 -28.83 -20.17
C GLY C 128 12.65 -29.78 -20.54
N TYR C 129 12.44 -30.62 -21.56
CA TYR C 129 13.49 -31.56 -21.98
C TYR C 129 14.79 -30.81 -22.28
N VAL C 130 14.71 -29.77 -23.10
CA VAL C 130 15.73 -28.74 -23.16
C VAL C 130 15.33 -27.65 -22.17
N ASP C 131 16.30 -27.14 -21.41
CA ASP C 131 15.97 -26.14 -20.41
C ASP C 131 17.19 -25.34 -20.00
N VAL C 132 17.07 -24.02 -20.08
CA VAL C 132 17.96 -23.10 -19.40
C VAL C 132 17.66 -23.14 -17.91
N VAL C 133 18.71 -23.03 -17.09
CA VAL C 133 18.57 -23.04 -15.64
C VAL C 133 19.25 -21.80 -15.08
N THR C 134 18.46 -20.92 -14.43
CA THR C 134 19.00 -19.64 -14.01
C THR C 134 18.42 -19.14 -12.70
N GLN C 135 17.83 -20.00 -11.88
CA GLN C 135 17.39 -19.53 -10.58
C GLN C 135 17.19 -20.70 -9.63
N MET C 136 17.12 -20.36 -8.35
CA MET C 136 17.04 -21.30 -7.26
C MET C 136 15.68 -21.18 -6.59
N GLY C 137 15.31 -22.22 -5.85
CA GLY C 137 14.06 -22.20 -5.13
C GLY C 137 14.13 -23.27 -4.07
N ASN C 138 13.06 -23.36 -3.30
CA ASN C 138 13.05 -24.32 -2.20
C ASN C 138 13.07 -25.74 -2.74
N LYS C 139 14.03 -26.54 -2.30
CA LYS C 139 14.07 -27.93 -2.75
C LYS C 139 12.74 -28.62 -2.43
N ARG C 140 12.28 -28.51 -1.19
CA ARG C 140 11.03 -29.16 -0.82
C ARG C 140 9.91 -28.80 -1.80
N ILE C 141 9.62 -27.50 -1.92
CA ILE C 141 8.50 -27.07 -2.75
C ILE C 141 8.70 -27.53 -4.19
N ASN C 142 9.95 -27.49 -4.67
CA ASN C 142 10.21 -27.91 -6.04
C ASN C 142 9.90 -29.39 -6.23
N SER C 143 10.27 -30.21 -5.26
CA SER C 143 9.97 -31.64 -5.32
C SER C 143 8.47 -31.88 -5.34
N SER C 144 7.71 -31.15 -4.51
CA SER C 144 6.28 -31.36 -4.50
C SER C 144 5.70 -31.09 -5.88
N ILE C 145 6.11 -29.99 -6.50
CA ILE C 145 5.55 -29.69 -7.82
C ILE C 145 5.93 -30.78 -8.80
N GLY C 146 7.16 -31.32 -8.69
CA GLY C 146 7.57 -32.40 -9.59
C GLY C 146 6.72 -33.66 -9.44
N SER C 147 6.57 -34.13 -8.21
CA SER C 147 5.69 -35.27 -8.02
C SER C 147 4.26 -34.96 -8.47
N GLN C 148 3.81 -33.73 -8.28
CA GLN C 148 2.44 -33.39 -8.65
C GLN C 148 2.25 -33.32 -10.16
N TRP C 149 3.34 -33.26 -10.92
CA TRP C 149 3.22 -33.28 -12.38
C TRP C 149 2.76 -34.64 -12.87
N GLY C 150 2.86 -35.67 -12.02
CA GLY C 150 2.48 -37.01 -12.40
C GLY C 150 3.58 -37.73 -13.16
N SER C 151 3.18 -38.81 -13.83
CA SER C 151 4.05 -39.59 -14.70
C SER C 151 3.65 -39.35 -16.15
N ILE C 152 4.34 -40.05 -17.05
CA ILE C 152 4.00 -39.98 -18.47
C ILE C 152 2.62 -40.57 -18.70
N GLU C 153 2.38 -41.76 -18.17
CA GLU C 153 1.15 -42.49 -18.43
C GLU C 153 -0.05 -41.98 -17.64
N LYS C 154 0.15 -41.03 -16.71
CA LYS C 154 -0.97 -40.55 -15.91
C LYS C 154 -0.59 -39.24 -15.26
N GLY C 155 -1.55 -38.33 -15.16
CA GLY C 155 -1.37 -37.18 -14.30
C GLY C 155 -1.56 -35.84 -14.99
N ARG C 156 -1.12 -34.80 -14.28
CA ARG C 156 -1.38 -33.43 -14.69
C ARG C 156 -0.65 -33.06 -15.97
N SER C 157 0.61 -33.47 -16.11
CA SER C 157 1.30 -33.25 -17.36
C SER C 157 0.49 -33.81 -18.52
N LEU C 158 -0.15 -34.97 -18.31
CA LEU C 158 -0.91 -35.60 -19.39
C LEU C 158 -2.15 -34.79 -19.73
N ASN C 159 -2.92 -34.42 -18.71
CA ASN C 159 -4.18 -33.73 -18.95
C ASN C 159 -3.96 -32.43 -19.73
N ILE C 160 -2.86 -31.73 -19.47
CA ILE C 160 -2.51 -30.58 -20.28
C ILE C 160 -2.36 -31.01 -21.74
N GLU C 161 -1.50 -31.99 -22.01
CA GLU C 161 -1.27 -32.41 -23.40
C GLU C 161 -2.58 -32.78 -24.09
N ASN C 162 -3.41 -33.59 -23.45
CA ASN C 162 -4.65 -34.03 -24.09
C ASN C 162 -5.57 -32.85 -24.38
N GLU C 163 -5.74 -31.96 -23.41
CA GLU C 163 -6.48 -30.74 -23.66
C GLU C 163 -5.87 -29.96 -24.82
N LEU C 164 -4.54 -29.91 -24.89
CA LEU C 164 -3.90 -29.17 -25.98
C LEU C 164 -4.22 -29.79 -27.33
N LEU C 165 -4.24 -31.12 -27.40
CA LEU C 165 -4.59 -31.79 -28.66
C LEU C 165 -6.04 -31.55 -29.03
N LYS C 166 -6.95 -31.66 -28.06
CA LYS C 166 -8.35 -31.31 -28.33
C LYS C 166 -8.45 -29.92 -28.94
N LEU C 167 -7.64 -28.98 -28.45
CA LEU C 167 -7.77 -27.59 -28.87
C LEU C 167 -7.21 -27.35 -30.27
N ILE C 168 -6.13 -28.04 -30.64
CA ILE C 168 -5.54 -27.82 -31.96
C ILE C 168 -6.21 -28.63 -33.04
N THR C 169 -7.21 -29.45 -32.69
CA THR C 169 -8.03 -30.15 -33.65
C THR C 169 -9.46 -29.62 -33.71
N ASP C 170 -9.90 -28.88 -32.70
CA ASP C 170 -11.16 -28.17 -32.79
C ASP C 170 -11.20 -27.42 -34.11
N PRO C 171 -12.28 -27.53 -34.88
CA PRO C 171 -12.33 -26.86 -36.20
C PRO C 171 -12.45 -25.37 -36.01
N PRO C 172 -11.65 -24.56 -36.74
CA PRO C 172 -10.68 -25.00 -37.75
C PRO C 172 -9.31 -25.41 -37.18
N PRO C 173 -8.95 -26.68 -37.33
CA PRO C 173 -7.69 -27.17 -36.76
C PRO C 173 -6.54 -26.21 -36.92
N ILE C 174 -5.82 -25.97 -35.83
CA ILE C 174 -4.59 -25.21 -35.87
C ILE C 174 -3.60 -26.00 -36.72
N THR C 175 -3.25 -25.44 -37.86
CA THR C 175 -2.34 -26.12 -38.78
C THR C 175 -0.94 -26.16 -38.18
N GLU C 176 -0.11 -27.07 -38.71
CA GLU C 176 1.23 -27.20 -38.17
C GLU C 176 2.05 -25.94 -38.36
N GLU C 177 1.85 -25.22 -39.47
CA GLU C 177 2.57 -23.96 -39.66
C GLU C 177 2.23 -22.98 -38.55
N GLU C 178 0.97 -22.95 -38.11
CA GLU C 178 0.55 -22.00 -37.08
C GLU C 178 1.02 -22.40 -35.69
N GLN C 179 1.10 -23.71 -35.42
CA GLN C 179 1.63 -24.17 -34.14
C GLN C 179 3.04 -23.62 -33.92
N LYS C 180 3.84 -23.52 -34.98
CA LYS C 180 5.19 -22.99 -34.86
C LYS C 180 5.20 -21.49 -34.54
N LYS C 181 4.04 -20.83 -34.52
CA LYS C 181 3.96 -19.39 -34.26
C LYS C 181 2.88 -19.03 -33.26
N ILE C 182 2.31 -19.98 -32.54
CA ILE C 182 1.34 -19.70 -31.48
C ILE C 182 1.89 -20.22 -30.16
N LYS C 183 1.83 -19.38 -29.12
CA LYS C 183 2.40 -19.76 -27.84
C LYS C 183 1.38 -20.52 -27.02
N MET C 184 1.89 -21.44 -26.20
CA MET C 184 1.06 -22.10 -25.21
C MET C 184 0.44 -21.08 -24.26
N ASN C 185 -0.67 -21.49 -23.66
CA ASN C 185 -1.47 -20.63 -22.79
C ASN C 185 -2.10 -21.54 -21.72
N VAL C 186 -1.27 -21.89 -20.74
CA VAL C 186 -1.73 -22.72 -19.62
C VAL C 186 -1.74 -21.86 -18.37
N ASN C 187 -2.53 -22.30 -17.38
CA ASN C 187 -2.64 -21.63 -16.09
C ASN C 187 -2.49 -22.67 -14.99
N LEU C 188 -1.34 -22.65 -14.32
CA LEU C 188 -1.08 -23.56 -13.21
C LEU C 188 -1.35 -22.95 -11.85
N VAL C 189 -1.61 -21.64 -11.80
CA VAL C 189 -1.55 -20.89 -10.56
C VAL C 189 -2.93 -20.63 -9.98
N GLU C 190 -3.93 -20.55 -10.84
CA GLU C 190 -5.21 -19.97 -10.41
C GLU C 190 -5.79 -20.71 -9.22
N ASN C 191 -6.18 -21.97 -9.41
CA ASN C 191 -7.03 -22.63 -8.42
C ASN C 191 -6.24 -23.46 -7.43
N LEU C 192 -5.12 -22.93 -6.93
CA LEU C 192 -4.27 -23.70 -6.03
C LEU C 192 -5.07 -24.13 -4.81
N GLU C 193 -5.10 -25.43 -4.56
CA GLU C 193 -5.94 -25.98 -3.49
C GLU C 193 -5.20 -26.00 -2.17
N ILE C 194 -5.88 -25.52 -1.13
CA ILE C 194 -5.38 -25.54 0.25
C ILE C 194 -6.16 -26.63 0.98
N VAL C 195 -5.52 -27.78 1.17
CA VAL C 195 -6.18 -28.98 1.67
C VAL C 195 -7.01 -28.68 2.91
N SER D 13 -26.97 20.33 -30.28
CA SER D 13 -25.66 20.96 -30.34
C SER D 13 -25.79 22.49 -30.42
N LEU D 14 -24.99 23.20 -29.62
CA LEU D 14 -25.00 24.66 -29.58
C LEU D 14 -23.77 25.23 -30.28
N SER D 15 -23.72 26.55 -30.38
CA SER D 15 -22.58 27.24 -30.96
C SER D 15 -21.58 27.62 -29.88
N VAL D 16 -20.29 27.42 -30.18
CA VAL D 16 -19.27 27.52 -29.15
C VAL D 16 -19.21 28.92 -28.55
N ILE D 17 -19.00 28.97 -27.24
CA ILE D 17 -18.79 30.20 -26.50
C ILE D 17 -17.31 30.24 -26.15
N PHE D 18 -16.58 31.17 -26.74
CA PHE D 18 -15.18 31.33 -26.42
C PHE D 18 -15.04 32.33 -25.28
N VAL D 19 -14.21 31.99 -24.30
CA VAL D 19 -14.09 32.84 -23.12
C VAL D 19 -13.56 34.19 -23.53
N LYS D 20 -14.12 35.25 -22.95
CA LYS D 20 -13.74 36.62 -23.27
C LYS D 20 -13.55 37.43 -22.00
N PRO D 21 -12.39 38.08 -21.80
CA PRO D 21 -11.20 37.96 -22.64
C PRO D 21 -10.62 36.56 -22.53
N PRO D 22 -9.59 36.25 -23.33
CA PRO D 22 -8.94 34.95 -23.18
C PRO D 22 -8.09 34.90 -21.92
N PHE D 23 -7.95 33.69 -21.37
CA PHE D 23 -7.00 33.49 -20.29
C PHE D 23 -5.58 33.82 -20.76
N GLN D 24 -4.71 34.17 -19.82
CA GLN D 24 -3.34 34.52 -20.18
C GLN D 24 -2.32 33.82 -19.29
N LEU D 25 -1.25 33.34 -19.92
CA LEU D 25 -0.04 32.95 -19.20
C LEU D 25 0.78 34.21 -18.92
N LYS D 26 0.98 34.53 -17.65
CA LYS D 26 1.62 35.78 -17.28
C LYS D 26 3.14 35.63 -17.21
N LYS D 27 3.81 36.71 -16.85
CA LYS D 27 5.28 36.78 -16.91
C LYS D 27 5.93 35.75 -15.98
N LYS D 28 5.53 35.75 -14.71
CA LYS D 28 6.15 34.86 -13.74
C LYS D 28 6.08 33.39 -14.16
N PHE D 29 5.17 33.05 -15.08
CA PHE D 29 4.98 31.66 -15.50
C PHE D 29 5.65 31.33 -16.82
N GLN D 30 6.36 32.26 -17.43
CA GLN D 30 7.04 32.00 -18.69
C GLN D 30 8.46 31.52 -18.51
N LYS D 31 8.96 31.44 -17.29
CA LYS D 31 10.36 31.08 -17.10
C LYS D 31 10.62 29.60 -17.46
N ASP D 32 9.86 28.63 -16.95
CA ASP D 32 10.12 27.29 -17.46
C ASP D 32 8.89 26.77 -18.20
N PRO D 33 9.09 25.93 -19.22
CA PRO D 33 7.98 25.58 -20.13
C PRO D 33 6.91 24.71 -19.51
N PHE D 34 7.12 24.22 -18.29
CA PHE D 34 6.14 23.35 -17.66
C PHE D 34 4.84 24.11 -17.39
N TYR D 35 4.94 25.37 -17.00
CA TYR D 35 3.74 26.14 -16.71
C TYR D 35 2.85 26.27 -17.93
N GLU D 36 3.42 26.55 -19.10
CA GLU D 36 2.59 26.65 -20.29
C GLU D 36 1.84 25.35 -20.56
N ILE D 37 2.52 24.22 -20.44
CA ILE D 37 1.83 22.94 -20.60
C ILE D 37 0.77 22.77 -19.53
N GLU D 38 1.18 22.93 -18.26
CA GLU D 38 0.22 22.78 -17.17
C GLU D 38 -0.98 23.71 -17.34
N MET D 39 -0.73 24.95 -17.77
CA MET D 39 -1.80 25.89 -18.04
C MET D 39 -2.86 25.31 -18.99
N ARG D 40 -2.43 24.69 -20.08
CA ARG D 40 -3.42 24.15 -21.02
C ARG D 40 -4.10 22.91 -20.46
N LYS D 41 -3.32 22.03 -19.81
CA LYS D 41 -3.89 20.87 -19.14
C LYS D 41 -5.07 21.26 -18.25
N GLN D 42 -4.85 22.22 -17.35
CA GLN D 42 -5.89 22.58 -16.39
C GLN D 42 -7.06 23.26 -17.09
N LEU D 43 -6.77 24.25 -17.94
CA LEU D 43 -7.84 24.88 -18.70
C LEU D 43 -8.65 23.83 -19.46
N GLN D 44 -7.98 22.84 -20.05
CA GLN D 44 -8.69 21.77 -20.74
C GLN D 44 -9.61 21.03 -19.78
N MET D 45 -9.14 20.76 -18.55
CA MET D 45 -9.98 20.03 -17.62
C MET D 45 -11.16 20.87 -17.16
N GLN D 46 -10.96 22.17 -16.97
CA GLN D 46 -12.07 23.06 -16.62
C GLN D 46 -13.02 23.22 -17.80
N GLN D 47 -12.48 23.25 -19.02
CA GLN D 47 -13.35 23.22 -20.19
C GLN D 47 -14.18 21.95 -20.21
N ASP D 48 -13.54 20.80 -19.94
CA ASP D 48 -14.26 19.54 -19.98
C ASP D 48 -15.29 19.44 -18.87
N GLY D 49 -14.94 19.91 -17.67
CA GLY D 49 -15.95 20.02 -16.61
C GLY D 49 -17.20 20.73 -17.09
N ILE D 50 -17.04 21.88 -17.75
CA ILE D 50 -18.20 22.68 -18.12
C ILE D 50 -19.01 21.99 -19.22
N ASN D 51 -18.36 21.58 -20.30
CA ASN D 51 -19.06 20.95 -21.41
C ASN D 51 -19.74 19.64 -21.00
N ASN D 52 -19.48 19.15 -19.79
CA ASN D 52 -20.10 17.94 -19.28
C ASN D 52 -21.55 18.16 -18.87
N MET D 53 -21.91 19.40 -18.56
CA MET D 53 -23.19 19.72 -17.96
C MET D 53 -24.15 20.26 -19.00
N THR D 54 -25.45 20.14 -18.70
CA THR D 54 -26.46 20.73 -19.57
C THR D 54 -26.47 22.25 -19.41
N ILE D 55 -27.26 22.91 -20.26
CA ILE D 55 -27.42 24.35 -20.10
C ILE D 55 -28.07 24.67 -18.76
N PHE D 56 -29.18 23.99 -18.48
CA PHE D 56 -29.89 24.21 -17.22
C PHE D 56 -28.99 23.92 -16.02
N GLU D 57 -28.30 22.77 -16.05
CA GLU D 57 -27.37 22.40 -15.01
C GLU D 57 -26.39 23.53 -14.71
N TRP D 58 -25.75 24.05 -15.77
CA TRP D 58 -24.72 25.07 -15.56
C TRP D 58 -25.31 26.37 -15.05
N LEU D 59 -26.48 26.76 -15.56
CA LEU D 59 -27.08 28.01 -15.09
C LEU D 59 -27.47 27.91 -13.62
N LYS D 60 -28.14 26.82 -13.24
CA LYS D 60 -28.57 26.64 -11.85
C LYS D 60 -27.39 26.69 -10.89
N ASN D 61 -26.27 26.04 -11.25
CA ASN D 61 -25.08 26.11 -10.41
C ASN D 61 -24.60 27.55 -10.24
N ARG D 62 -24.45 28.28 -11.36
CA ARG D 62 -24.07 29.69 -11.25
C ARG D 62 -25.04 30.42 -10.33
N GLU D 63 -26.34 30.26 -10.59
CA GLU D 63 -27.32 30.93 -9.76
C GLU D 63 -27.18 30.53 -8.30
N ASN D 64 -27.19 29.21 -8.03
CA ASN D 64 -26.99 28.74 -6.66
C ASN D 64 -25.75 29.36 -6.05
N PHE D 65 -24.67 29.47 -6.83
CA PHE D 65 -23.45 30.05 -6.29
C PHE D 65 -23.65 31.50 -5.90
N LYS D 66 -24.29 32.29 -6.77
CA LYS D 66 -24.57 33.68 -6.43
C LYS D 66 -25.47 33.77 -5.20
N LYS D 67 -26.59 33.06 -5.21
CA LYS D 67 -27.56 33.19 -4.13
C LYS D 67 -27.01 32.69 -2.80
N TYR D 68 -26.43 31.48 -2.78
CA TYR D 68 -26.13 30.80 -1.52
C TYR D 68 -24.65 30.78 -1.17
N GLY D 69 -23.77 31.23 -2.05
CA GLY D 69 -22.34 31.23 -1.75
C GLY D 69 -21.74 29.85 -1.89
N ARG D 70 -20.42 29.81 -1.68
CA ARG D 70 -19.64 28.58 -1.80
C ARG D 70 -20.35 27.40 -1.15
N ASN D 71 -20.37 26.27 -1.85
CA ASN D 71 -20.79 25.01 -1.23
C ASN D 71 -19.81 24.67 -0.11
N PRO D 72 -20.25 24.63 1.15
CA PRO D 72 -19.29 24.47 2.25
C PRO D 72 -18.70 23.07 2.32
N LYS D 73 -19.34 22.08 1.70
CA LYS D 73 -18.87 20.72 1.79
C LYS D 73 -17.94 20.33 0.66
N SER D 74 -18.01 20.99 -0.49
CA SER D 74 -17.02 20.70 -1.52
C SER D 74 -15.61 21.07 -1.08
N LYS D 75 -15.48 21.89 -0.04
CA LYS D 75 -14.15 22.18 0.50
C LYS D 75 -13.63 21.07 1.40
N LYS D 76 -14.52 20.41 2.14
CA LYS D 76 -14.06 19.27 2.94
C LYS D 76 -13.70 18.09 2.05
N ILE D 77 -14.37 17.95 0.91
CA ILE D 77 -14.07 16.89 -0.04
C ILE D 77 -12.68 17.08 -0.63
N GLN D 78 -12.29 18.32 -0.89
CA GLN D 78 -10.92 18.59 -1.36
C GLN D 78 -9.91 18.23 -0.29
N GLU D 79 -10.11 18.74 0.94
CA GLU D 79 -9.22 18.40 2.05
C GLU D 79 -9.10 16.89 2.24
N ASP D 80 -10.20 16.17 2.05
CA ASP D 80 -10.17 14.72 2.27
C ASP D 80 -9.41 14.00 1.16
N PHE D 81 -9.57 14.45 -0.08
CA PHE D 81 -8.78 13.86 -1.16
C PHE D 81 -7.30 14.09 -0.92
N ARG D 82 -6.94 15.31 -0.51
CA ARG D 82 -5.58 15.58 -0.09
C ARG D 82 -5.00 14.44 0.73
N ASP D 83 -5.69 14.08 1.80
CA ASP D 83 -5.11 13.15 2.75
C ASP D 83 -5.04 11.74 2.17
N ARG D 84 -6.06 11.33 1.41
CA ARG D 84 -5.98 10.04 0.71
C ARG D 84 -4.80 10.05 -0.25
N TYR D 85 -4.78 11.04 -1.15
CA TYR D 85 -3.72 11.14 -2.14
C TYR D 85 -2.34 11.16 -1.47
N ARG D 86 -2.18 11.91 -0.39
CA ARG D 86 -0.89 11.94 0.30
C ARG D 86 -0.45 10.54 0.64
N ASN D 87 -1.37 9.70 1.12
CA ASN D 87 -1.02 8.36 1.57
C ASN D 87 -0.82 7.41 0.40
N ALA D 88 -1.72 7.46 -0.59
CA ALA D 88 -1.57 6.64 -1.80
C ALA D 88 -0.26 6.91 -2.52
N LYS D 89 0.19 8.17 -2.55
CA LYS D 89 1.48 8.44 -3.17
C LYS D 89 2.62 7.85 -2.36
N ILE D 90 2.49 7.85 -1.04
CA ILE D 90 3.50 7.22 -0.18
C ILE D 90 3.60 5.74 -0.51
N ASP D 91 2.45 5.05 -0.55
CA ASP D 91 2.44 3.63 -0.88
C ASP D 91 3.04 3.39 -2.27
N GLU D 92 2.66 4.21 -3.25
CA GLU D 92 3.24 4.04 -4.58
C GLU D 92 4.76 4.13 -4.53
N TYR D 93 5.30 5.16 -3.89
CA TYR D 93 6.76 5.34 -3.87
C TYR D 93 7.46 4.23 -3.08
N LEU D 94 6.85 3.77 -1.98
CA LEU D 94 7.46 2.68 -1.22
C LEU D 94 7.72 1.48 -2.12
N LEU D 95 6.71 1.09 -2.90
CA LEU D 95 6.83 -0.08 -3.77
C LEU D 95 7.74 0.23 -4.96
N LEU D 96 7.38 1.26 -5.73
CA LEU D 96 8.08 1.54 -6.98
C LEU D 96 9.59 1.61 -6.81
N TYR D 97 10.06 2.48 -5.91
CA TYR D 97 11.48 2.60 -5.56
C TYR D 97 11.69 1.89 -4.23
N GLU D 98 12.09 0.62 -4.28
CA GLU D 98 12.12 -0.21 -3.08
C GLU D 98 12.86 0.46 -1.93
N ASP D 99 12.21 1.43 -1.29
CA ASP D 99 12.83 2.27 -0.26
C ASP D 99 11.90 2.23 0.94
N MET D 100 12.36 1.67 2.07
CA MET D 100 11.49 1.47 3.22
C MET D 100 11.61 2.56 4.27
N ASP D 101 12.44 3.57 4.04
CA ASP D 101 12.49 4.75 4.90
C ASP D 101 11.19 5.53 4.71
N ILE D 102 10.12 5.07 5.37
CA ILE D 102 8.82 5.70 5.18
C ILE D 102 8.85 7.16 5.59
N LYS D 103 9.75 7.53 6.51
CA LYS D 103 9.82 8.93 6.91
C LYS D 103 10.42 9.78 5.80
N ALA D 104 11.44 9.25 5.10
CA ALA D 104 12.00 9.97 3.97
C ALA D 104 10.98 10.12 2.86
N ILE D 105 10.26 9.04 2.55
CA ILE D 105 9.21 9.11 1.53
C ILE D 105 8.10 10.07 1.97
N GLU D 106 7.69 9.97 3.23
CA GLU D 106 6.77 10.94 3.80
C GLU D 106 7.23 12.37 3.53
N ALA D 107 8.49 12.68 3.88
CA ALA D 107 9.01 14.02 3.65
C ALA D 107 8.84 14.41 2.20
N MET D 108 9.24 13.53 1.29
CA MET D 108 9.25 13.86 -0.13
C MET D 108 7.84 14.12 -0.65
N VAL D 109 6.90 13.20 -0.42
CA VAL D 109 5.54 13.41 -0.91
C VAL D 109 4.96 14.68 -0.32
N ASP D 110 5.36 15.04 0.89
CA ASP D 110 4.83 16.27 1.49
C ASP D 110 5.40 17.49 0.79
N SER D 111 6.69 17.43 0.44
CA SER D 111 7.30 18.47 -0.38
C SER D 111 6.49 18.69 -1.65
N GLU D 112 6.19 17.59 -2.36
CA GLU D 112 5.41 17.67 -3.59
C GLU D 112 4.03 18.27 -3.33
N LEU D 113 3.28 17.67 -2.40
CA LEU D 113 1.94 18.17 -2.11
C LEU D 113 1.91 19.65 -1.84
N GLU D 114 2.99 20.21 -1.28
CA GLU D 114 3.02 21.65 -0.98
C GLU D 114 2.65 22.47 -2.21
N GLY D 115 3.30 22.19 -3.34
CA GLY D 115 3.03 22.84 -4.61
C GLY D 115 1.85 22.32 -5.40
N LEU D 116 1.03 21.45 -4.83
CA LEU D 116 -0.07 20.83 -5.55
C LEU D 116 -1.42 21.20 -4.95
N ALA D 117 -2.43 21.19 -5.80
CA ALA D 117 -3.78 21.58 -5.43
C ALA D 117 -4.74 20.52 -5.93
N ALA D 118 -5.77 20.24 -5.13
CA ALA D 118 -6.84 19.35 -5.55
C ALA D 118 -7.78 20.13 -6.47
N LEU D 119 -7.93 19.66 -7.70
CA LEU D 119 -8.55 20.43 -8.76
C LEU D 119 -10.06 20.23 -8.76
N ALA D 120 -10.81 21.32 -8.62
CA ALA D 120 -12.24 21.33 -8.90
C ALA D 120 -12.40 21.76 -10.35
N ASN D 121 -12.84 20.84 -11.19
CA ASN D 121 -13.08 21.15 -12.60
C ASN D 121 -14.57 21.13 -12.86
N PRO D 122 -15.21 22.29 -13.08
CA PRO D 122 -14.51 23.58 -13.03
C PRO D 122 -14.71 24.28 -11.69
N ALA D 123 -13.99 25.37 -11.45
CA ALA D 123 -14.10 26.13 -10.21
C ALA D 123 -15.55 26.41 -9.88
N GLN D 124 -15.84 26.70 -8.60
CA GLN D 124 -17.22 26.93 -8.19
C GLN D 124 -17.83 28.13 -8.91
N ILE D 125 -17.05 29.21 -9.04
CA ILE D 125 -17.58 30.39 -9.70
C ILE D 125 -17.80 30.18 -11.19
N ALA D 126 -17.26 29.10 -11.77
CA ALA D 126 -17.48 28.76 -13.17
C ALA D 126 -18.60 27.74 -13.34
N GLY D 127 -19.48 27.60 -12.34
CA GLY D 127 -20.56 26.65 -12.42
C GLY D 127 -20.24 25.24 -11.97
N GLY D 128 -19.19 25.04 -11.18
CA GLY D 128 -18.93 23.74 -10.63
C GLY D 128 -19.36 23.64 -9.17
N TYR D 129 -20.67 23.70 -8.91
CA TYR D 129 -21.17 23.76 -7.54
C TYR D 129 -20.93 22.43 -6.82
N VAL D 130 -21.56 21.37 -7.31
CA VAL D 130 -21.32 20.02 -6.83
C VAL D 130 -20.19 19.44 -7.67
N ASP D 131 -19.03 19.24 -7.05
CA ASP D 131 -17.88 18.68 -7.74
C ASP D 131 -17.33 17.52 -6.92
N VAL D 132 -16.85 16.49 -7.63
CA VAL D 132 -16.25 15.32 -7.00
C VAL D 132 -14.79 15.30 -7.40
N VAL D 133 -13.90 15.35 -6.42
CA VAL D 133 -12.50 15.62 -6.67
C VAL D 133 -11.75 14.34 -6.93
N THR D 134 -10.89 14.37 -7.95
CA THR D 134 -10.23 13.18 -8.45
C THR D 134 -8.79 13.41 -8.89
N GLN D 135 -8.35 14.65 -9.15
CA GLN D 135 -7.00 14.90 -9.62
C GLN D 135 -6.36 16.05 -8.87
N MET D 136 -5.04 16.10 -8.95
CA MET D 136 -4.30 17.23 -8.42
C MET D 136 -3.55 17.91 -9.56
N GLY D 137 -3.30 19.20 -9.38
CA GLY D 137 -2.62 19.99 -10.40
C GLY D 137 -1.81 21.07 -9.73
N ASN D 138 -0.89 21.64 -10.49
CA ASN D 138 0.00 22.66 -9.95
C ASN D 138 -0.80 23.76 -9.26
N LYS D 139 -0.47 23.99 -7.98
CA LYS D 139 -1.27 24.89 -7.14
C LYS D 139 -1.31 26.31 -7.71
N ARG D 140 -0.15 26.84 -8.13
CA ARG D 140 -0.08 28.21 -8.64
C ARG D 140 -0.95 28.39 -9.90
N ILE D 141 -0.95 27.38 -10.79
CA ILE D 141 -1.76 27.48 -12.01
C ILE D 141 -3.24 27.45 -11.66
N ASN D 142 -3.66 26.48 -10.85
CA ASN D 142 -5.04 26.45 -10.38
C ASN D 142 -5.43 27.79 -9.77
N SER D 143 -4.50 28.42 -9.04
CA SER D 143 -4.75 29.74 -8.45
C SER D 143 -4.89 30.81 -9.52
N SER D 144 -4.00 30.82 -10.52
CA SER D 144 -4.10 31.80 -11.60
C SER D 144 -5.44 31.66 -12.33
N ILE D 145 -5.77 30.44 -12.74
CA ILE D 145 -7.03 30.23 -13.44
C ILE D 145 -8.19 30.67 -12.58
N GLY D 146 -8.11 30.42 -11.28
CA GLY D 146 -9.23 30.72 -10.40
C GLY D 146 -9.47 32.21 -10.26
N SER D 147 -8.38 32.96 -10.04
CA SER D 147 -8.52 34.41 -10.01
C SER D 147 -8.89 34.97 -11.38
N GLN D 148 -8.42 34.36 -12.46
CA GLN D 148 -8.77 34.82 -13.80
C GLN D 148 -10.24 34.62 -14.11
N TRP D 149 -10.93 33.74 -13.38
CA TRP D 149 -12.36 33.55 -13.58
C TRP D 149 -13.16 34.80 -13.23
N GLY D 150 -12.57 35.75 -12.52
CA GLY D 150 -13.22 37.00 -12.22
C GLY D 150 -14.03 36.96 -10.95
N SER D 151 -14.82 38.02 -10.77
CA SER D 151 -15.73 38.11 -9.66
C SER D 151 -17.15 37.80 -10.12
N ILE D 152 -18.09 37.83 -9.17
CA ILE D 152 -19.49 37.62 -9.49
C ILE D 152 -20.03 38.73 -10.38
N GLU D 153 -19.37 39.89 -10.41
CA GLU D 153 -19.89 41.06 -11.11
C GLU D 153 -19.11 41.42 -12.37
N LYS D 154 -17.98 40.76 -12.63
CA LYS D 154 -16.97 41.31 -13.52
C LYS D 154 -15.92 40.25 -13.81
N GLY D 155 -15.94 39.68 -15.01
CA GLY D 155 -14.86 38.79 -15.41
C GLY D 155 -15.32 37.74 -16.39
N ARG D 156 -14.41 36.78 -16.63
CA ARG D 156 -14.59 35.82 -17.72
C ARG D 156 -15.77 34.89 -17.47
N SER D 157 -16.02 34.50 -16.22
CA SER D 157 -17.15 33.62 -15.94
C SER D 157 -18.48 34.32 -16.18
N LEU D 158 -18.53 35.64 -16.04
CA LEU D 158 -19.76 36.38 -16.34
C LEU D 158 -20.00 36.46 -17.84
N ASN D 159 -18.94 36.72 -18.63
CA ASN D 159 -19.11 36.86 -20.08
C ASN D 159 -19.61 35.55 -20.69
N ILE D 160 -19.24 34.41 -20.13
CA ILE D 160 -19.81 33.14 -20.58
C ILE D 160 -21.30 33.11 -20.28
N GLU D 161 -21.65 33.46 -19.03
CA GLU D 161 -23.06 33.48 -18.65
C GLU D 161 -23.87 34.35 -19.60
N ASN D 162 -23.37 35.55 -19.91
CA ASN D 162 -24.14 36.50 -20.71
C ASN D 162 -24.24 36.07 -22.16
N GLU D 163 -23.13 35.61 -22.75
CA GLU D 163 -23.21 35.05 -24.10
C GLU D 163 -24.24 33.93 -24.15
N LEU D 164 -24.18 33.03 -23.16
CA LEU D 164 -25.13 31.92 -23.13
C LEU D 164 -26.55 32.40 -22.88
N LEU D 165 -26.72 33.43 -22.05
CA LEU D 165 -28.06 33.94 -21.78
C LEU D 165 -28.69 34.55 -23.03
N LYS D 166 -27.91 35.33 -23.80
CA LYS D 166 -28.42 35.85 -25.06
C LYS D 166 -28.86 34.72 -25.99
N LEU D 167 -28.15 33.60 -25.96
CA LEU D 167 -28.45 32.49 -26.86
C LEU D 167 -29.75 31.78 -26.48
N ILE D 168 -30.02 31.64 -25.19
CA ILE D 168 -31.23 30.94 -24.78
C ILE D 168 -32.46 31.83 -24.88
N THR D 169 -32.28 33.15 -24.76
CA THR D 169 -33.37 34.10 -24.96
C THR D 169 -33.53 34.51 -26.42
N ASP D 170 -32.55 34.25 -27.25
CA ASP D 170 -32.63 34.62 -28.65
C ASP D 170 -33.61 33.69 -29.37
N PRO D 171 -34.48 34.23 -30.23
CA PRO D 171 -35.44 33.38 -30.96
C PRO D 171 -34.73 32.41 -31.88
N PRO D 172 -35.15 31.13 -31.90
CA PRO D 172 -36.25 30.61 -31.06
C PRO D 172 -35.86 30.39 -29.59
N PRO D 173 -36.56 31.08 -28.67
CA PRO D 173 -36.21 30.98 -27.26
C PRO D 173 -36.14 29.52 -26.80
N ILE D 174 -35.12 29.23 -25.99
CA ILE D 174 -34.91 27.88 -25.45
C ILE D 174 -35.58 27.81 -24.09
N THR D 175 -36.58 26.92 -23.97
CA THR D 175 -37.36 26.82 -22.74
C THR D 175 -36.74 25.80 -21.78
N GLU D 176 -37.09 25.94 -20.51
CA GLU D 176 -36.47 25.12 -19.45
C GLU D 176 -36.41 23.65 -19.84
N GLU D 177 -37.45 23.11 -20.45
CA GLU D 177 -37.42 21.69 -20.78
C GLU D 177 -36.38 21.38 -21.85
N GLU D 178 -36.06 22.35 -22.71
CA GLU D 178 -35.02 22.11 -23.71
C GLU D 178 -33.63 22.28 -23.12
N GLN D 179 -33.42 23.34 -22.32
CA GLN D 179 -32.10 23.60 -21.75
C GLN D 179 -31.55 22.40 -20.98
N LYS D 180 -32.44 21.54 -20.48
CA LYS D 180 -32.02 20.34 -19.76
C LYS D 180 -31.66 19.19 -20.70
N LYS D 181 -31.51 19.45 -21.99
CA LYS D 181 -31.08 18.45 -22.97
C LYS D 181 -29.83 18.86 -23.75
N ILE D 182 -29.57 20.16 -23.92
CA ILE D 182 -28.38 20.63 -24.60
C ILE D 182 -27.24 20.75 -23.60
N LYS D 183 -26.07 20.28 -23.99
CA LYS D 183 -24.86 20.42 -23.18
C LYS D 183 -24.13 21.71 -23.53
N MET D 184 -23.53 22.33 -22.51
CA MET D 184 -22.61 23.43 -22.70
C MET D 184 -21.62 23.15 -23.81
N ASN D 185 -21.27 24.19 -24.55
CA ASN D 185 -20.22 24.08 -25.55
C ASN D 185 -19.36 25.33 -25.46
N VAL D 186 -18.44 25.33 -24.50
CA VAL D 186 -17.53 26.45 -24.31
C VAL D 186 -16.14 26.03 -24.76
N ASN D 187 -15.30 27.03 -24.97
CA ASN D 187 -13.92 26.83 -25.38
C ASN D 187 -13.06 27.79 -24.57
N LEU D 188 -12.21 27.24 -23.70
CA LEU D 188 -11.31 28.03 -22.89
C LEU D 188 -9.85 27.90 -23.32
N VAL D 189 -9.55 27.04 -24.29
CA VAL D 189 -8.18 26.65 -24.55
C VAL D 189 -7.64 27.21 -25.87
N GLU D 190 -8.48 27.36 -26.90
CA GLU D 190 -8.00 27.82 -28.20
C GLU D 190 -7.23 29.12 -28.08
N ASN D 191 -7.84 30.12 -27.42
CA ASN D 191 -7.28 31.46 -27.27
C ASN D 191 -6.59 31.54 -25.91
N LEU D 192 -5.28 31.38 -25.90
CA LEU D 192 -4.51 31.53 -24.66
C LEU D 192 -3.41 32.55 -24.92
N GLU D 193 -3.58 33.76 -24.37
CA GLU D 193 -2.57 34.80 -24.57
C GLU D 193 -1.30 34.45 -23.81
N ILE D 194 -0.22 34.20 -24.54
CA ILE D 194 1.13 34.36 -23.99
C ILE D 194 1.45 35.85 -24.05
N VAL D 195 1.70 36.46 -22.90
CA VAL D 195 1.91 37.91 -22.87
C VAL D 195 3.15 38.29 -23.67
N SER E 13 5.97 33.06 15.56
CA SER E 13 4.85 32.54 16.32
C SER E 13 5.29 31.71 17.53
N LEU E 14 4.43 30.76 17.94
CA LEU E 14 4.54 30.10 19.24
C LEU E 14 5.35 28.81 19.16
N SER E 15 5.84 28.38 20.32
CA SER E 15 6.56 27.12 20.47
C SER E 15 5.68 26.08 21.15
N VAL E 16 6.00 24.82 20.89
CA VAL E 16 5.06 23.72 21.07
C VAL E 16 4.98 23.31 22.53
N ILE E 17 3.76 23.24 23.07
CA ILE E 17 3.50 22.83 24.44
C ILE E 17 3.08 21.37 24.41
N PHE E 18 3.88 20.50 25.02
CA PHE E 18 3.56 19.08 25.13
C PHE E 18 2.76 18.82 26.40
N VAL E 19 1.70 18.01 26.29
CA VAL E 19 0.90 17.68 27.46
C VAL E 19 1.75 16.84 28.42
N LYS E 20 1.53 17.03 29.72
CA LYS E 20 2.38 16.45 30.75
C LYS E 20 1.53 15.97 31.92
N PRO E 21 1.55 14.67 32.24
CA PRO E 21 2.27 13.69 31.42
C PRO E 21 1.52 13.36 30.12
N PRO E 22 2.15 12.60 29.23
CA PRO E 22 1.43 12.19 28.02
C PRO E 22 0.21 11.37 28.40
N PHE E 23 -0.75 11.32 27.48
CA PHE E 23 -1.94 10.50 27.70
C PHE E 23 -1.59 9.01 27.65
N GLN E 24 -2.42 8.22 28.30
CA GLN E 24 -2.21 6.77 28.39
C GLN E 24 -3.35 6.02 27.72
N LEU E 25 -3.02 4.89 27.11
CA LEU E 25 -4.01 3.91 26.67
C LEU E 25 -4.05 2.81 27.72
N LYS E 26 -5.02 2.88 28.62
CA LYS E 26 -5.10 1.91 29.71
C LYS E 26 -5.17 0.48 29.15
N LYS E 27 -4.88 -0.48 30.02
CA LYS E 27 -4.89 -1.89 29.63
C LYS E 27 -6.27 -2.35 29.16
N LYS E 28 -7.34 -1.80 29.73
CA LYS E 28 -8.70 -2.18 29.33
C LYS E 28 -9.01 -1.83 27.88
N PHE E 29 -8.13 -1.12 27.19
CA PHE E 29 -8.36 -0.67 25.82
C PHE E 29 -7.43 -1.33 24.80
N GLN E 30 -6.64 -2.32 25.23
CA GLN E 30 -5.65 -2.92 24.34
C GLN E 30 -6.10 -4.26 23.75
N LYS E 31 -7.30 -4.75 24.06
CA LYS E 31 -7.78 -5.99 23.46
C LYS E 31 -8.37 -5.78 22.08
N ASP E 32 -8.55 -4.53 21.65
CA ASP E 32 -9.04 -4.22 20.31
C ASP E 32 -8.23 -3.08 19.70
N PRO E 33 -7.59 -3.31 18.56
CA PRO E 33 -6.82 -2.22 17.96
C PRO E 33 -7.65 -1.01 17.67
N PHE E 34 -8.95 -1.18 17.37
CA PHE E 34 -9.84 -0.04 17.21
C PHE E 34 -9.61 1.02 18.27
N TYR E 35 -9.58 0.60 19.54
CA TYR E 35 -9.52 1.55 20.65
C TYR E 35 -8.30 2.48 20.53
N GLU E 36 -7.12 1.94 20.27
CA GLU E 36 -5.95 2.80 20.10
C GLU E 36 -6.16 3.77 18.95
N ILE E 37 -6.84 3.32 17.88
CA ILE E 37 -7.13 4.23 16.78
C ILE E 37 -8.00 5.39 17.27
N GLU E 38 -9.16 5.05 17.85
CA GLU E 38 -10.10 6.09 18.27
C GLU E 38 -9.50 7.01 19.31
N MET E 39 -8.60 6.49 20.16
CA MET E 39 -7.87 7.37 21.08
C MET E 39 -7.06 8.39 20.29
N ARG E 40 -6.27 7.92 19.33
CA ARG E 40 -5.44 8.84 18.56
C ARG E 40 -6.30 9.78 17.72
N LYS E 41 -7.35 9.24 17.10
CA LYS E 41 -8.31 10.09 16.40
C LYS E 41 -8.88 11.16 17.32
N GLN E 42 -9.26 10.77 18.53
CA GLN E 42 -9.97 11.69 19.41
C GLN E 42 -9.03 12.71 20.01
N LEU E 43 -7.78 12.31 20.31
CA LEU E 43 -6.82 13.28 20.79
C LEU E 43 -6.53 14.32 19.70
N GLN E 44 -6.33 13.86 18.47
CA GLN E 44 -6.14 14.80 17.38
C GLN E 44 -7.25 15.83 17.35
N MET E 45 -8.51 15.38 17.35
CA MET E 45 -9.63 16.31 17.29
C MET E 45 -9.58 17.31 18.43
N GLN E 46 -9.22 16.85 19.62
CA GLN E 46 -9.07 17.79 20.72
C GLN E 46 -7.85 18.70 20.49
N GLN E 47 -6.71 18.13 20.09
CA GLN E 47 -5.54 18.96 19.81
C GLN E 47 -5.87 20.02 18.77
N ASP E 48 -6.59 19.65 17.71
CA ASP E 48 -6.92 20.60 16.67
C ASP E 48 -7.91 21.64 17.18
N GLY E 49 -8.95 21.20 17.88
CA GLY E 49 -9.86 22.15 18.51
C GLY E 49 -9.12 23.24 19.27
N ILE E 50 -8.12 22.84 20.07
CA ILE E 50 -7.32 23.79 20.83
C ILE E 50 -6.50 24.68 19.91
N ASN E 51 -5.66 24.05 19.07
CA ASN E 51 -4.71 24.80 18.24
C ASN E 51 -5.40 25.65 17.19
N ASN E 52 -6.73 25.60 17.10
CA ASN E 52 -7.47 26.54 16.27
C ASN E 52 -7.97 27.74 17.05
N MET E 53 -7.32 28.07 18.17
CA MET E 53 -7.76 29.05 19.14
C MET E 53 -6.60 29.98 19.44
N THR E 54 -6.86 31.28 19.54
CA THR E 54 -5.80 32.20 19.92
C THR E 54 -5.45 32.04 21.39
N ILE E 55 -4.22 32.39 21.75
CA ILE E 55 -3.84 32.30 23.16
C ILE E 55 -4.88 33.01 24.02
N PHE E 56 -5.32 34.19 23.59
CA PHE E 56 -6.26 34.94 24.40
C PHE E 56 -7.60 34.22 24.53
N GLU E 57 -8.06 33.61 23.41
CA GLU E 57 -9.32 32.90 23.40
C GLU E 57 -9.28 31.68 24.32
N TRP E 58 -8.25 30.83 24.14
CA TRP E 58 -8.11 29.64 24.97
C TRP E 58 -8.06 30.01 26.44
N LEU E 59 -7.30 31.05 26.77
CA LEU E 59 -7.11 31.42 28.16
C LEU E 59 -8.40 31.91 28.80
N LYS E 60 -9.19 32.69 28.05
CA LYS E 60 -10.49 33.10 28.54
C LYS E 60 -11.33 31.89 28.92
N ASN E 61 -11.52 30.97 27.96
CA ASN E 61 -12.35 29.79 28.20
C ASN E 61 -11.87 29.00 29.40
N ARG E 62 -10.58 28.67 29.43
CA ARG E 62 -10.02 27.90 30.54
C ARG E 62 -10.30 28.59 31.88
N GLU E 63 -10.03 29.90 31.96
CA GLU E 63 -10.34 30.66 33.19
C GLU E 63 -11.82 30.53 33.53
N ASN E 64 -12.70 30.72 32.54
CA ASN E 64 -14.13 30.67 32.80
C ASN E 64 -14.55 29.30 33.32
N PHE E 65 -13.97 28.22 32.79
CA PHE E 65 -14.28 26.92 33.35
C PHE E 65 -13.72 26.77 34.75
N LYS E 66 -12.48 27.23 34.96
CA LYS E 66 -11.84 27.09 36.26
C LYS E 66 -12.73 27.65 37.37
N LYS E 67 -13.34 28.81 37.14
CA LYS E 67 -14.11 29.48 38.19
C LYS E 67 -15.54 28.96 38.28
N TYR E 68 -16.25 28.86 37.15
CA TYR E 68 -17.67 28.60 37.13
C TYR E 68 -18.04 27.16 36.76
N GLY E 69 -17.08 26.37 36.30
CA GLY E 69 -17.39 25.02 35.91
C GLY E 69 -18.12 24.91 34.58
N ARG E 70 -18.64 23.71 34.35
CA ARG E 70 -19.25 23.35 33.08
C ARG E 70 -20.24 24.41 32.59
N ASN E 71 -20.25 24.65 31.29
CA ASN E 71 -21.05 25.71 30.72
C ASN E 71 -22.51 25.25 30.61
N PRO E 72 -23.45 25.95 31.24
CA PRO E 72 -24.84 25.44 31.29
C PRO E 72 -25.49 25.21 29.92
N LYS E 73 -25.15 25.98 28.88
CA LYS E 73 -25.87 25.84 27.63
C LYS E 73 -25.17 24.88 26.67
N SER E 74 -24.18 24.14 27.14
CA SER E 74 -23.59 23.09 26.33
C SER E 74 -24.31 21.76 26.50
N LYS E 75 -25.19 21.63 27.49
CA LYS E 75 -26.03 20.45 27.58
C LYS E 75 -27.12 20.48 26.53
N LYS E 76 -27.67 21.67 26.24
CA LYS E 76 -28.68 21.76 25.19
C LYS E 76 -28.05 21.68 23.81
N ILE E 77 -26.92 22.37 23.60
CA ILE E 77 -26.22 22.27 22.33
C ILE E 77 -26.03 20.81 21.94
N GLN E 78 -25.55 20.00 22.89
CA GLN E 78 -25.22 18.61 22.61
C GLN E 78 -26.46 17.81 22.21
N GLU E 79 -27.50 17.84 23.04
CA GLU E 79 -28.66 17.04 22.69
C GLU E 79 -29.35 17.49 21.42
N ASP E 80 -29.09 18.71 20.94
CA ASP E 80 -29.53 19.09 19.59
C ASP E 80 -28.75 18.34 18.52
N PHE E 81 -27.43 18.29 18.68
CA PHE E 81 -26.61 17.50 17.76
C PHE E 81 -27.04 16.05 17.75
N ARG E 82 -27.19 15.44 18.94
CA ARG E 82 -27.72 14.08 19.01
C ARG E 82 -29.01 13.96 18.21
N ASP E 83 -29.96 14.85 18.47
CA ASP E 83 -31.23 14.74 17.77
C ASP E 83 -31.03 14.84 16.27
N ARG E 84 -30.13 15.70 15.82
CA ARG E 84 -29.84 15.77 14.40
C ARG E 84 -29.18 14.49 13.91
N TYR E 85 -28.09 14.09 14.56
CA TYR E 85 -27.40 12.85 14.20
C TYR E 85 -28.36 11.66 14.19
N ARG E 86 -29.25 11.61 15.19
CA ARG E 86 -30.28 10.59 15.21
C ARG E 86 -31.19 10.70 13.99
N ASN E 87 -31.49 11.92 13.56
CA ASN E 87 -32.36 12.10 12.40
C ASN E 87 -31.70 11.57 11.13
N ALA E 88 -30.40 11.80 10.95
CA ALA E 88 -29.77 11.30 9.73
C ALA E 88 -29.65 9.78 9.75
N LYS E 89 -29.35 9.19 10.91
CA LYS E 89 -29.22 7.74 10.94
C LYS E 89 -30.56 7.06 10.67
N ILE E 90 -31.64 7.58 11.24
CA ILE E 90 -32.97 7.06 10.91
C ILE E 90 -33.17 7.06 9.39
N ASP E 91 -32.87 8.18 8.74
CA ASP E 91 -33.10 8.28 7.31
C ASP E 91 -32.17 7.39 6.49
N GLU E 92 -30.99 7.02 7.02
CA GLU E 92 -30.18 6.04 6.30
C GLU E 92 -30.77 4.64 6.43
N TYR E 93 -31.32 4.30 7.61
CA TYR E 93 -32.07 3.05 7.73
C TYR E 93 -33.24 3.04 6.75
N LEU E 94 -34.08 4.08 6.80
CA LEU E 94 -35.23 4.14 5.92
C LEU E 94 -34.82 4.07 4.46
N LEU E 95 -33.59 4.47 4.15
CA LEU E 95 -33.13 4.40 2.77
C LEU E 95 -33.10 2.96 2.27
N LEU E 96 -32.37 2.09 2.98
CA LEU E 96 -32.14 0.73 2.50
C LEU E 96 -33.32 -0.19 2.81
N TYR E 97 -33.59 -0.39 4.10
CA TYR E 97 -34.67 -1.26 4.55
C TYR E 97 -35.94 -0.41 4.63
N GLU E 98 -36.49 -0.12 3.45
CA GLU E 98 -37.63 0.79 3.39
C GLU E 98 -38.88 0.15 3.97
N ASP E 99 -39.05 -1.17 3.77
CA ASP E 99 -40.17 -1.91 4.36
C ASP E 99 -39.76 -2.37 5.75
N MET E 100 -39.81 -1.43 6.69
CA MET E 100 -39.37 -1.64 8.05
C MET E 100 -40.27 -0.86 9.00
N ASP E 101 -40.66 -1.50 10.10
CA ASP E 101 -41.41 -0.80 11.13
C ASP E 101 -40.62 0.41 11.61
N ILE E 102 -41.10 1.61 11.27
CA ILE E 102 -40.44 2.85 11.69
C ILE E 102 -40.14 2.81 13.18
N LYS E 103 -41.04 2.24 13.98
CA LYS E 103 -40.78 2.15 15.41
C LYS E 103 -39.56 1.28 15.71
N ALA E 104 -39.21 0.36 14.80
CA ALA E 104 -38.05 -0.50 15.03
C ALA E 104 -36.75 0.25 14.77
N ILE E 105 -36.69 0.99 13.66
CA ILE E 105 -35.52 1.79 13.34
C ILE E 105 -35.17 2.70 14.51
N GLU E 106 -36.18 3.36 15.08
CA GLU E 106 -35.91 4.28 16.18
C GLU E 106 -35.25 3.56 17.35
N ALA E 107 -35.65 2.30 17.59
CA ALA E 107 -35.05 1.53 18.67
C ALA E 107 -33.62 1.12 18.32
N MET E 108 -33.38 0.71 17.07
CA MET E 108 -32.03 0.40 16.63
C MET E 108 -31.13 1.62 16.72
N VAL E 109 -31.59 2.74 16.15
CA VAL E 109 -30.79 3.96 16.16
C VAL E 109 -30.52 4.41 17.59
N ASP E 110 -31.53 4.33 18.46
CA ASP E 110 -31.34 4.72 19.85
C ASP E 110 -30.40 3.79 20.59
N SER E 111 -30.38 2.50 20.23
CA SER E 111 -29.31 1.62 20.70
C SER E 111 -27.95 2.11 20.22
N GLU E 112 -27.79 2.30 18.90
CA GLU E 112 -26.51 2.74 18.35
C GLU E 112 -25.98 3.94 19.13
N LEU E 113 -26.84 4.93 19.37
CA LEU E 113 -26.42 6.15 20.05
C LEU E 113 -25.93 5.91 21.48
N GLU E 114 -26.36 4.82 22.13
CA GLU E 114 -26.00 4.64 23.53
C GLU E 114 -24.50 4.58 23.73
N GLY E 115 -23.78 4.03 22.76
CA GLY E 115 -22.34 3.94 22.86
C GLY E 115 -21.62 5.05 22.10
N LEU E 116 -22.26 6.21 21.98
CA LEU E 116 -21.70 7.34 21.23
C LEU E 116 -21.71 8.61 22.07
N ALA E 117 -20.61 9.37 21.99
CA ALA E 117 -20.46 10.62 22.71
C ALA E 117 -20.38 11.78 21.73
N ALA E 118 -21.26 12.76 21.91
CA ALA E 118 -21.11 14.01 21.16
C ALA E 118 -19.80 14.66 21.55
N LEU E 119 -18.83 14.69 20.63
CA LEU E 119 -17.47 15.09 20.98
C LEU E 119 -17.35 16.62 21.05
N ALA E 120 -17.06 17.14 22.23
CA ALA E 120 -16.60 18.51 22.38
C ALA E 120 -15.12 18.57 22.07
N ASN E 121 -14.74 19.31 21.02
CA ASN E 121 -13.35 19.47 20.64
C ASN E 121 -12.92 20.92 20.85
N PRO E 122 -12.18 21.24 21.92
CA PRO E 122 -11.77 20.32 22.99
C PRO E 122 -12.77 20.26 24.13
N ALA E 123 -12.41 19.50 25.16
CA ALA E 123 -13.27 19.38 26.33
C ALA E 123 -13.34 20.71 27.10
N GLN E 124 -14.50 20.94 27.72
CA GLN E 124 -14.68 22.16 28.49
C GLN E 124 -13.48 22.45 29.40
N ILE E 125 -13.00 21.42 30.12
CA ILE E 125 -11.89 21.59 31.05
C ILE E 125 -10.60 22.05 30.38
N ALA E 126 -10.50 21.94 29.07
CA ALA E 126 -9.30 22.35 28.34
C ALA E 126 -9.61 23.46 27.34
N GLY E 127 -10.47 24.39 27.72
CA GLY E 127 -10.76 25.53 26.89
C GLY E 127 -11.88 25.33 25.90
N GLY E 128 -12.73 24.33 26.10
CA GLY E 128 -13.83 24.14 25.18
C GLY E 128 -15.13 24.66 25.75
N TYR E 129 -15.04 25.68 26.60
CA TYR E 129 -16.22 26.23 27.25
C TYR E 129 -17.33 26.57 26.25
N VAL E 130 -16.98 26.88 25.00
CA VAL E 130 -17.96 27.34 24.03
C VAL E 130 -17.65 26.84 22.62
N ASP E 131 -17.82 25.54 22.38
CA ASP E 131 -17.65 25.04 21.03
C ASP E 131 -18.95 24.41 20.54
N VAL E 132 -19.05 24.30 19.21
CA VAL E 132 -20.18 23.65 18.55
C VAL E 132 -19.75 22.23 18.20
N VAL E 133 -20.55 21.27 18.63
CA VAL E 133 -20.27 19.86 18.36
C VAL E 133 -20.75 19.53 16.96
N THR E 134 -19.92 18.82 16.19
CA THR E 134 -20.34 18.32 14.89
C THR E 134 -20.03 16.85 14.66
N GLN E 135 -19.18 16.22 15.48
CA GLN E 135 -18.73 14.86 15.24
C GLN E 135 -19.08 13.96 16.43
N MET E 136 -19.27 12.67 16.15
CA MET E 136 -19.57 11.71 17.19
C MET E 136 -18.42 10.73 17.35
N GLY E 137 -18.33 10.14 18.55
CA GLY E 137 -17.18 9.30 18.80
C GLY E 137 -17.48 8.28 19.87
N ASN E 138 -16.49 7.42 20.09
CA ASN E 138 -16.63 6.38 21.10
C ASN E 138 -16.89 6.98 22.47
N LYS E 139 -18.01 6.60 23.11
CA LYS E 139 -18.29 7.14 24.43
C LYS E 139 -17.20 6.77 25.44
N ARG E 140 -16.79 5.50 25.48
CA ARG E 140 -15.77 5.10 26.43
C ARG E 140 -14.48 5.91 26.25
N ILE E 141 -14.01 6.04 25.01
CA ILE E 141 -12.73 6.69 24.77
C ILE E 141 -12.83 8.18 25.09
N ASN E 142 -13.97 8.79 24.79
CA ASN E 142 -14.17 10.18 25.19
C ASN E 142 -14.08 10.32 26.69
N SER E 143 -14.75 9.45 27.41
CA SER E 143 -14.71 9.49 28.86
C SER E 143 -13.30 9.26 29.39
N SER E 144 -12.53 8.36 28.77
CA SER E 144 -11.16 8.17 29.25
C SER E 144 -10.33 9.43 29.04
N ILE E 145 -10.48 10.08 27.88
CA ILE E 145 -9.77 11.33 27.66
C ILE E 145 -10.19 12.37 28.70
N GLY E 146 -11.50 12.46 28.96
CA GLY E 146 -11.98 13.52 29.84
C GLY E 146 -11.40 13.42 31.23
N SER E 147 -11.43 12.23 31.81
CA SER E 147 -10.87 12.07 33.15
C SER E 147 -9.36 12.24 33.15
N GLN E 148 -8.68 11.92 32.05
CA GLN E 148 -7.25 12.15 31.99
C GLN E 148 -6.91 13.62 31.87
N TRP E 149 -7.87 14.45 31.48
CA TRP E 149 -7.64 15.90 31.49
C TRP E 149 -7.38 16.39 32.91
N GLY E 150 -7.78 15.62 33.91
CA GLY E 150 -7.52 15.94 35.30
C GLY E 150 -8.65 16.72 35.94
N SER E 151 -8.33 17.27 37.11
CA SER E 151 -9.25 18.12 37.84
C SER E 151 -8.87 19.59 37.65
N ILE E 152 -9.84 20.46 37.93
CA ILE E 152 -9.66 21.90 37.74
C ILE E 152 -8.39 22.40 38.40
N GLU E 153 -7.97 21.74 39.48
CA GLU E 153 -6.87 22.21 40.30
C GLU E 153 -5.59 21.39 40.15
N LYS E 154 -5.60 20.30 39.40
CA LYS E 154 -4.34 19.67 39.01
C LYS E 154 -4.61 18.60 37.96
N GLY E 155 -3.70 18.48 37.01
CA GLY E 155 -3.84 17.51 35.95
C GLY E 155 -3.26 18.04 34.66
N ARG E 156 -3.48 17.27 33.59
CA ARG E 156 -2.89 17.58 32.30
C ARG E 156 -3.31 18.95 31.80
N SER E 157 -4.60 19.27 31.94
CA SER E 157 -5.11 20.56 31.51
C SER E 157 -4.41 21.73 32.22
N LEU E 158 -4.34 21.67 33.56
CA LEU E 158 -3.66 22.71 34.31
C LEU E 158 -2.22 22.87 33.87
N ASN E 159 -1.52 21.75 33.68
CA ASN E 159 -0.16 21.81 33.16
C ASN E 159 -0.08 22.52 31.82
N ILE E 160 -1.11 22.38 30.98
CA ILE E 160 -1.12 23.16 29.74
C ILE E 160 -1.21 24.64 30.07
N GLU E 161 -2.14 25.01 30.95
CA GLU E 161 -2.25 26.41 31.37
C GLU E 161 -0.93 26.92 31.94
N ASN E 162 -0.41 26.24 32.97
CA ASN E 162 0.82 26.70 33.60
C ASN E 162 1.92 26.91 32.56
N GLU E 163 2.11 25.94 31.68
CA GLU E 163 3.15 26.09 30.67
C GLU E 163 2.90 27.31 29.78
N LEU E 164 1.63 27.57 29.43
CA LEU E 164 1.34 28.72 28.60
C LEU E 164 1.59 30.02 29.36
N LEU E 165 1.22 30.06 30.64
CA LEU E 165 1.47 31.26 31.44
C LEU E 165 2.96 31.55 31.51
N LYS E 166 3.80 30.53 31.58
CA LYS E 166 5.23 30.74 31.48
C LYS E 166 5.58 31.53 30.23
N LEU E 167 5.00 31.17 29.08
CA LEU E 167 5.40 31.77 27.81
C LEU E 167 4.95 33.22 27.71
N ILE E 168 3.78 33.54 28.27
CA ILE E 168 3.26 34.91 28.15
C ILE E 168 3.98 35.87 29.10
N THR E 169 4.36 35.41 30.30
CA THR E 169 5.08 36.27 31.25
C THR E 169 6.59 36.23 31.06
N ASP E 170 7.11 35.43 30.14
CA ASP E 170 8.53 35.47 29.84
C ASP E 170 8.87 36.78 29.13
N PRO E 171 10.01 37.39 29.45
CA PRO E 171 10.39 38.64 28.77
C PRO E 171 10.79 38.38 27.35
N PRO E 172 10.21 39.12 26.36
CA PRO E 172 9.22 40.19 26.59
C PRO E 172 7.79 39.66 26.63
N PRO E 173 7.01 40.09 27.63
CA PRO E 173 5.66 39.56 27.78
C PRO E 173 4.92 39.58 26.46
N ILE E 174 4.07 38.57 26.26
CA ILE E 174 3.16 38.61 25.12
C ILE E 174 2.00 39.52 25.48
N THR E 175 1.86 40.61 24.74
CA THR E 175 0.82 41.57 25.01
C THR E 175 -0.55 40.99 24.69
N GLU E 176 -1.56 41.42 25.45
CA GLU E 176 -2.92 41.00 25.17
C GLU E 176 -3.29 41.22 23.71
N GLU E 177 -2.61 42.16 23.04
CA GLU E 177 -2.91 42.41 21.64
C GLU E 177 -2.37 41.30 20.76
N GLU E 178 -1.17 40.80 21.07
CA GLU E 178 -0.61 39.67 20.34
C GLU E 178 -1.35 38.38 20.67
N GLN E 179 -1.67 38.18 21.95
CA GLN E 179 -2.41 36.99 22.36
C GLN E 179 -3.66 36.78 21.53
N LYS E 180 -4.24 37.86 21.02
CA LYS E 180 -5.44 37.78 20.22
C LYS E 180 -5.14 37.54 18.75
N LYS E 181 -3.88 37.29 18.42
CA LYS E 181 -3.49 36.98 17.05
C LYS E 181 -2.53 35.81 16.97
N ILE E 182 -2.21 35.16 18.08
CA ILE E 182 -1.38 33.97 18.12
C ILE E 182 -2.27 32.79 18.48
N LYS E 183 -2.18 31.71 17.71
CA LYS E 183 -2.95 30.54 18.04
C LYS E 183 -2.13 29.61 18.93
N MET E 184 -2.84 28.78 19.69
CA MET E 184 -2.21 27.82 20.57
C MET E 184 -1.37 26.83 19.77
N ASN E 185 -0.38 26.24 20.43
CA ASN E 185 0.41 25.19 19.81
C ASN E 185 0.68 24.07 20.83
N VAL E 186 -0.36 23.31 21.16
CA VAL E 186 -0.22 22.17 22.06
C VAL E 186 -0.09 20.90 21.23
N ASN E 187 0.55 19.89 21.83
CA ASN E 187 0.74 18.59 21.23
C ASN E 187 0.17 17.54 22.17
N LEU E 188 -0.98 16.98 21.83
CA LEU E 188 -1.61 15.96 22.67
C LEU E 188 -1.27 14.54 22.26
N VAL E 189 -0.77 14.34 21.05
CA VAL E 189 -0.84 13.06 20.36
C VAL E 189 0.50 12.35 20.28
N GLU E 190 1.60 13.02 20.60
CA GLU E 190 2.88 12.33 20.65
C GLU E 190 3.01 11.56 21.96
N ASN E 191 3.87 10.55 21.94
CA ASN E 191 4.27 9.87 23.17
C ASN E 191 3.11 9.19 23.89
N LEU E 192 2.02 8.89 23.19
CA LEU E 192 0.91 8.20 23.83
C LEU E 192 1.38 6.90 24.49
N GLU E 193 1.12 6.77 25.78
CA GLU E 193 1.66 5.67 26.56
C GLU E 193 0.74 4.44 26.51
N ILE E 194 1.25 3.33 25.97
CA ILE E 194 0.55 2.06 26.00
C ILE E 194 0.91 1.35 27.30
N VAL E 195 -0.02 1.35 28.25
CA VAL E 195 0.26 0.96 29.63
C VAL E 195 0.79 -0.46 29.75
N SER F 13 22.46 12.69 26.76
CA SER F 13 22.91 12.79 25.37
C SER F 13 22.84 14.24 24.85
N LEU F 14 23.17 14.40 23.58
CA LEU F 14 23.38 15.70 22.96
C LEU F 14 22.12 16.12 22.20
N SER F 15 22.00 17.43 21.95
CA SER F 15 20.85 17.96 21.26
C SER F 15 21.09 18.04 19.75
N VAL F 16 19.99 18.03 18.99
CA VAL F 16 20.08 17.93 17.54
C VAL F 16 20.80 19.14 16.94
N ILE F 17 21.69 18.86 15.99
CA ILE F 17 22.38 19.87 15.19
C ILE F 17 21.85 19.79 13.76
N PHE F 18 21.12 20.81 13.32
CA PHE F 18 20.57 20.84 11.97
C PHE F 18 21.55 21.48 11.00
N VAL F 19 21.71 20.88 9.82
CA VAL F 19 22.68 21.39 8.85
C VAL F 19 22.19 22.72 8.32
N LYS F 20 23.06 23.74 8.39
CA LYS F 20 22.79 25.06 7.87
C LYS F 20 23.75 25.37 6.73
N PRO F 21 23.26 25.87 5.59
CA PRO F 21 21.83 25.86 5.31
C PRO F 21 21.45 24.46 4.83
N PRO F 22 20.15 24.16 4.71
CA PRO F 22 19.76 22.81 4.29
C PRO F 22 20.35 22.46 2.93
N PHE F 23 20.51 21.16 2.70
CA PHE F 23 20.96 20.67 1.40
C PHE F 23 19.93 20.98 0.32
N GLN F 24 20.35 20.89 -0.93
CA GLN F 24 19.48 21.24 -2.05
C GLN F 24 19.39 20.09 -3.05
N LEU F 25 18.19 19.85 -3.56
CA LEU F 25 18.01 19.10 -4.79
C LEU F 25 17.96 20.13 -5.92
N LYS F 26 19.09 20.28 -6.61
CA LYS F 26 19.20 21.28 -7.68
C LYS F 26 18.21 20.97 -8.80
N LYS F 27 17.95 21.98 -9.63
CA LYS F 27 17.00 21.83 -10.72
C LYS F 27 17.36 20.68 -11.65
N LYS F 28 18.66 20.42 -11.85
CA LYS F 28 19.08 19.37 -12.77
C LYS F 28 18.66 17.99 -12.30
N PHE F 29 18.34 17.82 -11.02
CA PHE F 29 18.00 16.53 -10.45
C PHE F 29 16.50 16.34 -10.26
N GLN F 30 15.67 17.19 -10.86
CA GLN F 30 14.24 17.14 -10.62
C GLN F 30 13.46 16.50 -11.76
N LYS F 31 14.11 16.09 -12.85
CA LYS F 31 13.36 15.58 -14.00
C LYS F 31 13.01 14.11 -13.87
N ASP F 32 13.45 13.46 -12.78
CA ASP F 32 13.30 12.03 -12.53
C ASP F 32 13.26 11.81 -11.03
N PRO F 33 12.16 11.28 -10.49
CA PRO F 33 12.01 11.23 -9.03
C PRO F 33 13.05 10.37 -8.33
N PHE F 34 13.70 9.45 -9.06
CA PHE F 34 14.74 8.61 -8.44
C PHE F 34 15.85 9.47 -7.83
N TYR F 35 16.18 10.60 -8.46
CA TYR F 35 17.24 11.45 -7.93
C TYR F 35 16.91 11.94 -6.51
N GLU F 36 15.66 12.36 -6.29
CA GLU F 36 15.26 12.74 -4.93
C GLU F 36 15.47 11.58 -3.97
N ILE F 37 14.93 10.42 -4.31
CA ILE F 37 15.04 9.26 -3.44
C ILE F 37 16.49 8.88 -3.19
N GLU F 38 17.34 8.99 -4.21
CA GLU F 38 18.74 8.66 -4.00
C GLU F 38 19.43 9.72 -3.15
N MET F 39 19.09 10.99 -3.34
CA MET F 39 19.64 12.04 -2.48
C MET F 39 19.29 11.78 -1.03
N ARG F 40 18.01 11.55 -0.73
CA ARG F 40 17.61 11.34 0.65
C ARG F 40 18.24 10.07 1.21
N LYS F 41 18.19 8.99 0.43
CA LYS F 41 18.87 7.76 0.83
C LYS F 41 20.32 8.03 1.16
N GLN F 42 20.98 8.84 0.34
CA GLN F 42 22.41 9.07 0.50
C GLN F 42 22.70 10.02 1.65
N LEU F 43 21.92 11.11 1.75
CA LEU F 43 22.03 11.99 2.91
C LEU F 43 21.81 11.20 4.19
N GLN F 44 20.77 10.37 4.22
CA GLN F 44 20.51 9.51 5.37
C GLN F 44 21.74 8.71 5.77
N MET F 45 22.47 8.20 4.77
CA MET F 45 23.60 7.33 5.07
C MET F 45 24.77 8.12 5.67
N GLN F 46 25.06 9.31 5.14
CA GLN F 46 26.13 10.12 5.71
C GLN F 46 25.77 10.56 7.13
N GLN F 47 24.54 11.02 7.33
CA GLN F 47 24.11 11.42 8.68
C GLN F 47 24.28 10.27 9.67
N ASP F 48 24.02 9.03 9.24
CA ASP F 48 24.21 7.90 10.13
C ASP F 48 25.68 7.68 10.45
N GLY F 49 26.56 7.85 9.46
CA GLY F 49 27.98 7.73 9.73
C GLY F 49 28.45 8.72 10.76
N ILE F 50 28.09 9.99 10.59
CA ILE F 50 28.36 11.02 11.59
C ILE F 50 27.79 10.61 12.93
N ASN F 51 26.47 10.44 12.99
CA ASN F 51 25.79 10.20 14.26
C ASN F 51 26.31 8.97 14.98
N ASN F 52 27.05 8.11 14.30
CA ASN F 52 27.59 6.92 14.95
C ASN F 52 28.94 7.14 15.59
N MET F 53 29.47 8.35 15.52
CA MET F 53 30.73 8.69 16.16
C MET F 53 30.47 9.48 17.44
N THR F 54 31.37 9.33 18.41
CA THR F 54 31.33 10.17 19.58
C THR F 54 31.82 11.58 19.24
N ILE F 55 31.43 12.54 20.08
CA ILE F 55 31.80 13.93 19.84
C ILE F 55 33.31 14.04 19.66
N PHE F 56 34.08 13.39 20.52
CA PHE F 56 35.53 13.45 20.40
C PHE F 56 35.99 12.76 19.13
N GLU F 57 35.36 11.64 18.78
CA GLU F 57 35.65 10.96 17.52
C GLU F 57 35.47 11.91 16.34
N TRP F 58 34.25 12.42 16.18
CA TRP F 58 33.99 13.33 15.07
C TRP F 58 34.98 14.47 15.04
N LEU F 59 35.32 15.01 16.21
CA LEU F 59 36.13 16.21 16.26
C LEU F 59 37.58 15.93 15.92
N LYS F 60 38.06 14.73 16.19
CA LYS F 60 39.39 14.35 15.76
C LYS F 60 39.44 14.16 14.25
N ASN F 61 38.48 13.41 13.70
CA ASN F 61 38.47 13.18 12.27
C ASN F 61 38.34 14.49 11.50
N ARG F 62 37.74 15.51 12.12
CA ARG F 62 37.61 16.81 11.45
C ARG F 62 38.95 17.53 11.43
N GLU F 63 39.65 17.55 12.57
CA GLU F 63 40.92 18.28 12.63
C GLU F 63 41.95 17.63 11.74
N ASN F 64 42.10 16.31 11.83
CA ASN F 64 43.02 15.60 10.94
C ASN F 64 42.80 16.02 9.49
N PHE F 65 41.55 16.19 9.08
CA PHE F 65 41.31 16.57 7.69
C PHE F 65 41.62 18.03 7.44
N LYS F 66 41.19 18.92 8.35
CA LYS F 66 41.47 20.35 8.19
C LYS F 66 42.97 20.60 8.13
N LYS F 67 43.73 19.93 9.00
CA LYS F 67 45.15 20.21 9.10
C LYS F 67 45.95 19.52 8.02
N TYR F 68 45.56 18.30 7.63
CA TYR F 68 46.41 17.46 6.80
C TYR F 68 45.76 16.96 5.52
N GLY F 69 44.55 17.43 5.19
CA GLY F 69 43.91 17.01 3.97
C GLY F 69 43.48 15.54 3.90
N ARG F 70 43.15 15.12 2.69
CA ARG F 70 42.70 13.75 2.38
C ARG F 70 43.55 12.72 3.12
N ASN F 71 42.95 11.62 3.54
CA ASN F 71 43.69 10.55 4.20
C ASN F 71 44.30 9.62 3.15
N PRO F 72 45.61 9.42 3.14
CA PRO F 72 46.21 8.59 2.09
C PRO F 72 45.64 7.19 2.01
N LYS F 73 45.28 6.58 3.15
CA LYS F 73 44.75 5.23 3.12
C LYS F 73 43.45 5.14 2.34
N SER F 74 42.67 6.22 2.29
CA SER F 74 41.32 6.13 1.76
C SER F 74 41.32 5.67 0.31
N LYS F 75 42.40 5.92 -0.43
CA LYS F 75 42.42 5.60 -1.84
C LYS F 75 42.37 4.10 -2.07
N LYS F 76 43.23 3.36 -1.37
CA LYS F 76 43.23 1.90 -1.53
C LYS F 76 41.95 1.28 -0.99
N ILE F 77 41.47 1.76 0.17
CA ILE F 77 40.21 1.27 0.72
C ILE F 77 39.10 1.37 -0.32
N GLN F 78 38.97 2.55 -0.95
CA GLN F 78 37.96 2.73 -1.99
C GLN F 78 38.17 1.76 -3.15
N GLU F 79 39.43 1.60 -3.59
CA GLU F 79 39.70 0.80 -4.77
C GLU F 79 39.46 -0.68 -4.50
N ASP F 80 39.91 -1.16 -3.36
CA ASP F 80 39.68 -2.57 -3.02
C ASP F 80 38.19 -2.87 -2.97
N PHE F 81 37.40 -1.99 -2.36
CA PHE F 81 35.95 -2.13 -2.45
C PHE F 81 35.50 -2.21 -3.91
N ARG F 82 35.82 -1.20 -4.71
CA ARG F 82 35.42 -1.22 -6.11
C ARG F 82 35.72 -2.56 -6.74
N ASP F 83 36.85 -3.17 -6.38
CA ASP F 83 37.17 -4.47 -6.96
C ASP F 83 36.20 -5.55 -6.49
N ARG F 84 36.01 -5.67 -5.18
CA ARG F 84 35.07 -6.67 -4.68
C ARG F 84 33.71 -6.49 -5.35
N TYR F 85 33.22 -5.26 -5.40
CA TYR F 85 31.97 -4.99 -6.08
C TYR F 85 32.02 -5.48 -7.53
N ARG F 86 33.07 -5.10 -8.25
CA ARG F 86 33.17 -5.52 -9.65
C ARG F 86 33.08 -7.04 -9.76
N ASN F 87 33.80 -7.75 -8.90
CA ASN F 87 33.76 -9.21 -8.92
C ASN F 87 32.35 -9.72 -8.66
N ALA F 88 31.72 -9.22 -7.60
CA ALA F 88 30.35 -9.62 -7.32
C ALA F 88 29.45 -9.40 -8.54
N LYS F 89 29.50 -8.20 -9.14
CA LYS F 89 28.61 -7.96 -10.28
C LYS F 89 28.97 -8.86 -11.45
N ILE F 90 30.25 -9.20 -11.62
CA ILE F 90 30.60 -10.09 -12.72
C ILE F 90 29.94 -11.45 -12.53
N ASP F 91 29.99 -11.97 -11.30
CA ASP F 91 29.42 -13.30 -11.06
C ASP F 91 27.92 -13.31 -11.25
N GLU F 92 27.23 -12.27 -10.75
CA GLU F 92 25.79 -12.18 -11.00
C GLU F 92 25.48 -12.21 -12.50
N TYR F 93 26.38 -11.68 -13.33
CA TYR F 93 26.22 -11.77 -14.77
C TYR F 93 26.45 -13.20 -15.25
N LEU F 94 27.57 -13.82 -14.82
CA LEU F 94 27.85 -15.20 -15.17
C LEU F 94 26.77 -16.17 -14.73
N LEU F 95 25.86 -15.74 -13.87
CA LEU F 95 24.82 -16.63 -13.36
C LEU F 95 23.67 -16.76 -14.35
N LEU F 96 23.09 -15.63 -14.75
CA LEU F 96 21.94 -15.68 -15.62
C LEU F 96 22.32 -15.92 -17.08
N TYR F 97 23.54 -15.57 -17.47
CA TYR F 97 23.91 -15.57 -18.88
C TYR F 97 25.13 -16.44 -19.16
N GLU F 98 24.99 -17.74 -18.91
CA GLU F 98 25.94 -18.70 -19.46
C GLU F 98 25.98 -18.51 -20.97
N ASP F 99 26.97 -19.11 -21.64
CA ASP F 99 27.18 -18.84 -23.05
C ASP F 99 27.11 -17.33 -23.29
N MET F 100 28.12 -16.63 -22.80
CA MET F 100 28.27 -15.22 -23.06
C MET F 100 29.73 -14.88 -22.84
N ASP F 101 30.34 -14.20 -23.82
CA ASP F 101 31.75 -13.86 -23.74
C ASP F 101 32.04 -13.17 -22.40
N ILE F 102 33.05 -13.66 -21.70
CA ILE F 102 33.46 -12.95 -20.50
C ILE F 102 33.87 -11.51 -20.87
N LYS F 103 34.50 -11.35 -22.04
CA LYS F 103 34.86 -10.01 -22.51
C LYS F 103 33.65 -9.08 -22.47
N ALA F 104 32.49 -9.57 -22.92
CA ALA F 104 31.30 -8.74 -23.01
C ALA F 104 30.75 -8.42 -21.63
N ILE F 105 30.77 -9.37 -20.70
CA ILE F 105 30.25 -9.13 -19.36
C ILE F 105 31.05 -8.02 -18.68
N GLU F 106 32.38 -8.13 -18.71
CA GLU F 106 33.23 -7.12 -18.09
C GLU F 106 32.92 -5.75 -18.67
N ALA F 107 32.90 -5.64 -19.99
CA ALA F 107 32.52 -4.39 -20.64
C ALA F 107 31.24 -3.81 -20.06
N MET F 108 30.22 -4.66 -19.89
CA MET F 108 28.94 -4.19 -19.37
C MET F 108 28.97 -3.96 -17.85
N VAL F 109 29.93 -4.52 -17.13
CA VAL F 109 30.02 -4.21 -15.71
C VAL F 109 30.80 -2.92 -15.49
N ASP F 110 31.81 -2.63 -16.34
CA ASP F 110 32.49 -1.35 -16.17
C ASP F 110 31.69 -0.19 -16.73
N SER F 111 30.83 -0.45 -17.72
CA SER F 111 29.86 0.57 -18.10
C SER F 111 28.93 0.88 -16.93
N GLU F 112 28.58 -0.14 -16.16
CA GLU F 112 27.71 0.02 -15.00
C GLU F 112 28.41 0.81 -13.89
N LEU F 113 29.69 0.53 -13.65
CA LEU F 113 30.37 1.14 -12.52
C LEU F 113 30.69 2.61 -12.75
N GLU F 114 30.65 3.05 -14.01
CA GLU F 114 30.91 4.46 -14.28
C GLU F 114 29.94 5.36 -13.52
N GLY F 115 28.65 5.04 -13.55
CA GLY F 115 27.68 5.82 -12.81
C GLY F 115 27.66 5.62 -11.32
N LEU F 116 28.60 4.85 -10.76
CA LEU F 116 28.55 4.43 -9.36
C LEU F 116 29.79 4.91 -8.62
N ALA F 117 29.58 5.58 -7.48
CA ALA F 117 30.65 5.96 -6.57
C ALA F 117 30.62 5.10 -5.31
N ALA F 118 31.80 4.93 -4.71
CA ALA F 118 31.92 4.16 -3.47
C ALA F 118 31.70 5.09 -2.29
N LEU F 119 30.54 4.99 -1.67
CA LEU F 119 30.10 5.98 -0.69
C LEU F 119 30.96 5.94 0.57
N ALA F 120 31.67 7.03 0.84
CA ALA F 120 32.28 7.29 2.13
C ALA F 120 31.24 7.96 3.02
N ASN F 121 30.81 7.26 4.09
CA ASN F 121 29.75 7.74 4.96
C ASN F 121 30.30 8.00 6.36
N PRO F 122 30.57 9.24 6.73
CA PRO F 122 30.34 10.42 5.89
C PRO F 122 31.55 10.80 5.06
N ALA F 123 31.42 11.84 4.22
CA ALA F 123 32.56 12.34 3.47
C ALA F 123 33.69 12.74 4.40
N GLN F 124 34.92 12.69 3.89
CA GLN F 124 36.08 13.06 4.72
C GLN F 124 35.91 14.44 5.34
N ILE F 125 35.58 15.44 4.53
CA ILE F 125 35.39 16.79 5.05
C ILE F 125 34.36 16.83 6.17
N ALA F 126 33.53 15.79 6.32
CA ALA F 126 32.53 15.76 7.37
C ALA F 126 32.85 14.70 8.43
N GLY F 127 34.14 14.38 8.59
CA GLY F 127 34.59 13.46 9.63
C GLY F 127 34.77 12.02 9.20
N GLY F 128 34.97 11.77 7.91
CA GLY F 128 35.07 10.42 7.44
C GLY F 128 36.50 10.01 7.14
N TYR F 129 37.45 10.66 7.80
CA TYR F 129 38.87 10.32 7.68
C TYR F 129 39.07 8.81 7.62
N VAL F 130 38.27 8.08 8.40
CA VAL F 130 38.55 6.67 8.66
C VAL F 130 37.31 5.85 8.38
N ASP F 131 36.68 6.10 7.23
CA ASP F 131 35.49 5.34 6.87
C ASP F 131 35.85 3.96 6.33
N VAL F 132 35.08 2.97 6.74
CA VAL F 132 35.09 1.66 6.11
C VAL F 132 33.98 1.67 5.06
N VAL F 133 34.35 1.41 3.82
CA VAL F 133 33.46 1.61 2.67
C VAL F 133 32.88 0.26 2.26
N THR F 134 31.54 0.17 2.25
CA THR F 134 30.86 -1.07 1.90
C THR F 134 29.69 -0.90 0.94
N GLN F 135 29.34 0.33 0.55
CA GLN F 135 28.17 0.58 -0.29
C GLN F 135 28.56 1.38 -1.52
N MET F 136 27.71 1.29 -2.54
CA MET F 136 27.83 2.03 -3.78
C MET F 136 26.60 2.94 -3.91
N GLY F 137 26.70 3.96 -4.74
CA GLY F 137 25.55 4.83 -4.96
C GLY F 137 25.78 5.73 -6.15
N ASN F 138 24.70 6.36 -6.57
CA ASN F 138 24.75 7.24 -7.74
C ASN F 138 25.91 8.24 -7.65
N LYS F 139 26.79 8.23 -8.65
CA LYS F 139 27.97 9.11 -8.61
C LYS F 139 27.57 10.58 -8.61
N ARG F 140 26.55 10.94 -9.38
CA ARG F 140 26.16 12.34 -9.46
C ARG F 140 25.64 12.85 -8.13
N ILE F 141 24.63 12.17 -7.56
CA ILE F 141 24.09 12.57 -6.27
C ILE F 141 25.20 12.65 -5.23
N ASN F 142 26.10 11.66 -5.24
CA ASN F 142 27.23 11.70 -4.30
C ASN F 142 28.10 12.92 -4.51
N SER F 143 28.32 13.34 -5.77
CA SER F 143 29.10 14.55 -5.99
C SER F 143 28.36 15.79 -5.55
N SER F 144 27.04 15.87 -5.80
CA SER F 144 26.31 17.04 -5.33
C SER F 144 26.43 17.19 -3.82
N ILE F 145 26.25 16.09 -3.10
CA ILE F 145 26.44 16.13 -1.66
C ILE F 145 27.85 16.58 -1.32
N GLY F 146 28.85 16.04 -2.02
CA GLY F 146 30.22 16.40 -1.71
C GLY F 146 30.50 17.87 -1.89
N SER F 147 30.11 18.44 -3.04
CA SER F 147 30.35 19.85 -3.24
C SER F 147 29.49 20.67 -2.29
N GLN F 148 28.27 20.21 -2.00
CA GLN F 148 27.43 20.97 -1.09
C GLN F 148 27.99 21.01 0.33
N TRP F 149 28.87 20.07 0.71
CA TRP F 149 29.46 20.15 2.04
C TRP F 149 30.29 21.41 2.18
N GLY F 150 30.70 22.03 1.09
CA GLY F 150 31.45 23.26 1.16
C GLY F 150 32.93 23.03 1.31
N SER F 151 33.60 24.08 1.78
CA SER F 151 35.05 24.12 1.91
C SER F 151 35.46 24.12 3.38
N ILE F 152 36.77 24.11 3.60
CA ILE F 152 37.30 24.11 4.96
C ILE F 152 37.09 25.44 5.66
N GLU F 153 36.77 26.50 4.92
CA GLU F 153 36.59 27.82 5.49
C GLU F 153 35.17 28.36 5.34
N LYS F 154 34.30 27.68 4.61
CA LYS F 154 32.90 28.10 4.47
C LYS F 154 32.07 26.91 4.01
N GLY F 155 30.87 26.76 4.57
CA GLY F 155 29.99 25.73 4.08
C GLY F 155 29.36 24.93 5.19
N ARG F 156 28.68 23.84 4.80
CA ARG F 156 27.79 23.14 5.71
C ARG F 156 28.55 22.36 6.77
N SER F 157 29.65 21.71 6.40
CA SER F 157 30.43 20.99 7.40
C SER F 157 31.00 21.95 8.44
N LEU F 158 31.34 23.17 8.03
CA LEU F 158 31.82 24.16 8.97
C LEU F 158 30.74 24.54 9.98
N ASN F 159 29.61 25.05 9.49
CA ASN F 159 28.50 25.41 10.37
C ASN F 159 28.12 24.27 11.31
N ILE F 160 28.25 23.02 10.88
CA ILE F 160 27.93 21.93 11.79
C ILE F 160 28.96 21.87 12.91
N GLU F 161 30.24 22.01 12.57
CA GLU F 161 31.29 21.98 13.58
C GLU F 161 31.25 23.21 14.47
N ASN F 162 30.95 24.38 13.90
CA ASN F 162 30.88 25.61 14.69
C ASN F 162 29.74 25.58 15.69
N GLU F 163 28.72 24.75 15.47
CA GLU F 163 27.61 24.67 16.41
C GLU F 163 27.82 23.58 17.45
N LEU F 164 28.61 22.56 17.12
CA LEU F 164 29.03 21.59 18.11
C LEU F 164 30.06 22.20 19.05
N LEU F 165 30.98 23.01 18.51
CA LEU F 165 31.91 23.75 19.37
C LEU F 165 31.16 24.65 20.33
N LYS F 166 30.24 25.46 19.81
CA LYS F 166 29.39 26.28 20.67
C LYS F 166 28.57 25.41 21.62
N LEU F 167 28.31 24.16 21.26
CA LEU F 167 27.45 23.32 22.10
C LEU F 167 28.21 22.67 23.25
N ILE F 168 29.51 22.41 23.06
CA ILE F 168 30.33 21.87 24.16
C ILE F 168 30.88 22.96 25.07
N THR F 169 30.89 24.22 24.64
CA THR F 169 31.24 25.32 25.51
C THR F 169 30.06 25.75 26.39
N ASP F 170 28.84 25.67 25.85
CA ASP F 170 27.65 26.03 26.62
C ASP F 170 27.68 25.35 27.98
N PRO F 171 27.25 26.03 29.04
CA PRO F 171 27.38 25.48 30.39
C PRO F 171 26.26 24.50 30.68
N PRO F 172 26.57 23.40 31.39
CA PRO F 172 27.96 23.12 31.76
C PRO F 172 28.75 22.61 30.56
N PRO F 173 30.09 22.70 30.63
CA PRO F 173 30.90 22.33 29.46
C PRO F 173 30.96 20.82 29.31
N ILE F 174 30.54 20.32 28.14
CA ILE F 174 30.76 18.92 27.79
C ILE F 174 32.27 18.74 27.66
N THR F 175 32.86 18.09 28.65
CA THR F 175 34.30 18.08 28.86
C THR F 175 34.98 17.00 28.02
N GLU F 176 36.31 17.06 28.00
CA GLU F 176 37.11 16.11 27.25
C GLU F 176 36.81 14.67 27.66
N GLU F 177 36.37 14.47 28.91
CA GLU F 177 36.11 13.13 29.40
C GLU F 177 34.84 12.55 28.80
N GLU F 178 33.73 13.30 28.86
CA GLU F 178 32.46 12.83 28.35
C GLU F 178 32.33 12.96 26.84
N GLN F 179 33.21 13.72 26.19
CA GLN F 179 33.16 13.79 24.73
C GLN F 179 33.42 12.43 24.11
N LYS F 180 34.20 11.57 24.77
CA LYS F 180 34.46 10.22 24.27
C LYS F 180 33.36 9.23 24.61
N LYS F 181 32.19 9.71 25.08
CA LYS F 181 31.07 8.82 25.39
C LYS F 181 29.70 9.37 24.99
N ILE F 182 29.60 10.60 24.52
CA ILE F 182 28.37 11.10 23.93
C ILE F 182 28.49 10.94 22.41
N LYS F 183 27.40 10.52 21.77
CA LYS F 183 27.40 10.37 20.32
C LYS F 183 27.00 11.68 19.65
N MET F 184 27.44 11.85 18.41
CA MET F 184 26.98 12.98 17.62
C MET F 184 25.47 12.86 17.39
N ASN F 185 24.84 14.00 17.07
CA ASN F 185 23.39 14.02 16.84
C ASN F 185 23.10 15.10 15.79
N VAL F 186 23.31 14.75 14.53
CA VAL F 186 23.08 15.66 13.43
C VAL F 186 21.84 15.21 12.68
N ASN F 187 21.28 16.13 11.91
CA ASN F 187 20.13 15.85 11.05
C ASN F 187 20.36 16.58 9.73
N LEU F 188 20.82 15.83 8.73
CA LEU F 188 21.04 16.38 7.40
C LEU F 188 19.84 16.26 6.50
N VAL F 189 18.81 15.51 6.92
CA VAL F 189 17.77 15.01 6.03
C VAL F 189 16.43 15.71 6.21
N GLU F 190 16.30 16.61 7.18
CA GLU F 190 14.95 17.09 7.49
C GLU F 190 14.47 18.13 6.48
N ASN F 191 15.13 19.28 6.41
CA ASN F 191 14.60 20.38 5.61
C ASN F 191 15.24 20.46 4.24
N LEU F 192 15.35 19.30 3.57
CA LEU F 192 15.91 19.21 2.23
C LEU F 192 15.13 20.11 1.28
N GLU F 193 15.82 21.03 0.61
CA GLU F 193 15.18 22.08 -0.17
C GLU F 193 15.15 21.69 -1.64
N ILE F 194 13.95 21.69 -2.21
CA ILE F 194 13.77 21.51 -3.65
C ILE F 194 13.80 22.89 -4.28
N VAL F 195 14.90 23.24 -4.92
CA VAL F 195 15.11 24.58 -5.47
C VAL F 195 13.89 25.08 -6.22
N LEU G 14 -19.96 -23.12 -11.30
CA LEU G 14 -20.23 -23.04 -12.74
C LEU G 14 -19.07 -22.37 -13.47
N SER G 15 -19.01 -22.57 -14.79
CA SER G 15 -17.97 -21.94 -15.59
C SER G 15 -18.23 -20.44 -15.73
N VAL G 16 -17.16 -19.66 -15.75
CA VAL G 16 -17.28 -18.21 -15.87
C VAL G 16 -17.73 -17.86 -17.29
N ILE G 17 -18.67 -16.92 -17.37
CA ILE G 17 -19.22 -16.46 -18.64
C ILE G 17 -18.79 -15.02 -18.85
N PHE G 18 -17.99 -14.80 -19.89
CA PHE G 18 -17.52 -13.46 -20.22
C PHE G 18 -18.50 -12.79 -21.18
N VAL G 19 -18.76 -11.51 -20.95
CA VAL G 19 -19.69 -10.77 -21.79
C VAL G 19 -19.01 -10.48 -23.12
N LYS G 20 -19.68 -10.85 -24.21
CA LYS G 20 -19.21 -10.50 -25.53
C LYS G 20 -20.33 -9.82 -26.31
N PRO G 21 -20.01 -8.77 -27.05
CA PRO G 21 -18.65 -8.21 -27.03
C PRO G 21 -18.39 -7.55 -25.67
N PRO G 22 -17.12 -7.31 -25.33
CA PRO G 22 -16.82 -6.63 -24.07
C PRO G 22 -17.36 -5.20 -24.07
N PHE G 23 -17.70 -4.71 -22.88
CA PHE G 23 -18.20 -3.35 -22.79
C PHE G 23 -17.14 -2.35 -23.20
N GLN G 24 -17.58 -1.18 -23.66
CA GLN G 24 -16.68 -0.14 -24.12
C GLN G 24 -16.82 1.09 -23.23
N LEU G 25 -15.70 1.76 -23.00
CA LEU G 25 -15.71 3.12 -22.47
C LEU G 25 -15.44 4.03 -23.66
N LYS G 26 -16.50 4.60 -24.24
CA LYS G 26 -16.38 5.45 -25.41
C LYS G 26 -15.47 6.64 -25.09
N LYS G 27 -15.17 7.44 -26.12
CA LYS G 27 -14.18 8.51 -25.94
C LYS G 27 -14.69 9.69 -25.12
N LYS G 28 -16.00 9.91 -25.06
CA LYS G 28 -16.56 10.97 -24.21
C LYS G 28 -16.27 10.76 -22.73
N PHE G 29 -15.96 9.53 -22.32
CA PHE G 29 -15.77 9.19 -20.92
C PHE G 29 -14.31 9.04 -20.51
N GLN G 30 -13.38 9.14 -21.45
CA GLN G 30 -11.96 9.02 -21.13
C GLN G 30 -11.33 10.36 -20.77
N LYS G 31 -12.13 11.43 -20.67
CA LYS G 31 -11.57 12.71 -20.25
C LYS G 31 -11.22 12.68 -18.78
N ASP G 32 -12.24 12.52 -17.92
CA ASP G 32 -12.14 12.49 -16.46
C ASP G 32 -11.83 11.06 -15.99
N PRO G 33 -10.77 10.87 -15.19
CA PRO G 33 -10.57 9.54 -14.60
C PRO G 33 -11.77 9.06 -13.81
N PHE G 34 -12.63 9.96 -13.36
CA PHE G 34 -13.80 9.55 -12.61
C PHE G 34 -14.72 8.67 -13.45
N TYR G 35 -14.85 8.97 -14.75
CA TYR G 35 -15.86 8.27 -15.54
C TYR G 35 -15.52 6.80 -15.69
N GLU G 36 -14.23 6.47 -15.84
CA GLU G 36 -13.85 5.06 -15.90
C GLU G 36 -14.10 4.35 -14.57
N ILE G 37 -13.67 4.98 -13.47
CA ILE G 37 -13.89 4.38 -12.16
C ILE G 37 -15.37 4.12 -11.94
N GLU G 38 -16.20 5.13 -12.19
CA GLU G 38 -17.64 4.97 -12.05
C GLU G 38 -18.14 3.80 -12.90
N MET G 39 -17.62 3.69 -14.13
CA MET G 39 -18.02 2.59 -14.99
C MET G 39 -17.70 1.24 -14.36
N ARG G 40 -16.44 1.02 -13.99
CA ARG G 40 -16.06 -0.28 -13.46
C ARG G 40 -16.84 -0.59 -12.18
N LYS G 41 -17.06 0.43 -11.34
CA LYS G 41 -17.89 0.21 -10.15
C LYS G 41 -19.30 -0.19 -10.56
N GLN G 42 -19.87 0.48 -11.55
CA GLN G 42 -21.25 0.21 -11.94
C GLN G 42 -21.37 -1.17 -12.58
N LEU G 43 -20.36 -1.57 -13.36
CA LEU G 43 -20.34 -2.92 -13.91
C LEU G 43 -20.20 -3.96 -12.80
N GLN G 44 -19.30 -3.71 -11.85
CA GLN G 44 -19.18 -4.59 -10.69
C GLN G 44 -20.54 -4.83 -10.03
N MET G 45 -21.38 -3.81 -9.98
CA MET G 45 -22.64 -3.94 -9.27
C MET G 45 -23.70 -4.64 -10.11
N GLN G 46 -23.75 -4.38 -11.42
CA GLN G 46 -24.61 -5.17 -12.28
C GLN G 46 -24.19 -6.64 -12.26
N GLN G 47 -22.88 -6.89 -12.45
CA GLN G 47 -22.37 -8.26 -12.44
C GLN G 47 -22.62 -8.93 -11.11
N ASP G 48 -22.49 -8.19 -10.01
CA ASP G 48 -22.78 -8.77 -8.71
C ASP G 48 -24.27 -8.99 -8.52
N GLY G 49 -25.11 -8.27 -9.26
CA GLY G 49 -26.54 -8.54 -9.22
C GLY G 49 -26.91 -9.83 -9.93
N ILE G 50 -26.35 -10.03 -11.13
CA ILE G 50 -26.52 -11.30 -11.83
C ILE G 50 -25.98 -12.45 -10.98
N ASN G 51 -24.67 -12.43 -10.71
CA ASN G 51 -23.99 -13.51 -9.98
C ASN G 51 -24.62 -13.82 -8.62
N ASN G 52 -25.59 -13.03 -8.19
CA ASN G 52 -26.30 -13.32 -6.95
C ASN G 52 -27.62 -14.06 -7.20
N MET G 53 -27.90 -14.41 -8.45
CA MET G 53 -29.08 -15.18 -8.79
C MET G 53 -28.69 -16.62 -9.15
N THR G 54 -29.59 -17.55 -8.85
CA THR G 54 -29.48 -18.90 -9.35
C THR G 54 -29.76 -18.93 -10.85
N ILE G 55 -29.21 -19.94 -11.52
CA ILE G 55 -29.41 -20.05 -12.97
C ILE G 55 -30.89 -20.07 -13.30
N PHE G 56 -31.67 -20.87 -12.55
CA PHE G 56 -33.12 -20.88 -12.71
C PHE G 56 -33.68 -19.46 -12.58
N GLU G 57 -33.26 -18.74 -11.54
CA GLU G 57 -33.77 -17.39 -11.29
C GLU G 57 -33.53 -16.47 -12.48
N TRP G 58 -32.28 -16.42 -12.95
CA TRP G 58 -31.90 -15.44 -13.98
C TRP G 58 -32.65 -15.66 -15.29
N LEU G 59 -32.95 -16.90 -15.65
CA LEU G 59 -33.65 -17.16 -16.89
C LEU G 59 -35.14 -16.87 -16.78
N LYS G 60 -35.75 -17.24 -15.64
CA LYS G 60 -37.15 -16.89 -15.40
C LYS G 60 -37.38 -15.41 -15.61
N ASN G 61 -36.44 -14.58 -15.12
CA ASN G 61 -36.58 -13.14 -15.23
C ASN G 61 -36.30 -12.67 -16.65
N ARG G 62 -35.30 -13.25 -17.31
CA ARG G 62 -35.11 -12.99 -18.73
C ARG G 62 -36.40 -13.30 -19.49
N GLU G 63 -37.05 -14.42 -19.14
CA GLU G 63 -38.34 -14.79 -19.73
C GLU G 63 -39.33 -13.63 -19.65
N ASN G 64 -39.66 -13.20 -18.44
CA ASN G 64 -40.66 -12.17 -18.23
C ASN G 64 -40.32 -10.88 -18.95
N PHE G 65 -39.05 -10.63 -19.26
CA PHE G 65 -38.72 -9.46 -20.06
C PHE G 65 -39.09 -9.68 -21.52
N LYS G 66 -38.68 -10.80 -22.10
CA LYS G 66 -39.03 -11.10 -23.49
C LYS G 66 -40.54 -11.09 -23.67
N LYS G 67 -41.26 -11.77 -22.78
CA LYS G 67 -42.72 -11.82 -22.83
C LYS G 67 -43.32 -10.41 -22.86
N TYR G 68 -43.23 -9.70 -21.73
CA TYR G 68 -43.93 -8.42 -21.57
C TYR G 68 -43.09 -7.23 -22.01
N GLY G 69 -41.81 -7.21 -21.65
CA GLY G 69 -40.94 -6.11 -22.03
C GLY G 69 -41.02 -4.96 -21.06
N ARG G 70 -39.97 -4.79 -20.25
CA ARG G 70 -39.94 -3.78 -19.19
C ARG G 70 -40.93 -4.14 -18.08
N ASN G 71 -41.08 -3.22 -17.12
CA ASN G 71 -41.94 -3.42 -15.97
C ASN G 71 -42.36 -2.05 -15.43
N PRO G 72 -43.64 -1.69 -15.56
CA PRO G 72 -44.05 -0.34 -15.14
C PRO G 72 -43.76 -0.04 -13.68
N LYS G 73 -43.78 -1.07 -12.81
CA LYS G 73 -43.58 -0.85 -11.38
C LYS G 73 -42.31 -0.06 -11.11
N SER G 74 -41.19 -0.48 -11.72
CA SER G 74 -39.89 0.12 -11.47
C SER G 74 -39.90 1.65 -11.49
N LYS G 75 -40.88 2.27 -12.15
CA LYS G 75 -40.89 3.74 -12.21
C LYS G 75 -41.13 4.34 -10.82
N LYS G 76 -42.09 3.78 -10.06
CA LYS G 76 -42.42 4.33 -8.75
C LYS G 76 -41.45 3.86 -7.66
N ILE G 77 -40.97 2.62 -7.74
CA ILE G 77 -39.88 2.20 -6.86
C ILE G 77 -38.67 3.10 -7.09
N GLN G 78 -38.40 3.44 -8.35
CA GLN G 78 -37.23 4.24 -8.69
C GLN G 78 -37.24 5.59 -7.97
N GLU G 79 -38.32 6.36 -8.13
CA GLU G 79 -38.33 7.72 -7.63
C GLU G 79 -38.61 7.79 -6.13
N ASP G 80 -39.36 6.82 -5.59
CA ASP G 80 -39.50 6.75 -4.14
C ASP G 80 -38.14 6.65 -3.48
N PHE G 81 -37.26 5.84 -4.04
CA PHE G 81 -35.87 5.82 -3.59
C PHE G 81 -35.26 7.21 -3.67
N ARG G 82 -35.38 7.86 -4.83
CA ARG G 82 -34.91 9.23 -4.99
C ARG G 82 -35.34 10.11 -3.83
N ASP G 83 -36.63 10.03 -3.46
CA ASP G 83 -37.11 10.89 -2.38
C ASP G 83 -36.48 10.51 -1.05
N ARG G 84 -36.25 9.22 -0.83
CA ARG G 84 -35.60 8.81 0.40
C ARG G 84 -34.12 9.16 0.38
N TYR G 85 -33.45 8.98 -0.77
CA TYR G 85 -32.07 9.42 -0.91
C TYR G 85 -31.95 10.93 -0.73
N ARG G 86 -32.88 11.69 -1.31
CA ARG G 86 -32.92 13.13 -1.08
C ARG G 86 -32.94 13.45 0.42
N ASN G 87 -33.94 12.92 1.11
CA ASN G 87 -34.11 13.21 2.53
C ASN G 87 -32.83 12.95 3.30
N ALA G 88 -32.20 11.79 3.07
CA ALA G 88 -31.02 11.43 3.84
C ALA G 88 -29.86 12.39 3.56
N LYS G 89 -29.70 12.81 2.30
CA LYS G 89 -28.61 13.74 1.98
C LYS G 89 -28.86 15.11 2.59
N ILE G 90 -30.14 15.48 2.78
CA ILE G 90 -30.45 16.74 3.45
C ILE G 90 -30.03 16.68 4.92
N ASP G 91 -30.44 15.62 5.62
CA ASP G 91 -30.15 15.52 7.04
C ASP G 91 -28.64 15.48 7.32
N GLU G 92 -27.86 14.93 6.39
CA GLU G 92 -26.41 14.91 6.60
C GLU G 92 -25.83 16.32 6.50
N TYR G 93 -26.34 17.12 5.55
CA TYR G 93 -25.97 18.53 5.54
C TYR G 93 -26.31 19.19 6.87
N LEU G 94 -27.56 19.04 7.31
CA LEU G 94 -28.03 19.64 8.56
C LEU G 94 -27.23 19.17 9.78
N LEU G 95 -26.49 18.07 9.64
CA LEU G 95 -25.67 17.57 10.75
C LEU G 95 -24.46 18.46 10.99
N LEU G 96 -23.74 18.81 9.92
CA LEU G 96 -22.51 19.59 10.09
C LEU G 96 -22.81 21.07 10.32
N TYR G 97 -23.66 21.67 9.48
CA TYR G 97 -23.86 23.12 9.44
C TYR G 97 -25.31 23.44 9.83
N GLU G 98 -25.58 23.47 11.13
CA GLU G 98 -26.92 23.84 11.59
C GLU G 98 -27.23 25.31 11.30
N ASP G 99 -26.20 26.16 11.31
CA ASP G 99 -26.33 27.56 10.91
C ASP G 99 -26.21 27.59 9.39
N MET G 100 -27.36 27.45 8.73
CA MET G 100 -27.38 27.30 7.27
C MET G 100 -28.81 27.25 6.76
N ASP G 101 -29.15 28.20 5.90
CA ASP G 101 -30.45 28.22 5.25
C ASP G 101 -30.84 26.83 4.75
N ILE G 102 -31.95 26.30 5.25
CA ILE G 102 -32.44 25.01 4.78
C ILE G 102 -32.60 25.00 3.26
N LYS G 103 -32.81 26.17 2.67
CA LYS G 103 -32.98 26.23 1.22
C LYS G 103 -31.64 26.13 0.51
N ALA G 104 -30.58 26.73 1.07
CA ALA G 104 -29.25 26.51 0.52
C ALA G 104 -28.93 25.03 0.47
N ILE G 105 -29.30 24.30 1.51
CA ILE G 105 -29.01 22.86 1.57
C ILE G 105 -29.75 22.13 0.46
N GLU G 106 -31.05 22.35 0.36
CA GLU G 106 -31.81 21.70 -0.70
C GLU G 106 -31.25 22.06 -2.07
N ALA G 107 -30.94 23.34 -2.28
CA ALA G 107 -30.28 23.75 -3.51
C ALA G 107 -29.05 22.90 -3.76
N MET G 108 -28.22 22.71 -2.72
CA MET G 108 -26.99 21.95 -2.90
C MET G 108 -27.28 20.46 -3.04
N VAL G 109 -28.38 19.97 -2.49
CA VAL G 109 -28.69 18.56 -2.66
C VAL G 109 -29.23 18.31 -4.06
N ASP G 110 -30.09 19.20 -4.55
CA ASP G 110 -30.67 19.00 -5.89
C ASP G 110 -29.63 19.25 -6.98
N SER G 111 -28.65 20.13 -6.73
CA SER G 111 -27.51 20.24 -7.62
C SER G 111 -26.73 18.94 -7.66
N GLU G 112 -26.41 18.38 -6.50
CA GLU G 112 -25.76 17.07 -6.41
C GLU G 112 -26.59 16.00 -7.09
N LEU G 113 -27.83 15.88 -6.69
CA LEU G 113 -28.79 14.83 -7.01
C LEU G 113 -29.25 14.84 -8.48
N GLU G 114 -28.69 15.68 -9.34
CA GLU G 114 -29.07 15.70 -10.74
C GLU G 114 -28.28 14.68 -11.56
N GLY G 115 -26.96 14.67 -11.43
CA GLY G 115 -26.12 13.69 -12.12
C GLY G 115 -26.39 12.26 -11.73
N LEU G 116 -27.11 12.04 -10.64
CA LEU G 116 -27.32 10.72 -10.07
C LEU G 116 -28.59 10.07 -10.63
N ALA G 117 -28.67 8.75 -10.48
CA ALA G 117 -29.79 7.98 -11.02
C ALA G 117 -29.97 6.71 -10.20
N ALA G 118 -31.22 6.33 -9.99
CA ALA G 118 -31.49 5.08 -9.30
C ALA G 118 -30.86 3.92 -10.08
N LEU G 119 -30.03 3.14 -9.40
CA LEU G 119 -29.28 2.06 -10.03
C LEU G 119 -30.00 0.73 -9.86
N ALA G 120 -30.42 0.12 -10.97
CA ALA G 120 -31.02 -1.20 -10.97
C ALA G 120 -29.93 -2.23 -11.26
N ASN G 121 -29.53 -2.99 -10.25
CA ASN G 121 -28.44 -3.95 -10.40
C ASN G 121 -28.97 -5.38 -10.30
N PRO G 122 -29.09 -6.11 -11.43
CA PRO G 122 -28.79 -5.64 -12.79
C PRO G 122 -29.98 -4.95 -13.44
N ALA G 123 -29.74 -4.37 -14.62
CA ALA G 123 -30.80 -3.75 -15.38
C ALA G 123 -31.87 -4.78 -15.73
N GLN G 124 -33.06 -4.29 -16.07
CA GLN G 124 -34.17 -5.20 -16.33
C GLN G 124 -33.83 -6.16 -17.47
N ILE G 125 -33.21 -5.66 -18.54
CA ILE G 125 -32.95 -6.49 -19.71
C ILE G 125 -31.89 -7.56 -19.47
N ALA G 126 -31.17 -7.49 -18.35
CA ALA G 126 -30.34 -8.60 -17.90
C ALA G 126 -30.93 -9.34 -16.70
N GLY G 127 -32.20 -9.07 -16.38
CA GLY G 127 -32.91 -9.77 -15.32
C GLY G 127 -33.17 -9.00 -14.04
N GLY G 128 -34.03 -7.99 -14.08
CA GLY G 128 -34.35 -7.21 -12.90
C GLY G 128 -35.47 -7.78 -12.02
N VAL G 132 -35.92 -3.73 -6.90
CA VAL G 132 -35.39 -3.44 -5.57
C VAL G 132 -34.06 -2.64 -5.60
N VAL G 133 -34.21 -1.31 -5.58
CA VAL G 133 -33.12 -0.36 -5.79
C VAL G 133 -32.55 0.08 -4.45
N THR G 134 -31.21 0.15 -4.36
CA THR G 134 -30.63 0.51 -3.08
C THR G 134 -29.48 1.51 -3.13
N GLN G 135 -28.86 1.78 -4.29
CA GLN G 135 -27.81 2.80 -4.35
C GLN G 135 -28.01 3.68 -5.57
N MET G 136 -27.37 4.85 -5.53
CA MET G 136 -27.41 5.85 -6.59
C MET G 136 -26.09 5.88 -7.32
N GLY G 137 -26.12 6.36 -8.56
CA GLY G 137 -24.92 6.41 -9.38
C GLY G 137 -25.06 7.35 -10.55
N ASN G 138 -23.91 7.70 -11.13
CA ASN G 138 -23.88 8.66 -12.22
C ASN G 138 -24.81 8.23 -13.35
N LYS G 139 -25.77 9.08 -13.71
CA LYS G 139 -26.79 8.65 -14.66
C LYS G 139 -26.25 8.55 -16.09
N ARG G 140 -25.24 9.34 -16.43
CA ARG G 140 -24.61 9.22 -17.75
C ARG G 140 -24.04 7.82 -17.94
N ILE G 141 -23.11 7.43 -17.07
CA ILE G 141 -22.50 6.11 -17.15
C ILE G 141 -23.58 5.02 -17.07
N ASN G 142 -24.53 5.18 -16.16
CA ASN G 142 -25.59 4.19 -16.02
C ASN G 142 -26.29 3.93 -17.34
N SER G 143 -26.74 5.00 -18.01
CA SER G 143 -27.48 4.80 -19.26
C SER G 143 -26.57 4.24 -20.34
N SER G 144 -25.30 4.65 -20.36
CA SER G 144 -24.37 4.05 -21.31
C SER G 144 -24.35 2.54 -21.15
N ILE G 145 -24.31 2.06 -19.91
CA ILE G 145 -24.42 0.63 -19.66
C ILE G 145 -25.80 0.13 -20.06
N GLY G 146 -26.79 1.01 -20.05
CA GLY G 146 -28.12 0.67 -20.54
C GLY G 146 -28.11 0.31 -22.00
N SER G 147 -27.76 1.26 -22.86
CA SER G 147 -27.62 0.97 -24.27
C SER G 147 -26.77 -0.29 -24.49
N GLN G 148 -25.56 -0.31 -23.95
CA GLN G 148 -24.61 -1.36 -24.30
C GLN G 148 -25.16 -2.76 -24.06
N TRP G 149 -26.17 -2.90 -23.20
CA TRP G 149 -26.77 -4.21 -23.00
C TRP G 149 -27.41 -4.75 -24.27
N GLY G 150 -27.79 -3.87 -25.19
CA GLY G 150 -28.37 -4.29 -26.46
C GLY G 150 -29.88 -4.41 -26.43
N SER G 151 -30.42 -5.35 -27.18
CA SER G 151 -31.85 -5.56 -27.30
C SER G 151 -32.18 -7.02 -27.05
N ILE G 152 -33.48 -7.31 -26.98
CA ILE G 152 -33.91 -8.70 -26.86
C ILE G 152 -33.57 -9.47 -28.13
N GLU G 153 -33.32 -8.76 -29.23
CA GLU G 153 -32.99 -9.40 -30.50
C GLU G 153 -31.49 -9.70 -30.59
N LYS G 154 -30.64 -8.68 -30.50
CA LYS G 154 -29.20 -8.88 -30.54
C LYS G 154 -28.52 -7.95 -29.55
N GLY G 155 -27.67 -8.51 -28.70
CA GLY G 155 -26.96 -7.72 -27.72
C GLY G 155 -26.18 -8.60 -26.76
N ARG G 156 -25.43 -7.92 -25.88
CA ARG G 156 -24.63 -8.61 -24.88
C ARG G 156 -25.49 -9.43 -23.93
N SER G 157 -26.64 -8.88 -23.54
CA SER G 157 -27.58 -9.61 -22.69
C SER G 157 -27.93 -10.95 -23.28
N LEU G 158 -28.19 -10.99 -24.59
CA LEU G 158 -28.54 -12.23 -25.26
C LEU G 158 -27.34 -13.17 -25.35
N ASN G 159 -26.17 -12.64 -25.70
CA ASN G 159 -24.97 -13.48 -25.78
C ASN G 159 -24.64 -14.13 -24.44
N ILE G 160 -24.99 -13.48 -23.33
CA ILE G 160 -24.90 -14.15 -22.04
C ILE G 160 -25.89 -15.31 -21.99
N GLU G 161 -27.08 -15.12 -22.56
CA GLU G 161 -28.05 -16.19 -22.67
C GLU G 161 -27.48 -17.33 -23.49
N ASN G 162 -27.28 -17.11 -24.79
CA ASN G 162 -26.78 -18.17 -25.67
C ASN G 162 -25.69 -18.97 -24.99
N GLU G 163 -24.70 -18.28 -24.43
CA GLU G 163 -23.60 -18.93 -23.72
C GLU G 163 -24.13 -19.85 -22.62
N LEU G 164 -24.85 -19.27 -21.65
CA LEU G 164 -25.40 -20.04 -20.55
C LEU G 164 -26.19 -21.24 -21.04
N LEU G 165 -27.02 -21.04 -22.07
CA LEU G 165 -27.83 -22.13 -22.61
C LEU G 165 -26.95 -23.31 -23.00
N LYS G 166 -25.94 -23.07 -23.85
CA LYS G 166 -25.04 -24.14 -24.26
C LYS G 166 -24.64 -25.02 -23.08
N LEU G 167 -24.00 -24.44 -22.08
CA LEU G 167 -23.76 -25.14 -20.82
C LEU G 167 -25.10 -25.60 -20.25
N LYS G 183 -25.83 -21.08 -9.15
CA LYS G 183 -25.49 -19.66 -8.95
C LYS G 183 -24.75 -19.08 -10.14
N MET G 184 -25.31 -18.03 -10.72
CA MET G 184 -24.71 -17.35 -11.86
C MET G 184 -23.22 -17.07 -11.63
N ASN G 185 -22.46 -17.07 -12.73
CA ASN G 185 -21.05 -16.70 -12.75
C ASN G 185 -20.77 -16.02 -14.08
N VAL G 186 -21.12 -14.74 -14.17
CA VAL G 186 -20.74 -13.91 -15.30
C VAL G 186 -19.66 -12.93 -14.85
N ASN G 187 -18.99 -12.33 -15.82
CA ASN G 187 -17.91 -11.40 -15.56
C ASN G 187 -17.98 -10.29 -16.61
N LEU G 188 -18.25 -9.06 -16.17
CA LEU G 188 -18.39 -7.90 -17.05
C LEU G 188 -17.26 -6.90 -16.91
N VAL G 189 -16.33 -7.11 -15.98
CA VAL G 189 -15.34 -6.09 -15.62
C VAL G 189 -13.96 -6.42 -16.17
N GLU G 190 -13.54 -7.69 -16.08
CA GLU G 190 -12.17 -8.06 -16.38
C GLU G 190 -11.73 -7.60 -17.77
N ASN G 191 -12.65 -7.51 -18.74
CA ASN G 191 -12.29 -7.23 -20.12
C ASN G 191 -12.89 -5.92 -20.63
N LEU G 192 -13.32 -5.04 -19.75
CA LEU G 192 -13.80 -3.72 -20.18
C LEU G 192 -12.79 -3.10 -21.14
N GLU G 193 -13.25 -2.68 -22.30
CA GLU G 193 -12.36 -2.16 -23.33
C GLU G 193 -12.41 -0.64 -23.37
N ILE G 194 -11.23 -0.03 -23.50
CA ILE G 194 -11.07 1.42 -23.53
C ILE G 194 -10.71 1.82 -24.96
N VAL G 195 -11.65 2.47 -25.65
CA VAL G 195 -11.40 2.96 -27.00
C VAL G 195 -10.23 3.94 -27.02
N SER H 13 31.49 23.04 -22.76
CA SER H 13 32.42 21.92 -22.78
C SER H 13 32.81 21.60 -24.23
N LEU H 14 31.84 21.10 -25.00
CA LEU H 14 31.98 20.89 -26.44
C LEU H 14 30.74 21.43 -27.13
N SER H 15 30.87 21.71 -28.43
CA SER H 15 29.75 22.35 -29.13
C SER H 15 28.59 21.37 -29.32
N VAL H 16 27.39 21.82 -29.01
CA VAL H 16 26.18 21.03 -29.13
C VAL H 16 26.10 20.28 -30.46
N ILE H 17 26.06 18.95 -30.39
CA ILE H 17 25.78 18.12 -31.54
C ILE H 17 24.27 17.99 -31.67
N PHE H 18 23.71 18.51 -32.75
CA PHE H 18 22.28 18.42 -32.96
C PHE H 18 21.98 17.18 -33.77
N VAL H 19 20.89 16.51 -33.44
CA VAL H 19 20.59 15.23 -34.06
C VAL H 19 20.17 15.49 -35.50
N LYS H 20 20.73 14.72 -36.43
CA LYS H 20 20.53 14.91 -37.86
C LYS H 20 20.18 13.56 -38.50
N PRO H 21 19.07 13.47 -39.23
CA PRO H 21 18.06 14.53 -39.33
C PRO H 21 17.30 14.68 -38.03
N PRO H 22 16.40 15.65 -37.95
CA PRO H 22 15.56 15.77 -36.75
C PRO H 22 14.63 14.57 -36.58
N PHE H 23 14.30 14.28 -35.33
CA PHE H 23 13.24 13.32 -35.07
C PHE H 23 11.91 13.88 -35.59
N GLN H 24 10.99 12.98 -35.92
CA GLN H 24 9.73 13.35 -36.53
C GLN H 24 8.56 12.84 -35.71
N LEU H 25 7.61 13.72 -35.44
CA LEU H 25 6.30 13.32 -34.95
C LEU H 25 5.47 12.90 -36.16
N LYS H 26 5.43 11.61 -36.46
CA LYS H 26 4.81 11.17 -37.70
C LYS H 26 3.32 11.50 -37.70
N LYS H 27 2.59 11.01 -38.72
CA LYS H 27 1.22 11.47 -38.92
C LYS H 27 0.27 10.87 -37.88
N LYS H 28 0.43 9.58 -37.57
CA LYS H 28 -0.44 8.88 -36.64
C LYS H 28 -0.48 9.51 -35.25
N PHE H 29 0.34 10.53 -34.97
CA PHE H 29 0.43 11.14 -33.64
C PHE H 29 -0.04 12.59 -33.62
N GLN H 30 -0.77 13.03 -34.64
CA GLN H 30 -1.09 14.45 -34.77
C GLN H 30 -2.50 14.81 -34.31
N LYS H 31 -3.40 13.84 -34.17
CA LYS H 31 -4.76 14.16 -33.74
C LYS H 31 -4.82 14.51 -32.26
N ASP H 32 -3.96 13.89 -31.44
CA ASP H 32 -3.96 14.05 -30.00
C ASP H 32 -2.78 14.94 -29.59
N PRO H 33 -3.00 16.10 -28.98
CA PRO H 33 -1.85 16.92 -28.53
C PRO H 33 -0.98 16.24 -27.51
N PHE H 34 -1.47 15.14 -26.91
CA PHE H 34 -0.70 14.42 -25.90
C PHE H 34 0.58 13.84 -26.49
N TYR H 35 0.50 13.30 -27.71
CA TYR H 35 1.67 12.71 -28.35
C TYR H 35 2.76 13.75 -28.57
N GLU H 36 2.41 14.94 -29.06
CA GLU H 36 3.42 15.99 -29.21
C GLU H 36 4.11 16.24 -27.88
N ILE H 37 3.33 16.34 -26.80
CA ILE H 37 3.93 16.59 -25.50
C ILE H 37 4.78 15.41 -25.06
N GLU H 38 4.30 14.18 -25.31
CA GLU H 38 5.00 12.99 -24.85
C GLU H 38 6.28 12.74 -25.64
N MET H 39 6.24 13.01 -26.96
CA MET H 39 7.43 12.90 -27.79
C MET H 39 8.55 13.78 -27.25
N ARG H 40 8.24 15.04 -26.93
CA ARG H 40 9.27 15.93 -26.40
C ARG H 40 9.78 15.44 -25.04
N LYS H 41 8.86 15.03 -24.15
CA LYS H 41 9.27 14.57 -22.82
C LYS H 41 10.23 13.40 -22.93
N GLN H 42 9.91 12.43 -23.78
CA GLN H 42 10.76 11.25 -23.91
C GLN H 42 12.07 11.59 -24.61
N LEU H 43 12.01 12.35 -25.70
CA LEU H 43 13.24 12.80 -26.34
C LEU H 43 14.13 13.49 -25.32
N GLN H 44 13.57 14.43 -24.56
CA GLN H 44 14.37 15.09 -23.54
C GLN H 44 15.02 14.08 -22.60
N MET H 45 14.28 13.04 -22.18
CA MET H 45 14.90 12.05 -21.29
C MET H 45 16.08 11.37 -21.96
N GLN H 46 15.93 10.97 -23.23
CA GLN H 46 17.08 10.42 -23.93
C GLN H 46 18.23 11.40 -23.96
N GLN H 47 17.94 12.67 -24.25
CA GLN H 47 18.98 13.67 -24.23
C GLN H 47 19.73 13.64 -22.90
N ASP H 48 19.00 13.74 -21.78
CA ASP H 48 19.60 13.75 -20.46
C ASP H 48 20.44 12.49 -20.21
N GLY H 49 19.93 11.33 -20.60
CA GLY H 49 20.73 10.12 -20.46
C GLY H 49 22.07 10.23 -21.15
N ILE H 50 22.08 10.75 -22.39
CA ILE H 50 23.33 10.82 -23.12
C ILE H 50 24.25 11.85 -22.50
N ASN H 51 23.70 13.02 -22.16
CA ASN H 51 24.51 14.09 -21.62
C ASN H 51 25.13 13.75 -20.27
N ASN H 52 24.60 12.74 -19.56
CA ASN H 52 25.15 12.34 -18.28
C ASN H 52 26.41 11.49 -18.42
N MET H 53 26.64 10.88 -19.58
CA MET H 53 27.84 10.09 -19.80
C MET H 53 28.96 10.97 -20.34
N THR H 54 30.19 10.58 -20.07
CA THR H 54 31.31 11.31 -20.63
C THR H 54 31.55 10.87 -22.06
N ILE H 55 32.28 11.70 -22.81
CA ILE H 55 32.58 11.36 -24.19
C ILE H 55 33.19 9.97 -24.27
N PHE H 56 34.12 9.66 -23.38
CA PHE H 56 34.75 8.35 -23.44
C PHE H 56 33.75 7.25 -23.13
N GLU H 57 32.90 7.47 -22.13
CA GLU H 57 31.87 6.48 -21.79
C GLU H 57 30.92 6.24 -22.95
N TRP H 58 30.39 7.31 -23.55
CA TRP H 58 29.41 7.13 -24.61
C TRP H 58 29.99 6.39 -25.80
N LEU H 59 31.21 6.71 -26.20
CA LEU H 59 31.83 5.99 -27.31
C LEU H 59 32.03 4.52 -26.96
N LYS H 60 32.37 4.21 -25.70
CA LYS H 60 32.56 2.82 -25.32
C LYS H 60 31.25 2.04 -25.39
N ASN H 61 30.15 2.66 -24.94
CA ASN H 61 28.87 1.95 -24.94
C ASN H 61 28.40 1.63 -26.37
N ARG H 62 28.68 2.51 -27.33
CA ARG H 62 28.33 2.22 -28.72
C ARG H 62 29.27 1.18 -29.31
N GLU H 63 30.56 1.30 -29.02
CA GLU H 63 31.52 0.27 -29.42
C GLU H 63 31.11 -1.09 -28.87
N ASN H 64 31.02 -1.22 -27.53
CA ASN H 64 30.57 -2.47 -26.92
C ASN H 64 29.27 -2.96 -27.54
N PHE H 65 28.35 -2.05 -27.84
CA PHE H 65 27.07 -2.44 -28.42
C PHE H 65 27.24 -3.01 -29.81
N LYS H 66 28.07 -2.37 -30.64
CA LYS H 66 28.37 -2.91 -31.95
C LYS H 66 29.02 -4.28 -31.85
N LYS H 67 29.98 -4.44 -30.93
CA LYS H 67 30.74 -5.68 -30.85
C LYS H 67 29.95 -6.81 -30.22
N TYR H 68 29.21 -6.56 -29.14
CA TYR H 68 28.58 -7.64 -28.38
C TYR H 68 27.06 -7.69 -28.50
N GLY H 69 26.42 -6.63 -28.97
CA GLY H 69 24.98 -6.67 -29.16
C GLY H 69 24.20 -6.39 -27.89
N ARG H 70 22.88 -6.36 -28.05
CA ARG H 70 21.98 -5.95 -26.98
C ARG H 70 22.36 -6.61 -25.66
N ASN H 71 22.54 -5.78 -24.65
CA ASN H 71 22.65 -6.28 -23.29
C ASN H 71 21.40 -7.10 -22.98
N PRO H 72 21.53 -8.40 -22.71
CA PRO H 72 20.33 -9.19 -22.41
C PRO H 72 19.72 -8.85 -21.05
N LYS H 73 20.53 -8.44 -20.07
CA LYS H 73 19.96 -7.99 -18.80
C LYS H 73 18.92 -6.91 -19.00
N SER H 74 19.16 -6.02 -19.97
CA SER H 74 18.30 -4.84 -20.14
C SER H 74 16.83 -5.21 -20.27
N LYS H 75 16.53 -6.31 -20.97
CA LYS H 75 15.12 -6.70 -21.12
C LYS H 75 14.51 -7.06 -19.78
N LYS H 76 15.20 -7.89 -18.99
CA LYS H 76 14.64 -8.32 -17.70
C LYS H 76 14.55 -7.14 -16.74
N ILE H 77 15.63 -6.36 -16.64
CA ILE H 77 15.57 -5.15 -15.82
C ILE H 77 14.32 -4.35 -16.16
N GLN H 78 13.97 -4.29 -17.44
CA GLN H 78 12.77 -3.55 -17.83
C GLN H 78 11.51 -4.28 -17.40
N GLU H 79 11.41 -5.58 -17.67
CA GLU H 79 10.25 -6.34 -17.22
C GLU H 79 10.07 -6.22 -15.71
N ASP H 80 11.17 -6.29 -14.96
CA ASP H 80 11.07 -6.20 -13.50
C ASP H 80 10.48 -4.86 -13.09
N PHE H 81 11.01 -3.76 -13.64
CA PHE H 81 10.50 -2.45 -13.27
C PHE H 81 9.05 -2.27 -13.71
N ARG H 82 8.70 -2.81 -14.87
CA ARG H 82 7.30 -2.77 -15.28
C ARG H 82 6.42 -3.47 -14.25
N ASP H 83 6.84 -4.65 -13.79
CA ASP H 83 6.01 -5.41 -12.88
C ASP H 83 5.88 -4.69 -11.54
N ARG H 84 7.00 -4.20 -10.98
CA ARG H 84 6.92 -3.36 -9.79
C ARG H 84 5.95 -2.19 -9.99
N TYR H 85 6.09 -1.48 -11.10
CA TYR H 85 5.18 -0.37 -11.40
C TYR H 85 3.73 -0.81 -11.32
N ARG H 86 3.42 -1.97 -11.90
CA ARG H 86 2.04 -2.47 -11.86
C ARG H 86 1.56 -2.65 -10.42
N ASN H 87 2.43 -3.14 -9.53
CA ASN H 87 2.03 -3.33 -8.14
C ASN H 87 1.93 -1.99 -7.43
N ALA H 88 2.84 -1.06 -7.72
CA ALA H 88 2.78 0.25 -7.09
C ALA H 88 1.48 0.98 -7.43
N LYS H 89 1.01 0.85 -8.66
CA LYS H 89 -0.24 1.53 -9.02
C LYS H 89 -1.44 0.91 -8.32
N ILE H 90 -1.46 -0.41 -8.16
CA ILE H 90 -2.55 -1.05 -7.43
C ILE H 90 -2.56 -0.55 -5.99
N ASP H 91 -1.45 -0.75 -5.29
CA ASP H 91 -1.29 -0.14 -3.98
C ASP H 91 -1.82 1.29 -3.96
N GLU H 92 -1.35 2.14 -4.88
CA GLU H 92 -1.83 3.51 -4.94
C GLU H 92 -3.35 3.57 -5.03
N TYR H 93 -3.95 2.74 -5.88
CA TYR H 93 -5.38 2.85 -6.10
C TYR H 93 -6.18 2.27 -4.94
N LEU H 94 -5.69 1.20 -4.32
CA LEU H 94 -6.36 0.64 -3.16
C LEU H 94 -6.68 1.73 -2.14
N LEU H 95 -5.68 2.54 -1.81
CA LEU H 95 -5.86 3.61 -0.84
C LEU H 95 -6.62 4.80 -1.41
N LEU H 96 -6.47 5.10 -2.71
CA LEU H 96 -7.05 6.31 -3.27
C LEU H 96 -8.56 6.17 -3.47
N TYR H 97 -9.00 5.14 -4.16
CA TYR H 97 -10.42 4.90 -4.37
C TYR H 97 -10.76 3.68 -3.53
N GLU H 98 -11.41 3.92 -2.40
CA GLU H 98 -11.84 2.79 -1.58
C GLU H 98 -13.25 2.37 -1.97
N ASP H 99 -13.68 1.24 -1.38
CA ASP H 99 -14.92 0.57 -1.76
C ASP H 99 -14.88 0.24 -3.26
N MET H 100 -13.75 -0.32 -3.67
CA MET H 100 -13.52 -0.75 -5.05
C MET H 100 -12.91 -2.13 -4.98
N ASP H 101 -13.53 -3.11 -5.65
CA ASP H 101 -12.99 -4.46 -5.67
C ASP H 101 -11.55 -4.44 -6.15
N ILE H 102 -10.71 -5.28 -5.54
CA ILE H 102 -9.35 -5.39 -6.03
C ILE H 102 -9.37 -5.78 -7.50
N LYS H 103 -10.37 -6.55 -7.90
CA LYS H 103 -10.40 -7.05 -9.27
C LYS H 103 -10.66 -5.93 -10.27
N ALA H 104 -11.43 -4.91 -9.89
CA ALA H 104 -11.59 -3.74 -10.75
C ALA H 104 -10.29 -2.94 -10.84
N ILE H 105 -9.66 -2.66 -9.70
CA ILE H 105 -8.38 -1.95 -9.70
C ILE H 105 -7.40 -2.60 -10.66
N GLU H 106 -7.25 -3.94 -10.60
CA GLU H 106 -6.37 -4.63 -11.54
C GLU H 106 -6.78 -4.37 -12.98
N ALA H 107 -8.07 -4.48 -13.28
CA ALA H 107 -8.53 -4.19 -14.63
C ALA H 107 -8.08 -2.79 -15.04
N MET H 108 -8.32 -1.80 -14.18
CA MET H 108 -7.91 -0.44 -14.50
C MET H 108 -6.40 -0.35 -14.67
N VAL H 109 -5.65 -0.88 -13.71
CA VAL H 109 -4.20 -0.76 -13.77
C VAL H 109 -3.66 -1.45 -15.03
N ASP H 110 -4.27 -2.58 -15.42
CA ASP H 110 -3.79 -3.29 -16.60
C ASP H 110 -4.06 -2.49 -17.87
N SER H 111 -5.24 -1.87 -17.95
CA SER H 111 -5.55 -1.05 -19.11
C SER H 111 -4.59 0.13 -19.23
N GLU H 112 -4.20 0.71 -18.10
CA GLU H 112 -3.23 1.81 -18.14
C GLU H 112 -1.87 1.33 -18.63
N LEU H 113 -1.49 0.11 -18.26
CA LEU H 113 -0.20 -0.44 -18.65
C LEU H 113 -0.21 -1.04 -20.05
N GLU H 114 -1.39 -1.19 -20.66
CA GLU H 114 -1.46 -1.65 -22.04
C GLU H 114 -0.52 -0.81 -22.91
N GLY H 115 -0.59 0.51 -22.78
CA GLY H 115 0.18 1.39 -23.64
C GLY H 115 1.40 2.03 -23.03
N LEU H 116 1.97 1.42 -21.99
CA LEU H 116 3.11 1.97 -21.27
C LEU H 116 4.31 1.05 -21.41
N ALA H 117 5.49 1.64 -21.46
CA ALA H 117 6.73 0.89 -21.58
C ALA H 117 7.76 1.44 -20.60
N ALA H 118 8.54 0.54 -20.02
CA ALA H 118 9.66 0.95 -19.17
C ALA H 118 10.73 1.60 -20.04
N LEU H 119 11.04 2.86 -19.77
CA LEU H 119 11.90 3.62 -20.66
C LEU H 119 13.38 3.35 -20.34
N ALA H 120 14.12 2.88 -21.36
CA ALA H 120 15.58 2.89 -21.33
C ALA H 120 16.04 4.23 -21.86
N ASN H 121 16.53 5.09 -20.98
CA ASN H 121 16.94 6.42 -21.39
C ASN H 121 18.46 6.53 -21.29
N PRO H 122 19.19 6.49 -22.41
CA PRO H 122 18.73 6.48 -23.80
C PRO H 122 18.68 5.10 -24.44
N ALA H 123 18.12 5.02 -25.65
CA ALA H 123 18.09 3.75 -26.37
C ALA H 123 19.46 3.09 -26.36
N GLN H 124 19.46 1.76 -26.43
CA GLN H 124 20.72 1.04 -26.36
C GLN H 124 21.63 1.44 -27.51
N ILE H 125 21.07 1.48 -28.73
CA ILE H 125 21.85 1.87 -29.90
C ILE H 125 22.40 3.28 -29.76
N ALA H 126 21.73 4.14 -28.98
CA ALA H 126 22.18 5.51 -28.74
C ALA H 126 23.05 5.64 -27.49
N GLY H 127 23.66 4.54 -27.03
CA GLY H 127 24.58 4.58 -25.92
C GLY H 127 24.06 4.01 -24.61
N GLY H 128 22.74 3.88 -24.45
CA GLY H 128 22.18 3.41 -23.20
C GLY H 128 22.44 1.94 -22.91
N TYR H 129 23.72 1.55 -22.98
CA TYR H 129 24.09 0.14 -22.87
C TYR H 129 23.62 -0.48 -21.56
N VAL H 130 23.64 0.28 -20.48
CA VAL H 130 23.41 -0.29 -19.16
C VAL H 130 22.63 0.68 -18.30
N ASP H 131 21.73 1.44 -18.92
CA ASP H 131 21.04 2.48 -18.17
C ASP H 131 19.98 1.87 -17.26
N VAL H 132 19.76 2.55 -16.14
CA VAL H 132 18.93 2.02 -15.06
C VAL H 132 17.50 2.51 -15.27
N VAL H 133 16.54 1.58 -15.20
CA VAL H 133 15.15 1.86 -15.55
C VAL H 133 14.43 2.45 -14.34
N THR H 134 13.86 3.66 -14.52
CA THR H 134 13.15 4.32 -13.43
C THR H 134 11.94 5.14 -13.87
N GLN H 135 11.53 5.12 -15.13
CA GLN H 135 10.34 5.87 -15.52
C GLN H 135 9.61 5.13 -16.63
N MET H 136 8.29 5.25 -16.62
CA MET H 136 7.41 4.69 -17.62
C MET H 136 7.18 5.72 -18.72
N GLY H 137 6.77 5.24 -19.90
CA GLY H 137 6.44 6.14 -20.99
C GLY H 137 5.45 5.49 -21.93
N ASN H 138 4.89 6.31 -22.83
CA ASN H 138 3.97 5.78 -23.83
C ASN H 138 4.70 4.79 -24.75
N LYS H 139 4.20 3.54 -24.78
CA LYS H 139 4.92 2.49 -25.49
C LYS H 139 5.17 2.86 -26.95
N ARG H 140 4.14 3.38 -27.62
CA ARG H 140 4.25 3.64 -29.06
C ARG H 140 5.28 4.73 -29.36
N ILE H 141 5.18 5.86 -28.65
CA ILE H 141 6.16 6.94 -28.78
C ILE H 141 7.58 6.41 -28.59
N ASN H 142 7.79 5.63 -27.54
CA ASN H 142 9.13 5.14 -27.22
C ASN H 142 9.67 4.24 -28.32
N SER H 143 8.82 3.40 -28.91
CA SER H 143 9.29 2.52 -29.97
C SER H 143 9.49 3.25 -31.29
N SER H 144 8.74 4.33 -31.54
CA SER H 144 9.03 5.20 -32.67
C SER H 144 10.41 5.84 -32.52
N ILE H 145 10.64 6.54 -31.40
CA ILE H 145 11.95 7.09 -31.11
C ILE H 145 13.05 6.04 -31.33
N GLY H 146 12.76 4.79 -30.96
CA GLY H 146 13.77 3.75 -31.07
C GLY H 146 14.09 3.38 -32.49
N SER H 147 13.07 3.30 -33.34
CA SER H 147 13.34 3.01 -34.74
C SER H 147 13.86 4.24 -35.47
N GLN H 148 13.52 5.44 -34.98
CA GLN H 148 14.08 6.65 -35.57
C GLN H 148 15.55 6.83 -35.20
N TRP H 149 16.02 6.15 -34.16
CA TRP H 149 17.45 6.14 -33.89
C TRP H 149 18.25 5.55 -35.05
N GLY H 150 17.59 4.89 -35.99
CA GLY H 150 18.31 4.27 -37.07
C GLY H 150 18.94 2.94 -36.67
N SER H 151 19.88 2.51 -37.50
CA SER H 151 20.57 1.24 -37.30
C SER H 151 22.05 1.51 -37.18
N ILE H 152 22.79 0.46 -36.80
CA ILE H 152 24.21 0.62 -36.54
C ILE H 152 24.95 1.22 -37.73
N GLU H 153 24.43 1.01 -38.93
CA GLU H 153 25.15 1.37 -40.14
C GLU H 153 24.63 2.65 -40.79
N LYS H 154 23.42 3.09 -40.45
CA LYS H 154 22.87 4.30 -41.04
C LYS H 154 21.71 4.80 -40.19
N GLY H 155 21.73 6.08 -39.82
CA GLY H 155 20.67 6.64 -39.00
C GLY H 155 21.18 7.78 -38.12
N ARG H 156 20.26 8.27 -37.28
CA ARG H 156 20.58 9.43 -36.43
C ARG H 156 21.65 9.09 -35.40
N SER H 157 21.56 7.91 -34.77
CA SER H 157 22.56 7.51 -33.79
C SER H 157 23.96 7.54 -34.40
N LEU H 158 24.12 7.01 -35.61
CA LEU H 158 25.41 7.05 -36.28
C LEU H 158 25.85 8.47 -36.60
N ASN H 159 24.92 9.33 -37.01
CA ASN H 159 25.26 10.73 -37.32
C ASN H 159 25.76 11.49 -36.09
N ILE H 160 25.39 11.06 -34.88
CA ILE H 160 25.95 11.67 -33.68
C ILE H 160 27.38 11.21 -33.48
N GLU H 161 27.59 9.89 -33.51
CA GLU H 161 28.94 9.36 -33.36
C GLU H 161 29.88 9.98 -34.37
N ASN H 162 29.42 10.15 -35.61
CA ASN H 162 30.27 10.72 -36.66
C ASN H 162 30.66 12.16 -36.32
N GLU H 163 29.68 13.00 -35.95
CA GLU H 163 30.02 14.36 -35.51
C GLU H 163 30.99 14.32 -34.34
N LEU H 164 30.65 13.58 -33.29
CA LEU H 164 31.51 13.55 -32.11
C LEU H 164 32.91 13.07 -32.46
N LEU H 165 33.04 12.16 -33.43
CA LEU H 165 34.37 11.70 -33.85
C LEU H 165 35.11 12.81 -34.61
N LYS H 166 34.40 13.64 -35.37
CA LYS H 166 35.07 14.76 -36.02
C LYS H 166 35.59 15.77 -34.99
N LEU H 167 34.78 16.06 -33.96
CA LEU H 167 35.21 17.02 -32.94
C LEU H 167 36.49 16.56 -32.24
N ILE H 168 36.55 15.29 -31.85
CA ILE H 168 37.71 14.90 -31.05
C ILE H 168 38.92 14.56 -31.89
N THR H 169 38.79 14.35 -33.20
CA THR H 169 39.96 14.14 -34.04
C THR H 169 40.45 15.39 -34.74
N ASP H 170 39.56 16.34 -35.04
CA ASP H 170 39.97 17.63 -35.58
C ASP H 170 41.04 18.21 -34.67
N PRO H 171 42.03 18.93 -35.21
CA PRO H 171 43.16 19.40 -34.40
C PRO H 171 42.72 20.48 -33.43
N PRO H 172 43.16 20.41 -32.16
CA PRO H 172 44.09 19.42 -31.63
C PRO H 172 43.37 18.23 -31.04
N PRO H 173 43.72 17.02 -31.49
CA PRO H 173 43.03 15.82 -31.01
C PRO H 173 42.83 15.84 -29.51
N ILE H 174 41.66 15.39 -29.08
CA ILE H 174 41.32 15.25 -27.66
C ILE H 174 41.74 13.85 -27.20
N THR H 175 42.63 13.79 -26.22
CA THR H 175 43.15 12.49 -25.80
C THR H 175 42.14 11.71 -24.98
N GLU H 176 42.42 10.41 -24.84
CA GLU H 176 41.58 9.50 -24.07
C GLU H 176 41.33 10.03 -22.67
N GLU H 177 42.41 10.24 -21.90
CA GLU H 177 42.26 10.76 -20.55
C GLU H 177 41.51 12.08 -20.55
N GLU H 178 41.63 12.84 -21.65
CA GLU H 178 40.88 14.07 -21.83
C GLU H 178 39.39 13.82 -22.05
N GLN H 179 39.04 12.69 -22.68
CA GLN H 179 37.65 12.38 -22.96
C GLN H 179 36.91 11.86 -21.75
N LYS H 180 37.59 11.16 -20.85
CA LYS H 180 36.92 10.68 -19.65
C LYS H 180 36.58 11.80 -18.69
N LYS H 181 36.74 13.05 -19.13
CA LYS H 181 36.51 14.22 -18.30
C LYS H 181 35.62 15.25 -18.98
N ILE H 182 35.03 14.92 -20.12
CA ILE H 182 34.13 15.82 -20.84
C ILE H 182 32.77 15.16 -20.97
N LYS H 183 31.71 15.93 -20.78
CA LYS H 183 30.37 15.37 -20.91
C LYS H 183 29.89 15.44 -22.36
N MET H 184 29.13 14.41 -22.76
CA MET H 184 28.34 14.47 -23.99
C MET H 184 27.48 15.73 -23.99
N ASN H 185 27.24 16.27 -25.19
CA ASN H 185 26.45 17.50 -25.25
C ASN H 185 25.66 17.47 -26.57
N VAL H 186 24.55 16.74 -26.58
CA VAL H 186 23.71 16.62 -27.76
C VAL H 186 22.38 17.29 -27.49
N ASN H 187 21.67 17.60 -28.56
CA ASN H 187 20.33 18.20 -28.48
C ASN H 187 19.42 17.41 -29.41
N LEU H 188 18.42 16.75 -28.84
CA LEU H 188 17.45 16.00 -29.63
C LEU H 188 16.09 16.67 -29.70
N VAL H 189 15.93 17.87 -29.14
CA VAL H 189 14.59 18.41 -28.93
C VAL H 189 14.37 19.74 -29.65
N GLU H 190 15.44 20.53 -29.83
CA GLU H 190 15.29 21.84 -30.49
C GLU H 190 14.50 21.72 -31.78
N ASN H 191 14.91 20.80 -32.66
CA ASN H 191 14.48 20.74 -34.04
C ASN H 191 13.33 19.79 -34.30
N LEU H 192 12.63 19.31 -33.27
CA LEU H 192 11.62 18.29 -33.49
C LEU H 192 10.68 18.69 -34.63
N GLU H 193 10.51 17.78 -35.58
CA GLU H 193 9.90 18.07 -36.87
C GLU H 193 8.50 17.49 -36.94
N ILE H 194 7.50 18.37 -37.03
CA ILE H 194 6.12 17.97 -37.32
C ILE H 194 5.97 17.88 -38.83
N VAL H 195 5.55 16.72 -39.32
CA VAL H 195 5.62 16.46 -40.75
C VAL H 195 4.68 17.37 -41.55
S SO4 I . 18.96 -16.30 16.79
O1 SO4 I . 19.42 -16.34 18.17
O2 SO4 I . 19.05 -14.94 16.23
O3 SO4 I . 19.82 -17.16 15.97
O4 SO4 I . 17.57 -16.74 16.75
S SO4 J . 6.29 -7.19 26.44
O1 SO4 J . 6.11 -8.10 27.56
O2 SO4 J . 7.05 -5.99 26.86
O3 SO4 J . 7.08 -7.89 25.42
O4 SO4 J . 4.96 -6.82 25.94
C1 EDO K . 22.17 -30.94 30.86
O1 EDO K . 20.93 -31.65 31.02
C2 EDO K . 21.91 -29.45 30.69
O2 EDO K . 21.38 -28.91 31.91
H11 EDO K . 22.78 -31.10 31.74
S SO4 L . 8.83 -34.62 2.73
O1 SO4 L . 8.72 -34.97 4.15
O2 SO4 L . 9.58 -33.37 2.53
O3 SO4 L . 9.54 -35.72 2.05
O4 SO4 L . 7.51 -34.48 2.13
S SO4 M . -25.41 -12.69 15.39
O1 SO4 M . -26.14 -12.42 16.62
O2 SO4 M . -24.03 -13.03 15.74
O3 SO4 M . -25.46 -11.49 14.53
O4 SO4 M . -26.02 -13.81 14.69
S SO4 N . -12.09 -23.71 9.46
O1 SO4 N . -10.64 -23.60 9.66
O2 SO4 N . -12.70 -22.39 9.49
O3 SO4 N . -12.67 -24.52 10.54
O4 SO4 N . -12.38 -24.34 8.16
S SO4 O . 13.18 -31.79 -13.42
O1 SO4 O . 13.30 -32.48 -12.14
O2 SO4 O . 13.24 -30.35 -13.20
O3 SO4 O . 14.31 -32.21 -14.27
O4 SO4 O . 11.91 -32.11 -14.07
S SO4 P . -12.67 26.40 -6.51
O1 SO4 P . -12.09 26.22 -5.18
O2 SO4 P . -13.01 27.80 -6.77
O3 SO4 P . -11.69 25.94 -7.50
O4 SO4 P . -13.88 25.57 -6.59
S SO4 Q . 3.59 33.84 -6.38
O1 SO4 Q . 3.60 34.03 -4.94
O2 SO4 Q . 4.07 35.04 -7.06
O3 SO4 Q . 4.46 32.72 -6.75
O4 SO4 Q . 2.22 33.55 -6.81
S SO4 R . 5.66 25.63 -7.79
O1 SO4 R . 6.40 25.25 -6.59
O2 SO4 R . 5.80 27.07 -8.02
O3 SO4 R . 6.22 24.94 -8.96
O4 SO4 R . 4.24 25.29 -7.60
S SO4 S . -16.88 17.92 27.92
O1 SO4 S . -16.05 18.45 28.99
O2 SO4 S . -17.37 19.02 27.10
O3 SO4 S . -16.09 16.99 27.14
O4 SO4 S . -18.04 17.19 28.45
S SO4 T . 34.71 11.47 0.02
O1 SO4 T . 35.56 11.15 1.18
O2 SO4 T . 34.68 12.93 -0.17
O3 SO4 T . 35.29 10.82 -1.16
O4 SO4 T . 33.36 10.97 0.24
S SO4 U . -33.42 -0.22 -16.18
O1 SO4 U . -33.63 -1.16 -15.06
O2 SO4 U . -33.36 1.15 -15.68
O3 SO4 U . -32.17 -0.56 -16.87
O4 SO4 U . -34.54 -0.35 -17.11
S SO4 V . -1.88 4.46 -27.02
O1 SO4 V . -3.03 4.67 -26.13
O2 SO4 V . -0.96 5.58 -26.89
O3 SO4 V . -1.22 3.20 -26.66
O4 SO4 V . -2.35 4.39 -28.40
S SO4 W . 2.12 -7.59 -19.42
O1 SO4 W . 2.77 -6.87 -18.32
O2 SO4 W . 1.62 -6.66 -20.44
O3 SO4 W . 3.13 -8.48 -20.01
O4 SO4 W . 0.99 -8.37 -18.92
S SO4 X . 16.20 -0.20 -26.30
O1 SO4 X . 16.56 -0.61 -24.94
O2 SO4 X . 15.39 1.02 -26.29
O3 SO4 X . 17.41 0.07 -27.09
O4 SO4 X . 15.45 -1.28 -26.93
#